data_3PGH
#
_entry.id   3PGH
#
_cell.length_a   179.500
_cell.length_b   133.800
_cell.length_c   117.100
_cell.angle_alpha   90.00
_cell.angle_beta   90.00
_cell.angle_gamma   90.00
#
_symmetry.space_group_name_H-M   'P 21 21 2'
#
loop_
_entity.id
_entity.type
_entity.pdbx_description
1 polymer CYCLOOXYGENASE-2
2 non-polymer 2-acetamido-2-deoxy-beta-D-glucopyranose
3 non-polymer 'PROTOPORPHYRIN IX CONTAINING FE'
4 non-polymer FLURBIPROFEN
#
_entity_poly.entity_id   1
_entity_poly.type   'polypeptide(L)'
_entity_poly.pdbx_seq_one_letter_code
;ANPCCSNPCQNRGECMSTGFDQYKCDCTRTGFYGENCTTPEFLTRIKLLLKPTPNTVHYILTHFKGVWNIVNNIPFLRSL
IMKYVLTSRSYLIDSPPTYNVHYGYKSWEAFSNLSYYTRALPPVADDCPTPMGVKGNKELPDSKEVLEKVLLRREFIPDP
QGSNMMFAFFAQHFTHQFFKTDHKRGPGFTRGLGHGVDLNHIYGETLDRQHKLRLFKDGKLKYQVIGGEVYPPTVKDTQV
EMIYPPHIPENLQFAVGQEVFGLVPGLMMYATIWLREHQRVCDILKQEHPEWGDEQLFQTSKLILIGETIKIVIEDYVQH
LSGYHFKLKFDPELLFNQQFQYQNRIASEFNTLYHWHPLLPDTFNIEDQEYSFKQFLYNNSILLEHGLTQFVESFTRQIA
GRVAGGRNVPIAVQAVAKASIDQSREMKYQSLNEYRKRFSLKPYTSFEELTGEKEMAAELKALYSDIDVMELYPALLVEK
PRPDAIFGETMVELGAPFSLKGLMGNPICSPQYWKPSTFGGEVGFKIINTASIQSLICNNVKGCPFTSFNVQDPQPTKTA
TINASASHSRLDDINPTVLIKRRSTEL
;
_entity_poly.pdbx_strand_id   A,B,C,D
#
# COMPACT_ATOMS: atom_id res chain seq x y z
N ALA A 1 14.62 -35.49 -48.20
CA ALA A 1 13.48 -35.77 -49.10
C ALA A 1 12.20 -35.05 -48.65
N ASN A 2 12.12 -34.69 -47.39
CA ASN A 2 10.94 -33.97 -46.94
C ASN A 2 10.85 -32.64 -47.68
N PRO A 3 9.78 -32.43 -48.46
CA PRO A 3 9.50 -31.23 -49.23
C PRO A 3 9.41 -29.96 -48.41
N CYS A 4 9.46 -30.09 -47.09
CA CYS A 4 9.43 -28.92 -46.25
C CYS A 4 10.85 -28.58 -45.76
N CYS A 5 11.81 -29.45 -46.10
CA CYS A 5 13.19 -29.23 -45.75
C CYS A 5 13.65 -27.82 -46.14
N SER A 6 13.20 -27.33 -47.28
CA SER A 6 13.57 -26.00 -47.75
C SER A 6 13.01 -24.89 -46.88
N ASN A 7 12.28 -25.24 -45.82
CA ASN A 7 11.66 -24.23 -44.93
C ASN A 7 10.94 -23.17 -45.76
N PRO A 8 10.06 -23.59 -46.69
CA PRO A 8 9.34 -22.67 -47.56
C PRO A 8 8.28 -21.73 -47.05
N CYS A 9 7.74 -21.98 -45.86
CA CYS A 9 6.67 -21.11 -45.38
C CYS A 9 7.08 -19.87 -44.63
N GLN A 10 6.75 -18.72 -45.20
CA GLN A 10 7.16 -17.48 -44.56
C GLN A 10 6.13 -16.93 -43.59
N ASN A 11 6.50 -15.82 -42.95
CA ASN A 11 5.63 -15.12 -42.03
C ASN A 11 4.93 -15.93 -40.96
N ARG A 12 5.56 -17.04 -40.60
CA ARG A 12 5.09 -17.93 -39.56
C ARG A 12 4.10 -19.01 -40.01
N GLY A 13 3.81 -19.05 -41.30
CA GLY A 13 2.91 -20.08 -41.77
C GLY A 13 3.59 -21.40 -41.50
N GLU A 14 2.80 -22.47 -41.38
CA GLU A 14 3.32 -23.81 -41.11
C GLU A 14 3.41 -24.65 -42.37
N CYS A 15 4.48 -25.41 -42.51
CA CYS A 15 4.66 -26.25 -43.69
C CYS A 15 4.15 -27.63 -43.44
N MET A 16 3.29 -28.08 -44.34
CA MET A 16 2.76 -29.39 -44.22
C MET A 16 3.06 -29.99 -45.53
N SER A 17 3.54 -31.22 -45.52
CA SER A 17 3.85 -31.99 -46.70
C SER A 17 2.56 -32.65 -47.15
N THR A 18 2.21 -32.47 -48.42
CA THR A 18 1.01 -33.06 -48.99
C THR A 18 1.37 -33.97 -50.15
N GLY A 19 2.37 -34.84 -50.01
CA GLY A 19 2.70 -35.68 -51.14
C GLY A 19 3.95 -36.53 -51.14
N PHE A 20 5.12 -35.93 -51.03
CA PHE A 20 6.37 -36.70 -51.06
C PHE A 20 7.40 -35.70 -51.48
N ASP A 21 7.02 -34.96 -52.52
CA ASP A 21 7.85 -33.92 -53.12
C ASP A 21 6.98 -32.72 -53.32
N GLN A 22 5.93 -32.65 -52.50
CA GLN A 22 4.98 -31.56 -52.57
C GLN A 22 4.71 -31.14 -51.14
N TYR A 23 4.38 -29.87 -50.93
CA TYR A 23 4.11 -29.36 -49.58
C TYR A 23 2.95 -28.38 -49.62
N LYS A 24 2.69 -27.71 -48.50
CA LYS A 24 1.61 -26.74 -48.41
C LYS A 24 1.84 -25.88 -47.20
N CYS A 25 1.50 -24.59 -47.28
CA CYS A 25 1.65 -23.67 -46.15
C CYS A 25 0.37 -23.25 -45.48
N ASP A 26 0.28 -23.49 -44.20
CA ASP A 26 -0.88 -23.10 -43.44
C ASP A 26 -0.64 -21.68 -42.97
N CYS A 27 -1.04 -20.75 -43.81
CA CYS A 27 -0.92 -19.32 -43.53
C CYS A 27 -2.01 -18.82 -42.60
N THR A 28 -2.56 -19.67 -41.76
CA THR A 28 -3.61 -19.21 -40.88
C THR A 28 -3.21 -18.12 -39.91
N ARG A 29 -3.97 -17.02 -39.92
CA ARG A 29 -3.70 -15.88 -39.05
C ARG A 29 -2.31 -15.25 -39.25
N THR A 30 -1.55 -15.65 -40.28
CA THR A 30 -0.22 -15.08 -40.45
C THR A 30 -0.29 -13.64 -40.90
N GLY A 31 -1.42 -13.27 -41.49
CA GLY A 31 -1.60 -11.92 -42.02
C GLY A 31 -1.11 -11.86 -43.46
N PHE A 32 -0.77 -13.02 -44.03
CA PHE A 32 -0.27 -13.12 -45.38
C PHE A 32 -0.90 -14.32 -46.02
N TYR A 33 -1.07 -14.24 -47.33
CA TYR A 33 -1.62 -15.34 -48.10
C TYR A 33 -0.61 -15.68 -49.16
N GLY A 34 -1.00 -16.46 -50.15
CA GLY A 34 -0.07 -16.83 -51.20
C GLY A 34 0.66 -18.11 -50.87
N GLU A 35 1.26 -18.76 -51.87
CA GLU A 35 1.95 -20.04 -51.68
C GLU A 35 2.83 -20.21 -50.44
N ASN A 36 3.54 -19.16 -50.04
CA ASN A 36 4.42 -19.26 -48.89
C ASN A 36 4.11 -18.20 -47.84
N CYS A 37 2.86 -17.84 -47.69
CA CYS A 37 2.45 -16.84 -46.70
C CYS A 37 3.23 -15.61 -46.88
N THR A 38 3.48 -15.29 -48.14
CA THR A 38 4.23 -14.10 -48.48
C THR A 38 3.40 -12.88 -48.86
N THR A 39 2.39 -13.05 -49.72
CA THR A 39 1.63 -11.86 -50.09
C THR A 39 0.79 -11.33 -48.95
N PRO A 40 1.19 -10.19 -48.38
CA PRO A 40 0.50 -9.56 -47.26
C PRO A 40 -0.90 -9.18 -47.56
N GLU A 41 -1.71 -9.16 -46.51
CA GLU A 41 -3.09 -8.74 -46.65
C GLU A 41 -2.95 -7.24 -46.53
N PHE A 42 -3.91 -6.49 -47.07
CA PHE A 42 -3.82 -5.04 -47.03
C PHE A 42 -3.47 -4.46 -45.67
N LEU A 43 -4.22 -4.85 -44.65
CA LEU A 43 -3.94 -4.31 -43.33
C LEU A 43 -2.51 -4.57 -42.90
N THR A 44 -1.97 -5.73 -43.28
CA THR A 44 -0.60 -6.09 -42.93
C THR A 44 0.28 -4.98 -43.48
N ARG A 45 0.05 -4.65 -44.76
CA ARG A 45 0.79 -3.60 -45.46
C ARG A 45 0.91 -2.35 -44.57
N ILE A 46 -0.22 -1.90 -44.07
CA ILE A 46 -0.27 -0.74 -43.20
C ILE A 46 0.64 -0.88 -42.01
N LYS A 47 0.41 -1.93 -41.22
CA LYS A 47 1.22 -2.18 -40.05
C LYS A 47 2.69 -2.19 -40.38
N LEU A 48 3.08 -2.97 -41.39
CA LEU A 48 4.48 -3.06 -41.82
C LEU A 48 5.12 -1.70 -42.11
N LEU A 49 4.43 -0.91 -42.93
CA LEU A 49 4.89 0.44 -43.28
C LEU A 49 4.49 1.39 -42.17
N LEU A 50 4.98 1.14 -40.96
CA LEU A 50 4.64 1.98 -39.84
C LEU A 50 5.31 1.46 -38.55
N LYS A 51 5.84 0.25 -38.64
CA LYS A 51 6.52 -0.36 -37.51
C LYS A 51 8.03 -0.14 -37.64
N PRO A 52 8.60 0.62 -36.70
CA PRO A 52 10.03 0.88 -36.74
C PRO A 52 10.81 -0.41 -36.66
N THR A 53 12.14 -0.32 -36.77
CA THR A 53 12.99 -1.49 -36.67
C THR A 53 13.62 -1.56 -35.29
N PRO A 54 13.94 -2.76 -34.83
CA PRO A 54 14.55 -2.98 -33.52
C PRO A 54 15.66 -2.00 -33.20
N ASN A 55 16.29 -1.49 -34.23
CA ASN A 55 17.38 -0.57 -33.98
C ASN A 55 16.90 0.83 -33.83
N THR A 56 15.87 1.22 -34.58
CA THR A 56 15.39 2.58 -34.43
C THR A 56 14.67 2.64 -33.12
N VAL A 57 13.94 1.56 -32.83
CA VAL A 57 13.21 1.45 -31.57
C VAL A 57 14.30 1.52 -30.48
N HIS A 58 15.29 0.64 -30.57
CA HIS A 58 16.37 0.66 -29.59
C HIS A 58 16.98 2.04 -29.45
N TYR A 59 17.11 2.75 -30.56
CA TYR A 59 17.71 4.06 -30.51
C TYR A 59 16.93 4.98 -29.58
N ILE A 60 15.64 5.15 -29.87
CA ILE A 60 14.82 6.02 -29.05
C ILE A 60 14.94 5.63 -27.59
N LEU A 61 14.83 4.34 -27.30
CA LEU A 61 14.91 3.84 -25.91
C LEU A 61 16.27 4.14 -25.27
N THR A 62 17.29 4.25 -26.09
CA THR A 62 18.63 4.50 -25.66
C THR A 62 19.00 5.97 -25.59
N HIS A 63 18.31 6.81 -26.35
CA HIS A 63 18.62 8.23 -26.32
C HIS A 63 17.49 9.02 -25.67
N PHE A 64 17.54 10.34 -25.84
CA PHE A 64 16.51 11.22 -25.30
C PHE A 64 16.28 11.10 -23.78
N LYS A 65 17.33 10.81 -23.03
CA LYS A 65 17.22 10.63 -21.56
C LYS A 65 16.27 11.60 -20.89
N GLY A 66 16.36 12.87 -21.26
CA GLY A 66 15.49 13.88 -20.68
C GLY A 66 14.02 13.56 -20.91
N VAL A 67 13.69 13.27 -22.17
CA VAL A 67 12.31 12.96 -22.51
C VAL A 67 11.88 11.79 -21.63
N TRP A 68 12.71 10.77 -21.59
CA TRP A 68 12.40 9.61 -20.77
C TRP A 68 12.20 9.95 -19.31
N ASN A 69 12.98 10.87 -18.78
CA ASN A 69 12.83 11.23 -17.39
C ASN A 69 11.48 11.88 -17.15
N ILE A 70 10.87 12.38 -18.20
CA ILE A 70 9.56 12.98 -18.03
C ILE A 70 8.58 11.82 -18.09
N VAL A 71 8.75 10.97 -19.11
CA VAL A 71 7.90 9.81 -19.32
C VAL A 71 7.84 8.90 -18.10
N ASN A 72 8.99 8.70 -17.47
CA ASN A 72 9.12 7.84 -16.29
C ASN A 72 8.44 8.38 -15.04
N ASN A 73 8.00 9.65 -15.08
CA ASN A 73 7.34 10.27 -13.94
C ASN A 73 5.85 10.49 -14.13
N ILE A 74 5.35 10.09 -15.29
CA ILE A 74 3.93 10.19 -15.62
C ILE A 74 3.45 8.75 -15.67
N PRO A 75 3.05 8.21 -14.52
CA PRO A 75 2.54 6.87 -14.30
C PRO A 75 1.73 6.26 -15.45
N PHE A 76 0.76 7.00 -15.95
CA PHE A 76 -0.12 6.52 -17.01
C PHE A 76 0.73 6.08 -18.18
N LEU A 77 1.55 7.01 -18.65
CA LEU A 77 2.41 6.77 -19.76
C LEU A 77 3.30 5.57 -19.50
N ARG A 78 3.91 5.52 -18.32
CA ARG A 78 4.84 4.44 -17.98
C ARG A 78 4.17 3.09 -18.05
N SER A 79 2.98 3.01 -17.48
CA SER A 79 2.18 1.80 -17.51
C SER A 79 1.78 1.54 -18.99
N LEU A 80 1.49 2.63 -19.70
CA LEU A 80 1.11 2.58 -21.09
C LEU A 80 2.27 1.95 -21.87
N ILE A 81 3.50 2.41 -21.63
CA ILE A 81 4.64 1.86 -22.37
C ILE A 81 4.95 0.41 -21.96
N MET A 82 5.10 0.18 -20.65
CA MET A 82 5.43 -1.14 -20.15
C MET A 82 4.42 -2.17 -20.62
N LYS A 83 3.15 -1.79 -20.58
CA LYS A 83 2.06 -2.66 -20.98
C LYS A 83 2.29 -3.11 -22.42
N TYR A 84 2.65 -2.16 -23.27
CA TYR A 84 2.94 -2.47 -24.65
C TYR A 84 4.17 -3.34 -24.82
N VAL A 85 5.30 -2.96 -24.21
CA VAL A 85 6.47 -3.82 -24.37
C VAL A 85 6.12 -5.23 -23.93
N LEU A 86 5.38 -5.30 -22.82
CA LEU A 86 4.91 -6.56 -22.23
C LEU A 86 4.04 -7.39 -23.16
N THR A 87 3.08 -6.74 -23.84
CA THR A 87 2.19 -7.45 -24.75
C THR A 87 2.84 -7.80 -26.10
N SER A 88 3.48 -6.81 -26.72
CA SER A 88 4.13 -7.02 -28.04
C SER A 88 5.26 -8.06 -27.99
N ARG A 89 5.99 -8.05 -26.89
CA ARG A 89 7.08 -8.99 -26.73
C ARG A 89 6.48 -10.37 -26.68
N SER A 90 5.55 -10.53 -25.73
CA SER A 90 4.88 -11.79 -25.50
C SER A 90 4.22 -12.43 -26.72
N TYR A 91 3.62 -11.62 -27.62
CA TYR A 91 2.94 -12.19 -28.78
C TYR A 91 3.88 -12.94 -29.72
N LEU A 92 5.16 -12.95 -29.38
CA LEU A 92 6.14 -13.65 -30.19
C LEU A 92 6.38 -15.06 -29.75
N ILE A 93 5.75 -15.48 -28.65
CA ILE A 93 5.92 -16.82 -28.08
C ILE A 93 4.66 -17.69 -28.10
N ASP A 94 4.78 -18.86 -28.72
CA ASP A 94 3.68 -19.83 -28.82
C ASP A 94 3.25 -20.30 -27.44
N SER A 95 2.06 -19.91 -26.99
CA SER A 95 1.56 -20.32 -25.68
C SER A 95 0.04 -20.57 -25.71
N PRO A 96 -0.38 -21.84 -25.61
CA PRO A 96 0.33 -23.11 -25.44
C PRO A 96 1.42 -23.46 -26.46
N PRO A 97 2.49 -24.13 -25.99
CA PRO A 97 3.68 -24.59 -26.68
C PRO A 97 3.43 -25.56 -27.81
N THR A 98 4.40 -25.61 -28.71
CA THR A 98 4.35 -26.43 -29.89
C THR A 98 5.78 -26.84 -30.18
N TYR A 99 5.98 -27.97 -30.85
CA TYR A 99 7.33 -28.44 -31.25
C TYR A 99 8.41 -28.63 -30.20
N ASN A 100 9.24 -29.62 -30.45
CA ASN A 100 10.35 -29.91 -29.59
C ASN A 100 11.32 -30.75 -30.39
N VAL A 101 12.44 -31.10 -29.79
CA VAL A 101 13.48 -31.85 -30.45
C VAL A 101 12.99 -32.99 -31.33
N HIS A 102 11.98 -33.68 -30.83
CA HIS A 102 11.41 -34.83 -31.51
C HIS A 102 10.21 -34.52 -32.42
N TYR A 103 9.64 -33.33 -32.28
CA TYR A 103 8.46 -33.03 -33.06
C TYR A 103 8.47 -31.76 -33.83
N GLY A 104 8.41 -31.91 -35.12
CA GLY A 104 8.41 -30.74 -35.97
C GLY A 104 7.00 -30.37 -36.29
N TYR A 105 6.09 -31.08 -35.64
CA TYR A 105 4.65 -30.93 -35.81
C TYR A 105 4.03 -30.94 -34.45
N LYS A 106 3.01 -30.11 -34.30
CA LYS A 106 2.30 -29.92 -33.05
C LYS A 106 2.21 -31.07 -32.01
N SER A 107 1.65 -32.21 -32.39
CA SER A 107 1.50 -33.39 -31.50
C SER A 107 1.18 -33.21 -30.01
N TRP A 108 0.36 -34.13 -29.48
CA TRP A 108 -0.04 -34.10 -28.06
C TRP A 108 1.14 -34.49 -27.17
N GLU A 109 2.05 -35.30 -27.70
CA GLU A 109 3.23 -35.73 -26.97
C GLU A 109 4.09 -34.51 -26.75
N ALA A 110 4.23 -33.72 -27.80
CA ALA A 110 4.99 -32.50 -27.70
C ALA A 110 4.35 -31.61 -26.63
N PHE A 111 3.05 -31.38 -26.71
CA PHE A 111 2.40 -30.51 -25.73
C PHE A 111 2.42 -30.96 -24.27
N SER A 112 2.09 -32.22 -24.07
CA SER A 112 2.00 -32.77 -22.73
C SER A 112 3.31 -33.16 -22.09
N ASN A 113 4.31 -33.58 -22.87
CA ASN A 113 5.55 -33.99 -22.22
C ASN A 113 6.40 -32.82 -21.77
N LEU A 114 6.43 -32.59 -20.46
CA LEU A 114 7.14 -31.49 -19.82
C LEU A 114 8.63 -31.71 -19.64
N SER A 115 9.10 -32.88 -20.06
CA SER A 115 10.52 -33.23 -19.94
C SER A 115 11.36 -32.64 -21.07
N TYR A 116 10.69 -32.20 -22.12
CA TYR A 116 11.35 -31.55 -23.24
C TYR A 116 11.34 -30.03 -23.08
N TYR A 117 12.37 -29.36 -23.59
CA TYR A 117 12.38 -27.91 -23.61
C TYR A 117 11.53 -27.70 -24.87
N THR A 118 10.72 -26.65 -24.92
CA THR A 118 9.94 -26.45 -26.16
C THR A 118 10.83 -25.88 -27.27
N ARG A 119 10.25 -25.59 -28.42
CA ARG A 119 11.01 -25.07 -29.55
C ARG A 119 10.35 -23.88 -30.17
N ALA A 120 11.10 -22.81 -30.39
CA ALA A 120 10.57 -21.60 -31.05
C ALA A 120 10.37 -21.92 -32.55
N LEU A 121 11.24 -22.76 -33.10
CA LEU A 121 11.14 -23.17 -34.49
C LEU A 121 11.35 -24.66 -34.47
N PRO A 122 10.65 -25.37 -35.34
CA PRO A 122 10.83 -26.82 -35.36
C PRO A 122 12.21 -27.27 -35.72
N PRO A 123 12.55 -28.50 -35.34
CA PRO A 123 13.86 -29.02 -35.68
C PRO A 123 13.87 -29.22 -37.18
N VAL A 124 14.96 -29.73 -37.70
CA VAL A 124 15.08 -29.95 -39.13
C VAL A 124 14.79 -31.45 -39.40
N ALA A 125 14.00 -31.72 -40.43
CA ALA A 125 13.66 -33.11 -40.75
C ALA A 125 14.94 -33.91 -40.87
N ASP A 126 14.93 -35.11 -40.35
CA ASP A 126 16.13 -35.91 -40.42
C ASP A 126 16.47 -36.33 -41.83
N ASP A 127 15.51 -36.35 -42.74
CA ASP A 127 15.91 -36.77 -44.07
C ASP A 127 16.20 -35.61 -45.04
N CYS A 128 16.47 -34.44 -44.49
CA CYS A 128 16.79 -33.29 -45.28
C CYS A 128 18.25 -33.54 -45.67
N PRO A 129 18.68 -33.07 -46.85
CA PRO A 129 20.04 -33.24 -47.39
C PRO A 129 21.17 -32.51 -46.66
N THR A 130 20.95 -31.25 -46.34
CA THR A 130 21.96 -30.46 -45.66
C THR A 130 21.46 -30.16 -44.25
N PRO A 131 22.37 -30.19 -43.26
CA PRO A 131 22.05 -29.94 -41.84
C PRO A 131 21.30 -28.67 -41.44
N MET A 132 20.91 -27.86 -42.40
CA MET A 132 20.15 -26.64 -42.11
C MET A 132 18.90 -26.69 -42.96
N GLY A 133 18.71 -27.84 -43.59
CA GLY A 133 17.59 -28.08 -44.46
C GLY A 133 17.99 -28.45 -45.87
N VAL A 134 17.98 -27.43 -46.73
CA VAL A 134 18.33 -27.63 -48.12
C VAL A 134 19.57 -26.82 -48.52
N LYS A 135 19.75 -25.64 -47.90
CA LYS A 135 20.90 -24.74 -48.14
C LYS A 135 22.22 -25.16 -47.47
N GLY A 136 23.34 -24.73 -48.04
CA GLY A 136 24.61 -25.07 -47.44
C GLY A 136 25.14 -26.39 -47.91
N ASN A 137 26.23 -26.80 -47.26
CA ASN A 137 26.93 -28.04 -47.58
C ASN A 137 26.52 -29.24 -46.73
N LYS A 138 26.90 -30.44 -47.19
CA LYS A 138 26.63 -31.70 -46.52
C LYS A 138 26.89 -31.66 -45.00
N GLU A 139 27.87 -30.87 -44.55
CA GLU A 139 28.14 -30.75 -43.14
C GLU A 139 28.47 -29.33 -42.82
N LEU A 140 28.22 -28.91 -41.58
CA LEU A 140 28.53 -27.54 -41.14
C LEU A 140 30.03 -27.50 -40.90
N PRO A 141 30.62 -26.30 -40.79
CA PRO A 141 32.06 -26.22 -40.54
C PRO A 141 32.39 -26.78 -39.17
N ASP A 142 33.58 -27.36 -39.05
CA ASP A 142 34.05 -27.95 -37.79
C ASP A 142 33.94 -26.97 -36.63
N SER A 143 33.13 -27.36 -35.65
CA SER A 143 32.93 -26.55 -34.44
C SER A 143 34.25 -26.11 -33.75
N LYS A 144 35.27 -26.97 -33.78
CA LYS A 144 36.54 -26.63 -33.19
C LYS A 144 37.09 -25.41 -33.93
N GLU A 145 37.04 -25.44 -35.27
CA GLU A 145 37.52 -24.31 -36.07
C GLU A 145 36.69 -23.08 -35.75
N VAL A 146 35.37 -23.19 -35.83
CA VAL A 146 34.52 -22.06 -35.54
C VAL A 146 34.89 -21.45 -34.19
N LEU A 147 35.02 -22.31 -33.17
CA LEU A 147 35.32 -21.97 -31.78
C LEU A 147 36.57 -21.12 -31.74
N GLU A 148 37.69 -21.70 -32.15
CA GLU A 148 38.99 -21.04 -32.18
C GLU A 148 39.05 -19.77 -33.01
N LYS A 149 38.68 -19.85 -34.29
CA LYS A 149 38.73 -18.68 -35.14
C LYS A 149 37.94 -17.46 -34.74
N VAL A 150 36.68 -17.61 -34.30
CA VAL A 150 35.89 -16.41 -33.95
C VAL A 150 35.31 -16.36 -32.57
N LEU A 151 35.48 -17.44 -31.81
CA LEU A 151 34.95 -17.48 -30.45
C LEU A 151 35.93 -17.32 -29.32
N LEU A 152 37.01 -18.08 -29.30
CA LEU A 152 37.95 -17.98 -28.20
C LEU A 152 38.47 -16.58 -27.92
N ARG A 153 38.74 -16.32 -26.65
CA ARG A 153 39.24 -15.04 -26.18
C ARG A 153 40.78 -14.90 -26.25
N ARG A 154 41.21 -13.76 -26.75
CA ARG A 154 42.64 -13.45 -26.85
C ARG A 154 42.80 -12.53 -25.66
N GLU A 155 42.51 -11.25 -25.86
CA GLU A 155 42.61 -10.25 -24.81
C GLU A 155 41.20 -10.07 -24.29
N PHE A 156 41.08 -10.08 -22.96
CA PHE A 156 39.81 -9.92 -22.31
C PHE A 156 39.18 -8.62 -22.76
N ILE A 157 37.99 -8.71 -23.33
CA ILE A 157 37.23 -7.54 -23.78
C ILE A 157 36.16 -7.24 -22.76
N PRO A 158 36.31 -6.18 -21.97
CA PRO A 158 35.29 -5.86 -20.98
C PRO A 158 34.06 -5.32 -21.63
N ASP A 159 32.91 -5.52 -20.97
CA ASP A 159 31.65 -5.04 -21.48
C ASP A 159 31.48 -3.54 -21.29
N PRO A 160 31.23 -2.80 -22.38
CA PRO A 160 31.03 -1.35 -22.39
C PRO A 160 29.82 -0.89 -21.59
N GLN A 161 28.81 -1.74 -21.51
CA GLN A 161 27.60 -1.43 -20.75
C GLN A 161 27.86 -1.33 -19.23
N GLY A 162 28.86 -2.05 -18.73
CA GLY A 162 29.15 -1.96 -17.31
C GLY A 162 28.93 -3.18 -16.43
N SER A 163 28.41 -4.26 -17.01
CA SER A 163 28.13 -5.47 -16.26
C SER A 163 29.24 -5.98 -15.34
N ASN A 164 28.93 -6.12 -14.06
CA ASN A 164 29.93 -6.59 -13.10
C ASN A 164 29.68 -8.01 -12.75
N MET A 165 30.49 -8.54 -11.83
CA MET A 165 30.38 -9.93 -11.41
C MET A 165 29.21 -10.21 -10.50
N MET A 166 28.42 -9.18 -10.24
CA MET A 166 27.20 -9.30 -9.44
C MET A 166 26.12 -9.66 -10.46
N PHE A 167 26.16 -8.99 -11.61
CA PHE A 167 25.22 -9.24 -12.69
C PHE A 167 25.56 -10.65 -13.22
N ALA A 168 26.79 -10.85 -13.65
CA ALA A 168 27.21 -12.15 -14.19
C ALA A 168 26.71 -13.35 -13.39
N PHE A 169 27.00 -13.37 -12.08
CA PHE A 169 26.60 -14.48 -11.19
C PHE A 169 25.10 -14.54 -10.89
N PHE A 170 24.40 -13.41 -10.92
CA PHE A 170 22.97 -13.39 -10.71
C PHE A 170 22.38 -14.09 -11.91
N ALA A 171 22.85 -13.75 -13.10
CA ALA A 171 22.36 -14.36 -14.32
C ALA A 171 22.58 -15.88 -14.25
N GLN A 172 23.69 -16.31 -13.67
CA GLN A 172 23.91 -17.75 -13.59
C GLN A 172 22.90 -18.43 -12.64
N HIS A 173 22.80 -17.89 -11.43
CA HIS A 173 21.94 -18.37 -10.39
C HIS A 173 20.49 -18.35 -10.88
N PHE A 174 19.98 -17.18 -11.23
CA PHE A 174 18.61 -17.02 -11.69
C PHE A 174 18.21 -17.97 -12.80
N THR A 175 18.85 -17.91 -13.95
CA THR A 175 18.49 -18.79 -15.06
C THR A 175 18.67 -20.27 -14.77
N HIS A 176 19.52 -20.60 -13.79
CA HIS A 176 19.74 -21.99 -13.46
C HIS A 176 18.64 -22.76 -12.69
N GLN A 177 17.51 -22.10 -12.42
CA GLN A 177 16.39 -22.79 -11.80
C GLN A 177 15.66 -23.41 -12.97
N PHE A 178 15.58 -22.68 -14.09
CA PHE A 178 14.96 -23.22 -15.30
C PHE A 178 15.84 -23.86 -16.35
N PHE A 179 17.08 -23.44 -16.49
CA PHE A 179 17.92 -24.10 -17.45
C PHE A 179 18.59 -25.23 -16.67
N LYS A 180 18.11 -26.47 -16.86
CA LYS A 180 18.68 -27.63 -16.17
C LYS A 180 18.64 -28.89 -17.03
N THR A 181 19.41 -28.89 -18.11
CA THR A 181 19.42 -30.02 -19.02
C THR A 181 19.62 -31.36 -18.33
N ASP A 182 18.82 -32.33 -18.74
CA ASP A 182 18.89 -33.68 -18.23
C ASP A 182 19.81 -34.39 -19.21
N HIS A 183 21.12 -34.29 -18.95
CA HIS A 183 22.13 -34.86 -19.81
C HIS A 183 22.09 -36.38 -19.92
N LYS A 184 21.14 -36.98 -19.22
CA LYS A 184 20.98 -38.42 -19.26
C LYS A 184 20.05 -38.75 -20.40
N ARG A 185 19.13 -37.82 -20.67
CA ARG A 185 18.17 -37.96 -21.75
C ARG A 185 18.77 -37.42 -23.02
N GLY A 186 19.36 -36.23 -22.93
CA GLY A 186 19.97 -35.61 -24.08
C GLY A 186 19.68 -34.12 -24.03
N PRO A 187 20.39 -33.28 -24.81
CA PRO A 187 20.02 -31.88 -24.71
C PRO A 187 18.59 -31.87 -25.29
N GLY A 188 17.80 -30.90 -24.91
CA GLY A 188 16.46 -30.93 -25.42
C GLY A 188 15.52 -31.38 -24.33
N PHE A 189 16.07 -31.99 -23.27
CA PHE A 189 15.31 -32.46 -22.12
C PHE A 189 15.73 -31.67 -20.90
N THR A 190 14.77 -31.24 -20.09
CA THR A 190 14.99 -30.40 -18.92
C THR A 190 14.61 -31.13 -17.67
N ARG A 191 15.05 -30.61 -16.53
CA ARG A 191 14.74 -31.21 -15.25
C ARG A 191 13.97 -30.17 -14.48
N GLY A 192 13.85 -28.98 -15.03
CA GLY A 192 13.10 -27.96 -14.32
C GLY A 192 11.68 -28.06 -14.81
N LEU A 193 10.97 -29.12 -14.41
CA LEU A 193 9.60 -29.30 -14.85
C LEU A 193 8.69 -28.20 -14.40
N GLY A 194 9.19 -27.20 -13.71
CA GLY A 194 8.34 -26.11 -13.27
C GLY A 194 8.34 -25.02 -14.32
N HIS A 195 9.13 -25.23 -15.38
CA HIS A 195 9.31 -24.31 -16.52
C HIS A 195 9.29 -22.82 -16.24
N GLY A 196 9.88 -22.38 -15.14
CA GLY A 196 9.90 -20.95 -14.89
C GLY A 196 10.43 -20.59 -13.53
N VAL A 197 10.14 -19.35 -13.14
CA VAL A 197 10.56 -18.83 -11.85
C VAL A 197 9.77 -19.44 -10.69
N ASP A 198 10.09 -20.68 -10.35
CA ASP A 198 9.42 -21.32 -9.23
C ASP A 198 10.28 -21.38 -7.98
N LEU A 199 11.53 -20.93 -8.11
CA LEU A 199 12.54 -20.90 -7.02
C LEU A 199 12.91 -22.26 -6.50
N ASN A 200 13.00 -23.22 -7.41
CA ASN A 200 13.35 -24.57 -7.04
C ASN A 200 14.80 -24.65 -6.68
N HIS A 201 15.56 -23.69 -7.18
CA HIS A 201 16.99 -23.68 -6.93
C HIS A 201 17.30 -23.27 -5.49
N ILE A 202 16.24 -22.91 -4.76
CA ILE A 202 16.33 -22.52 -3.36
C ILE A 202 15.63 -23.62 -2.59
N TYR A 203 14.44 -23.98 -3.05
CA TYR A 203 13.63 -24.98 -2.36
C TYR A 203 13.72 -26.42 -2.77
N GLY A 204 14.36 -26.72 -3.87
CA GLY A 204 14.42 -28.11 -4.27
C GLY A 204 13.35 -28.33 -5.31
N GLU A 205 13.65 -29.23 -6.23
CA GLU A 205 12.79 -29.54 -7.32
C GLU A 205 11.65 -30.43 -6.88
N THR A 206 11.88 -31.20 -5.82
CA THR A 206 10.89 -32.12 -5.31
C THR A 206 10.60 -31.97 -3.84
N LEU A 207 9.41 -32.39 -3.42
CA LEU A 207 8.95 -32.32 -2.05
C LEU A 207 9.91 -33.01 -1.10
N ASP A 208 10.43 -34.16 -1.47
CA ASP A 208 11.36 -34.83 -0.57
C ASP A 208 12.57 -33.94 -0.31
N ARG A 209 13.11 -33.34 -1.37
CA ARG A 209 14.26 -32.45 -1.28
C ARG A 209 13.86 -31.26 -0.42
N GLN A 210 12.83 -30.55 -0.84
CA GLN A 210 12.38 -29.41 -0.08
C GLN A 210 12.27 -29.77 1.39
N HIS A 211 11.67 -30.92 1.66
CA HIS A 211 11.48 -31.34 3.03
C HIS A 211 12.78 -31.56 3.80
N LYS A 212 13.82 -32.02 3.11
CA LYS A 212 15.13 -32.27 3.73
C LYS A 212 15.90 -30.96 3.98
N LEU A 213 15.65 -29.97 3.14
CA LEU A 213 16.27 -28.67 3.24
C LEU A 213 15.53 -27.81 4.23
N ARG A 214 14.40 -28.29 4.71
CA ARG A 214 13.59 -27.49 5.63
C ARG A 214 13.74 -27.72 7.14
N LEU A 215 13.52 -26.68 7.90
CA LEU A 215 13.70 -26.74 9.34
C LEU A 215 12.46 -27.21 10.09
N PHE A 216 11.32 -26.78 9.59
CA PHE A 216 10.02 -27.09 10.15
C PHE A 216 9.71 -26.32 11.43
N LYS A 217 10.24 -25.11 11.47
CA LYS A 217 10.08 -24.20 12.58
C LYS A 217 9.95 -22.81 12.00
N ASP A 218 8.89 -22.11 12.36
CA ASP A 218 8.64 -20.74 11.88
C ASP A 218 8.67 -20.55 10.38
N GLY A 219 8.62 -21.67 9.65
CA GLY A 219 8.60 -21.65 8.20
C GLY A 219 9.94 -21.58 7.52
N LYS A 220 11.00 -21.62 8.33
CA LYS A 220 12.40 -21.50 7.89
C LYS A 220 13.08 -22.66 7.20
N LEU A 221 14.10 -22.28 6.42
CA LEU A 221 14.95 -23.20 5.67
C LEU A 221 16.07 -23.59 6.62
N LYS A 222 16.52 -24.84 6.55
CA LYS A 222 17.60 -25.31 7.43
C LYS A 222 18.84 -24.47 7.21
N TYR A 223 19.72 -24.39 8.21
CA TYR A 223 20.97 -23.63 8.08
C TYR A 223 21.98 -23.87 9.16
N GLN A 224 23.11 -23.18 9.05
CA GLN A 224 24.16 -23.29 10.06
C GLN A 224 24.86 -21.99 10.26
N VAL A 225 25.35 -21.75 11.46
CA VAL A 225 26.10 -20.53 11.72
C VAL A 225 27.59 -20.86 11.79
N ILE A 226 28.36 -20.31 10.86
CA ILE A 226 29.80 -20.49 10.75
C ILE A 226 30.33 -19.09 10.99
N GLY A 227 31.35 -18.98 11.81
CA GLY A 227 31.87 -17.66 12.13
C GLY A 227 30.67 -17.07 12.84
N GLY A 228 30.11 -16.02 12.29
CA GLY A 228 28.91 -15.49 12.91
C GLY A 228 27.87 -15.43 11.81
N GLU A 229 28.28 -15.82 10.58
CA GLU A 229 27.43 -15.76 9.42
C GLU A 229 26.55 -16.99 9.25
N VAL A 230 25.43 -16.80 8.58
CA VAL A 230 24.47 -17.86 8.31
C VAL A 230 24.76 -18.46 6.93
N TYR A 231 25.02 -19.76 6.90
CA TYR A 231 25.34 -20.42 5.64
C TYR A 231 24.43 -21.62 5.48
N PRO A 232 24.32 -22.19 4.26
CA PRO A 232 23.47 -23.36 4.00
C PRO A 232 23.97 -24.50 4.86
N PRO A 233 23.08 -25.47 5.20
CA PRO A 233 23.51 -26.59 6.02
C PRO A 233 24.28 -27.57 5.17
N THR A 234 24.86 -28.57 5.81
CA THR A 234 25.67 -29.52 5.10
C THR A 234 24.90 -30.60 4.42
N VAL A 235 25.59 -31.35 3.57
CA VAL A 235 25.00 -32.47 2.86
C VAL A 235 24.90 -33.61 3.83
N LYS A 236 25.82 -33.64 4.79
CA LYS A 236 25.81 -34.71 5.76
C LYS A 236 24.65 -34.54 6.73
N ASP A 237 24.32 -33.31 7.11
CA ASP A 237 23.23 -33.10 8.03
C ASP A 237 21.88 -33.26 7.40
N THR A 238 21.68 -32.62 6.26
CA THR A 238 20.39 -32.67 5.59
C THR A 238 20.18 -33.92 4.77
N GLN A 239 21.25 -34.40 4.15
CA GLN A 239 21.24 -35.57 3.29
C GLN A 239 20.78 -35.28 1.90
N VAL A 240 20.67 -34.02 1.49
CA VAL A 240 20.24 -33.77 0.12
C VAL A 240 21.38 -34.13 -0.86
N GLU A 241 21.03 -34.50 -2.09
CA GLU A 241 22.03 -34.88 -3.11
C GLU A 241 22.60 -33.62 -3.78
N MET A 242 23.88 -33.32 -3.56
CA MET A 242 24.55 -32.14 -4.16
C MET A 242 25.68 -32.65 -5.04
N ILE A 243 26.10 -31.87 -6.01
CA ILE A 243 27.20 -32.33 -6.87
C ILE A 243 28.49 -31.65 -6.43
N TYR A 244 29.43 -32.44 -5.95
CA TYR A 244 30.69 -31.91 -5.43
C TYR A 244 31.84 -32.85 -5.78
N PRO A 245 33.02 -32.29 -6.06
CA PRO A 245 34.18 -33.10 -6.40
C PRO A 245 34.56 -33.87 -5.16
N PRO A 246 34.85 -35.17 -5.31
CA PRO A 246 35.22 -36.13 -4.26
C PRO A 246 36.21 -35.68 -3.18
N HIS A 247 36.82 -34.52 -3.37
CA HIS A 247 37.79 -34.04 -2.40
C HIS A 247 37.31 -32.93 -1.46
N ILE A 248 36.05 -32.52 -1.57
CA ILE A 248 35.54 -31.48 -0.67
C ILE A 248 35.52 -32.15 0.71
N PRO A 249 36.19 -31.56 1.70
CA PRO A 249 36.28 -32.10 3.06
C PRO A 249 35.01 -32.33 3.86
N GLU A 250 33.85 -32.41 3.19
CA GLU A 250 32.58 -32.54 3.91
C GLU A 250 32.59 -31.14 4.55
N ASN A 251 31.72 -30.81 5.51
CA ASN A 251 31.75 -29.48 6.15
C ASN A 251 31.77 -28.22 5.27
N LEU A 252 31.96 -28.41 3.97
CA LEU A 252 32.03 -27.34 2.97
C LEU A 252 31.12 -27.78 1.83
N GLN A 253 30.54 -28.95 2.01
CA GLN A 253 29.60 -29.46 1.05
C GLN A 253 28.25 -28.87 1.49
N PHE A 254 27.97 -27.64 1.10
CA PHE A 254 26.73 -26.99 1.45
C PHE A 254 25.54 -27.63 0.69
N ALA A 255 24.35 -27.58 1.28
CA ALA A 255 23.14 -28.18 0.71
C ALA A 255 22.45 -27.34 -0.33
N VAL A 256 21.80 -26.26 0.10
CA VAL A 256 21.16 -25.32 -0.85
C VAL A 256 19.91 -25.55 -1.73
N GLY A 257 19.82 -26.62 -2.52
CA GLY A 257 18.62 -26.73 -3.36
C GLY A 257 18.83 -27.07 -4.82
N GLN A 258 19.66 -26.29 -5.52
CA GLN A 258 19.99 -26.58 -6.94
C GLN A 258 21.27 -27.42 -6.76
N GLU A 259 21.21 -28.68 -7.17
CA GLU A 259 22.32 -29.61 -6.96
C GLU A 259 23.66 -29.27 -7.51
N VAL A 260 23.72 -28.27 -8.39
CA VAL A 260 24.97 -27.89 -8.99
C VAL A 260 25.58 -26.59 -8.49
N PHE A 261 24.93 -25.89 -7.58
CA PHE A 261 25.46 -24.61 -7.08
C PHE A 261 26.65 -24.69 -6.15
N GLY A 262 27.15 -25.88 -5.90
CA GLY A 262 28.33 -25.97 -5.06
C GLY A 262 29.57 -25.83 -5.94
N LEU A 263 29.35 -25.98 -7.24
CA LEU A 263 30.43 -25.92 -8.20
C LEU A 263 31.05 -24.56 -8.45
N VAL A 264 30.40 -23.49 -7.97
CA VAL A 264 30.99 -22.15 -8.13
C VAL A 264 30.54 -21.22 -7.03
N PRO A 265 31.50 -20.71 -6.22
CA PRO A 265 31.25 -19.79 -5.11
C PRO A 265 30.33 -18.59 -5.44
N GLY A 266 30.28 -18.19 -6.71
CA GLY A 266 29.43 -17.07 -7.11
C GLY A 266 27.95 -17.39 -6.99
N LEU A 267 27.66 -18.67 -7.20
CA LEU A 267 26.30 -19.23 -7.15
C LEU A 267 25.90 -19.40 -5.70
N MET A 268 26.82 -19.98 -4.92
CA MET A 268 26.65 -20.20 -3.48
C MET A 268 26.57 -18.86 -2.69
N MET A 269 27.17 -17.80 -3.21
CA MET A 269 27.09 -16.49 -2.57
C MET A 269 25.63 -16.08 -2.58
N TYR A 270 25.00 -16.18 -3.76
CA TYR A 270 23.59 -15.86 -4.02
C TYR A 270 22.65 -16.86 -3.33
N ALA A 271 23.01 -18.13 -3.41
CA ALA A 271 22.24 -19.20 -2.80
C ALA A 271 22.15 -18.99 -1.28
N THR A 272 23.17 -18.34 -0.72
CA THR A 272 23.18 -18.08 0.70
C THR A 272 22.39 -16.81 0.99
N ILE A 273 22.49 -15.84 0.09
CA ILE A 273 21.78 -14.59 0.30
C ILE A 273 20.26 -14.83 0.30
N TRP A 274 19.83 -15.74 -0.57
CA TRP A 274 18.42 -16.06 -0.70
C TRP A 274 17.90 -16.91 0.44
N LEU A 275 18.74 -17.79 0.97
CA LEU A 275 18.36 -18.62 2.12
C LEU A 275 18.09 -17.60 3.22
N ARG A 276 19.03 -16.70 3.39
CA ARG A 276 18.93 -15.67 4.39
C ARG A 276 17.64 -14.91 4.27
N GLU A 277 17.30 -14.55 3.02
CA GLU A 277 16.08 -13.81 2.67
C GLU A 277 14.81 -14.52 3.07
N HIS A 278 14.73 -15.78 2.72
CA HIS A 278 13.58 -16.62 3.07
C HIS A 278 13.33 -16.52 4.56
N GLN A 279 14.35 -16.81 5.36
CA GLN A 279 14.28 -16.78 6.82
C GLN A 279 13.82 -15.44 7.33
N ARG A 280 14.32 -14.37 6.71
CA ARG A 280 13.99 -13.02 7.11
C ARG A 280 12.49 -12.79 6.98
N VAL A 281 11.93 -13.19 5.83
CA VAL A 281 10.51 -13.05 5.61
C VAL A 281 9.73 -13.93 6.62
N CYS A 282 10.23 -15.12 6.91
CA CYS A 282 9.54 -15.94 7.88
C CYS A 282 9.36 -15.15 9.17
N ASP A 283 10.37 -14.40 9.53
CA ASP A 283 10.31 -13.58 10.74
C ASP A 283 9.29 -12.48 10.61
N ILE A 284 9.30 -11.82 9.44
CA ILE A 284 8.39 -10.71 9.18
C ILE A 284 6.93 -11.16 9.19
N LEU A 285 6.73 -12.34 8.64
CA LEU A 285 5.42 -12.94 8.53
C LEU A 285 4.94 -13.40 9.89
N LYS A 286 5.80 -14.13 10.57
CA LYS A 286 5.51 -14.63 11.92
C LYS A 286 5.12 -13.50 12.88
N GLN A 287 5.66 -12.31 12.65
CA GLN A 287 5.33 -11.17 13.48
C GLN A 287 3.89 -10.74 13.23
N GLU A 288 3.44 -10.88 11.98
CA GLU A 288 2.09 -10.54 11.54
C GLU A 288 1.10 -11.66 11.84
N HIS A 289 1.60 -12.87 11.83
CA HIS A 289 0.76 -14.01 12.06
C HIS A 289 1.21 -14.96 13.15
N PRO A 290 0.99 -14.58 14.42
CA PRO A 290 1.34 -15.37 15.60
C PRO A 290 0.62 -16.69 15.50
N GLU A 291 -0.53 -16.68 14.82
CA GLU A 291 -1.31 -17.90 14.65
C GLU A 291 -0.84 -18.85 13.56
N TRP A 292 0.00 -18.39 12.64
CA TRP A 292 0.41 -19.28 11.57
C TRP A 292 1.31 -20.40 12.04
N GLY A 293 1.42 -21.43 11.23
CA GLY A 293 2.25 -22.56 11.57
C GLY A 293 3.36 -22.65 10.55
N ASP A 294 4.25 -23.64 10.74
CA ASP A 294 5.40 -23.84 9.87
C ASP A 294 5.15 -23.90 8.36
N GLU A 295 4.03 -24.49 7.92
CA GLU A 295 3.77 -24.61 6.47
C GLU A 295 3.33 -23.33 5.85
N GLN A 296 2.32 -22.71 6.44
CA GLN A 296 1.82 -21.46 5.91
C GLN A 296 2.89 -20.38 5.95
N LEU A 297 3.85 -20.52 6.86
CA LEU A 297 4.93 -19.55 6.95
C LEU A 297 5.83 -19.85 5.78
N PHE A 298 6.13 -21.14 5.60
CA PHE A 298 6.98 -21.54 4.49
C PHE A 298 6.38 -21.19 3.15
N GLN A 299 5.25 -21.81 2.84
CA GLN A 299 4.55 -21.59 1.57
C GLN A 299 4.33 -20.14 1.24
N THR A 300 4.00 -19.30 2.22
CA THR A 300 3.79 -17.88 1.95
C THR A 300 5.10 -17.15 1.64
N SER A 301 6.18 -17.43 2.38
CA SER A 301 7.49 -16.81 2.10
C SER A 301 7.90 -17.18 0.69
N LYS A 302 7.87 -18.48 0.36
CA LYS A 302 8.21 -18.88 -1.01
C LYS A 302 7.47 -18.04 -2.07
N LEU A 303 6.24 -17.65 -1.78
CA LEU A 303 5.49 -16.87 -2.74
C LEU A 303 6.06 -15.48 -2.79
N ILE A 304 6.37 -14.92 -1.63
CA ILE A 304 6.95 -13.58 -1.56
C ILE A 304 8.28 -13.56 -2.27
N LEU A 305 9.18 -14.49 -1.92
CA LEU A 305 10.49 -14.56 -2.57
C LEU A 305 10.38 -14.71 -4.10
N ILE A 306 9.37 -15.43 -4.58
CA ILE A 306 9.15 -15.54 -6.03
C ILE A 306 8.74 -14.14 -6.54
N GLY A 307 7.99 -13.38 -5.75
CA GLY A 307 7.60 -12.04 -6.15
C GLY A 307 8.78 -11.10 -6.24
N GLU A 308 9.64 -11.12 -5.21
CA GLU A 308 10.85 -10.31 -5.16
C GLU A 308 11.69 -10.62 -6.39
N THR A 309 11.87 -11.91 -6.66
CA THR A 309 12.65 -12.35 -7.78
C THR A 309 12.15 -11.75 -9.09
N ILE A 310 10.84 -11.81 -9.34
CA ILE A 310 10.29 -11.25 -10.57
C ILE A 310 10.41 -9.72 -10.58
N LYS A 311 10.44 -9.11 -9.41
CA LYS A 311 10.55 -7.66 -9.33
C LYS A 311 11.95 -7.19 -9.65
N ILE A 312 12.92 -7.85 -9.02
CA ILE A 312 14.33 -7.55 -9.22
C ILE A 312 14.71 -7.87 -10.66
N VAL A 313 14.25 -9.01 -11.18
CA VAL A 313 14.56 -9.42 -12.55
C VAL A 313 14.12 -8.45 -13.65
N ILE A 314 13.06 -7.70 -13.42
CA ILE A 314 12.60 -6.77 -14.44
C ILE A 314 13.12 -5.34 -14.19
N GLU A 315 13.06 -4.91 -12.95
CA GLU A 315 13.46 -3.56 -12.61
C GLU A 315 14.94 -3.29 -12.29
N ASP A 316 15.75 -4.35 -12.26
CA ASP A 316 17.17 -4.20 -12.02
C ASP A 316 17.93 -4.99 -13.08
N TYR A 317 17.74 -6.32 -13.08
CA TYR A 317 18.45 -7.18 -14.01
C TYR A 317 18.24 -6.79 -15.46
N VAL A 318 17.00 -6.92 -15.94
CA VAL A 318 16.61 -6.57 -17.30
C VAL A 318 16.76 -5.07 -17.58
N GLN A 319 16.51 -4.24 -16.57
CA GLN A 319 16.67 -2.79 -16.72
C GLN A 319 18.13 -2.51 -17.15
N HIS A 320 19.08 -3.00 -16.36
CA HIS A 320 20.50 -2.82 -16.65
C HIS A 320 20.81 -3.32 -18.05
N LEU A 321 20.46 -4.57 -18.24
CA LEU A 321 20.62 -5.33 -19.47
C LEU A 321 20.09 -4.59 -20.71
N SER A 322 18.88 -4.05 -20.59
CA SER A 322 18.26 -3.37 -21.70
C SER A 322 19.02 -2.15 -22.23
N GLY A 323 19.55 -1.32 -21.33
CA GLY A 323 20.24 -0.11 -21.71
C GLY A 323 19.23 1.01 -21.90
N TYR A 324 17.95 0.66 -21.85
CA TYR A 324 16.88 1.61 -22.04
C TYR A 324 16.82 2.62 -20.90
N HIS A 325 16.37 3.82 -21.21
CA HIS A 325 16.22 4.90 -20.25
C HIS A 325 14.84 4.86 -19.63
N PHE A 326 13.97 4.05 -20.22
CA PHE A 326 12.63 3.93 -19.71
C PHE A 326 12.66 3.03 -18.45
N LYS A 327 11.93 3.42 -17.40
CA LYS A 327 11.94 2.65 -16.17
C LYS A 327 10.99 1.45 -16.31
N LEU A 328 11.54 0.28 -16.61
CA LEU A 328 10.74 -0.92 -16.72
C LEU A 328 9.92 -1.03 -15.44
N LYS A 329 8.79 -1.74 -15.48
CA LYS A 329 7.92 -1.88 -14.31
C LYS A 329 7.34 -3.27 -14.13
N PHE A 330 7.48 -3.83 -12.94
CA PHE A 330 6.90 -5.13 -12.68
C PHE A 330 5.57 -4.82 -12.07
N ASP A 331 4.52 -4.90 -12.88
CA ASP A 331 3.17 -4.65 -12.37
C ASP A 331 2.21 -5.54 -13.11
N PRO A 332 1.79 -6.64 -12.48
CA PRO A 332 0.87 -7.63 -13.03
C PRO A 332 -0.44 -7.08 -13.61
N GLU A 333 -1.00 -6.06 -12.94
CA GLU A 333 -2.25 -5.44 -13.38
C GLU A 333 -2.20 -4.95 -14.84
N LEU A 334 -1.00 -4.69 -15.35
CA LEU A 334 -0.82 -4.20 -16.73
C LEU A 334 -1.46 -5.14 -17.74
N LEU A 335 -1.42 -6.43 -17.43
CA LEU A 335 -2.00 -7.44 -18.31
C LEU A 335 -3.40 -7.97 -17.86
N PHE A 336 -4.03 -7.32 -16.88
CA PHE A 336 -5.33 -7.77 -16.41
C PHE A 336 -6.41 -7.44 -17.44
N ASN A 337 -6.13 -6.46 -18.28
CA ASN A 337 -7.09 -6.10 -19.32
C ASN A 337 -6.55 -6.53 -20.67
N GLN A 338 -5.61 -7.47 -20.69
CA GLN A 338 -5.06 -7.91 -21.95
C GLN A 338 -5.20 -9.40 -22.08
N GLN A 339 -5.24 -9.88 -23.31
CA GLN A 339 -5.31 -11.32 -23.53
C GLN A 339 -3.86 -11.71 -23.26
N PHE A 340 -3.66 -12.66 -22.34
CA PHE A 340 -2.33 -13.10 -21.98
C PHE A 340 -2.41 -14.44 -21.27
N GLN A 341 -1.64 -15.43 -21.70
CA GLN A 341 -1.59 -16.75 -21.07
C GLN A 341 -0.61 -16.79 -19.91
N TYR A 342 -1.13 -17.06 -18.72
CA TYR A 342 -0.32 -17.14 -17.54
C TYR A 342 0.22 -18.53 -17.41
N GLN A 343 1.08 -18.89 -18.35
CA GLN A 343 1.75 -20.19 -18.37
C GLN A 343 3.05 -20.01 -19.21
N ASN A 344 4.00 -20.92 -19.08
CA ASN A 344 5.23 -20.82 -19.81
C ASN A 344 5.91 -22.19 -19.96
N ARG A 345 6.63 -22.38 -21.05
CA ARG A 345 7.38 -23.61 -21.33
C ARG A 345 8.74 -23.08 -21.83
N ILE A 346 9.83 -23.38 -21.15
CA ILE A 346 11.13 -22.86 -21.60
C ILE A 346 11.58 -23.57 -22.89
N ALA A 347 11.99 -22.74 -23.86
CA ALA A 347 12.42 -23.21 -25.18
C ALA A 347 13.91 -23.44 -25.23
N SER A 348 14.38 -24.43 -25.96
CA SER A 348 15.80 -24.62 -25.97
C SER A 348 16.56 -23.43 -26.58
N GLU A 349 15.98 -22.69 -27.51
CA GLU A 349 16.69 -21.54 -28.08
C GLU A 349 17.04 -20.50 -27.01
N PHE A 350 16.24 -20.46 -25.96
CA PHE A 350 16.49 -19.52 -24.88
C PHE A 350 17.62 -20.08 -24.02
N ASN A 351 17.76 -21.41 -24.00
CA ASN A 351 18.81 -22.04 -23.22
C ASN A 351 20.13 -21.75 -23.91
N THR A 352 20.15 -22.00 -25.22
CA THR A 352 21.30 -21.80 -26.04
C THR A 352 21.73 -20.34 -26.16
N LEU A 353 20.79 -19.44 -26.37
CA LEU A 353 21.14 -18.03 -26.49
C LEU A 353 21.58 -17.47 -25.15
N TYR A 354 21.26 -18.19 -24.09
CA TYR A 354 21.61 -17.74 -22.77
C TYR A 354 22.93 -18.24 -22.19
N HIS A 355 23.77 -18.86 -23.02
CA HIS A 355 25.07 -19.32 -22.56
C HIS A 355 26.02 -18.09 -22.65
N TRP A 356 25.90 -17.21 -21.66
CA TRP A 356 26.69 -16.00 -21.59
C TRP A 356 28.03 -16.21 -20.91
N HIS A 357 28.75 -17.25 -21.34
CA HIS A 357 30.11 -17.54 -20.82
C HIS A 357 31.13 -16.39 -21.06
N PRO A 358 30.95 -15.59 -22.16
CA PRO A 358 31.87 -14.48 -22.42
C PRO A 358 31.64 -13.34 -21.39
N LEU A 359 31.25 -13.66 -20.17
CA LEU A 359 31.04 -12.65 -19.16
C LEU A 359 32.07 -12.95 -18.09
N LEU A 360 32.54 -14.19 -18.06
CA LEU A 360 33.51 -14.64 -17.06
C LEU A 360 34.84 -14.07 -17.33
N PRO A 361 35.42 -13.36 -16.36
CA PRO A 361 36.75 -12.78 -16.54
C PRO A 361 37.78 -13.90 -16.46
N ASP A 362 39.07 -13.55 -16.57
CA ASP A 362 40.11 -14.56 -16.50
C ASP A 362 40.49 -14.93 -15.06
N THR A 363 40.19 -14.02 -14.14
CA THR A 363 40.47 -14.29 -12.74
C THR A 363 39.37 -13.64 -11.95
N PHE A 364 39.05 -14.25 -10.83
CA PHE A 364 38.03 -13.76 -9.96
C PHE A 364 38.78 -13.00 -8.90
N ASN A 365 38.65 -11.69 -8.99
CA ASN A 365 39.34 -10.81 -8.09
C ASN A 365 38.49 -10.51 -6.90
N ILE A 366 38.69 -11.25 -5.81
CA ILE A 366 37.94 -11.02 -4.56
C ILE A 366 38.90 -10.28 -3.61
N GLU A 367 38.79 -8.94 -3.68
CA GLU A 367 39.57 -7.95 -2.95
C GLU A 367 40.67 -8.56 -2.13
N ASP A 368 41.89 -8.33 -2.62
CA ASP A 368 43.15 -8.81 -2.05
C ASP A 368 43.57 -10.10 -2.75
N GLN A 369 42.82 -10.51 -3.74
CA GLN A 369 43.13 -11.73 -4.47
C GLN A 369 42.56 -11.72 -5.90
N GLU A 370 43.11 -12.60 -6.74
CA GLU A 370 42.68 -12.71 -8.11
C GLU A 370 42.78 -14.18 -8.47
N TYR A 371 41.82 -14.99 -7.99
CA TYR A 371 41.77 -16.43 -8.25
C TYR A 371 41.61 -16.85 -9.72
N SER A 372 42.15 -18.02 -10.03
CA SER A 372 42.06 -18.56 -11.36
C SER A 372 40.82 -19.41 -11.39
N PHE A 373 40.32 -19.69 -12.59
CA PHE A 373 39.13 -20.55 -12.71
C PHE A 373 39.40 -21.81 -11.88
N LYS A 374 40.61 -22.31 -12.00
CA LYS A 374 41.07 -23.51 -11.35
C LYS A 374 40.95 -23.44 -9.83
N GLN A 375 41.10 -22.25 -9.26
CA GLN A 375 41.00 -22.11 -7.81
C GLN A 375 39.63 -21.67 -7.36
N PHE A 376 38.90 -20.99 -8.24
CA PHE A 376 37.57 -20.53 -7.90
C PHE A 376 36.62 -21.72 -7.85
N LEU A 377 36.62 -22.52 -8.91
CA LEU A 377 35.73 -23.67 -8.99
C LEU A 377 35.68 -24.55 -7.76
N TYR A 378 34.45 -24.90 -7.37
CA TYR A 378 34.14 -25.75 -6.23
C TYR A 378 34.75 -25.30 -4.92
N ASN A 379 35.25 -24.09 -4.88
CA ASN A 379 35.91 -23.61 -3.68
C ASN A 379 35.09 -22.71 -2.78
N ASN A 380 34.24 -23.31 -1.95
CA ASN A 380 33.43 -22.50 -1.04
C ASN A 380 34.23 -22.07 0.19
N SER A 381 35.49 -22.49 0.28
CA SER A 381 36.31 -22.07 1.40
C SER A 381 36.68 -20.60 1.20
N ILE A 382 36.63 -20.17 -0.07
CA ILE A 382 36.94 -18.78 -0.41
C ILE A 382 35.80 -17.97 0.14
N LEU A 383 34.59 -18.49 -0.05
CA LEU A 383 33.38 -17.83 0.37
C LEU A 383 33.45 -17.66 1.85
N LEU A 384 33.69 -18.74 2.59
CA LEU A 384 33.83 -18.67 4.04
C LEU A 384 35.07 -17.83 4.39
N GLU A 385 36.02 -17.78 3.47
CA GLU A 385 37.25 -17.02 3.65
C GLU A 385 37.04 -15.54 3.65
N HIS A 386 36.24 -15.05 2.72
CA HIS A 386 36.02 -13.61 2.62
C HIS A 386 34.68 -13.19 3.17
N GLY A 387 33.64 -13.94 2.80
CA GLY A 387 32.31 -13.69 3.34
C GLY A 387 31.42 -12.57 2.88
N LEU A 388 30.54 -12.95 1.98
CA LEU A 388 29.51 -12.09 1.40
C LEU A 388 29.75 -10.59 1.32
N THR A 389 29.86 -9.90 2.45
CA THR A 389 30.08 -8.44 2.42
C THR A 389 31.24 -8.12 1.50
N GLN A 390 32.39 -8.71 1.77
CA GLN A 390 33.51 -8.49 0.87
C GLN A 390 33.42 -9.66 -0.09
N PHE A 391 32.56 -9.47 -1.06
CA PHE A 391 32.30 -10.45 -2.09
C PHE A 391 31.33 -9.62 -2.92
N VAL A 392 30.39 -8.99 -2.23
CA VAL A 392 29.44 -8.13 -2.87
C VAL A 392 30.29 -6.90 -3.22
N GLU A 393 31.20 -6.51 -2.33
CA GLU A 393 32.10 -5.38 -2.61
C GLU A 393 33.03 -5.70 -3.77
N SER A 394 33.73 -6.82 -3.68
CA SER A 394 34.61 -7.26 -4.77
C SER A 394 33.82 -7.32 -6.06
N PHE A 395 32.92 -8.28 -6.17
CA PHE A 395 32.11 -8.47 -7.37
C PHE A 395 31.34 -7.23 -7.88
N THR A 396 30.94 -6.32 -7.00
CA THR A 396 30.24 -5.12 -7.48
C THR A 396 31.20 -4.32 -8.32
N ARG A 397 32.47 -4.36 -7.91
CA ARG A 397 33.60 -3.65 -8.52
C ARG A 397 34.42 -4.59 -9.38
N GLN A 398 33.86 -5.06 -10.48
CA GLN A 398 34.58 -5.96 -11.37
C GLN A 398 33.82 -6.23 -12.66
N ILE A 399 34.18 -5.52 -13.74
CA ILE A 399 33.51 -5.69 -15.02
C ILE A 399 33.56 -7.13 -15.51
N ALA A 400 32.57 -7.46 -16.33
CA ALA A 400 32.45 -8.76 -16.93
C ALA A 400 32.77 -8.55 -18.40
N GLY A 401 33.10 -9.64 -19.10
CA GLY A 401 33.40 -9.56 -20.51
C GLY A 401 32.19 -9.18 -21.35
N ARG A 402 32.44 -8.86 -22.61
CA ARG A 402 31.36 -8.53 -23.51
C ARG A 402 30.86 -9.84 -24.12
N VAL A 403 29.54 -9.99 -24.28
CA VAL A 403 29.01 -11.22 -24.87
C VAL A 403 29.11 -11.16 -26.39
N ALA A 404 28.43 -10.20 -27.01
CA ALA A 404 28.48 -10.03 -28.46
C ALA A 404 29.82 -9.38 -28.84
N GLY A 405 30.10 -9.29 -30.14
CA GLY A 405 31.36 -8.69 -30.53
C GLY A 405 32.37 -9.69 -31.04
N GLY A 406 32.40 -10.88 -30.47
CA GLY A 406 33.30 -11.91 -30.93
C GLY A 406 34.50 -12.12 -30.06
N ARG A 407 35.12 -13.29 -30.24
CA ARG A 407 36.35 -13.68 -29.54
C ARG A 407 36.50 -13.43 -28.02
N ASN A 408 35.40 -13.50 -27.29
CA ASN A 408 35.49 -13.25 -25.86
C ASN A 408 35.14 -14.42 -24.92
N VAL A 409 35.18 -15.65 -25.44
CA VAL A 409 34.87 -16.83 -24.64
C VAL A 409 36.12 -17.30 -23.91
N PRO A 410 36.11 -17.30 -22.57
CA PRO A 410 37.29 -17.74 -21.83
C PRO A 410 37.69 -19.10 -22.34
N ILE A 411 38.98 -19.24 -22.65
CA ILE A 411 39.50 -20.50 -23.16
C ILE A 411 39.35 -21.57 -22.08
N ALA A 412 39.00 -21.14 -20.87
CA ALA A 412 38.77 -22.09 -19.77
C ALA A 412 37.46 -22.82 -20.01
N VAL A 413 36.45 -22.10 -20.51
CA VAL A 413 35.14 -22.72 -20.78
C VAL A 413 34.92 -22.96 -22.25
N GLN A 414 36.00 -23.12 -23.00
CA GLN A 414 35.89 -23.35 -24.43
C GLN A 414 35.20 -24.67 -24.68
N ALA A 415 35.33 -25.60 -23.74
CA ALA A 415 34.67 -26.91 -23.88
C ALA A 415 33.13 -26.74 -23.86
N VAL A 416 32.66 -25.81 -23.02
CA VAL A 416 31.23 -25.51 -22.87
C VAL A 416 30.73 -24.79 -24.12
N ALA A 417 31.53 -23.88 -24.67
CA ALA A 417 31.15 -23.13 -25.87
C ALA A 417 31.02 -24.01 -27.09
N LYS A 418 31.92 -24.98 -27.21
CA LYS A 418 31.93 -25.89 -28.34
C LYS A 418 30.71 -26.76 -28.19
N ALA A 419 30.43 -27.14 -26.95
CA ALA A 419 29.29 -27.96 -26.57
C ALA A 419 28.00 -27.28 -27.04
N SER A 420 27.89 -25.97 -26.81
CA SER A 420 26.71 -25.27 -27.25
C SER A 420 26.58 -25.42 -28.76
N ILE A 421 27.72 -25.36 -29.45
CA ILE A 421 27.72 -25.50 -30.89
C ILE A 421 27.30 -26.91 -31.27
N ASP A 422 27.98 -27.89 -30.73
CA ASP A 422 27.66 -29.26 -31.06
C ASP A 422 26.21 -29.69 -30.80
N GLN A 423 25.66 -29.28 -29.64
CA GLN A 423 24.32 -29.63 -29.26
C GLN A 423 23.28 -29.02 -30.14
N SER A 424 23.42 -27.73 -30.43
CA SER A 424 22.46 -27.07 -31.31
C SER A 424 22.37 -27.86 -32.60
N ARG A 425 23.50 -28.41 -33.02
CA ARG A 425 23.59 -29.20 -34.22
C ARG A 425 22.88 -30.53 -34.08
N GLU A 426 23.15 -31.26 -33.01
CA GLU A 426 22.48 -32.54 -32.84
C GLU A 426 20.99 -32.35 -32.61
N MET A 427 20.63 -31.20 -32.07
CA MET A 427 19.24 -30.84 -31.83
C MET A 427 18.62 -30.32 -33.12
N LYS A 428 19.29 -30.57 -34.24
CA LYS A 428 18.84 -30.15 -35.55
C LYS A 428 18.26 -28.75 -35.62
N TYR A 429 18.99 -27.75 -35.09
CA TYR A 429 18.50 -26.37 -35.12
C TYR A 429 18.37 -25.80 -36.55
N GLN A 430 17.94 -24.54 -36.63
CA GLN A 430 17.81 -23.83 -37.90
C GLN A 430 18.84 -22.71 -37.89
N SER A 431 19.10 -22.13 -39.05
CA SER A 431 20.08 -21.06 -39.16
C SER A 431 19.70 -19.83 -38.34
N LEU A 432 20.70 -18.99 -38.13
CA LEU A 432 20.51 -17.74 -37.41
C LEU A 432 19.42 -16.97 -38.14
N ASN A 433 19.45 -17.03 -39.47
CA ASN A 433 18.47 -16.30 -40.28
C ASN A 433 17.04 -16.75 -40.15
N GLU A 434 16.82 -18.06 -40.03
CA GLU A 434 15.48 -18.58 -39.83
C GLU A 434 15.00 -18.04 -38.53
N TYR A 435 15.86 -18.07 -37.53
CA TYR A 435 15.49 -17.56 -36.22
C TYR A 435 15.22 -16.06 -36.23
N ARG A 436 16.08 -15.32 -36.92
CA ARG A 436 15.94 -13.88 -37.04
C ARG A 436 14.58 -13.56 -37.63
N LYS A 437 14.24 -14.26 -38.71
CA LYS A 437 12.96 -14.08 -39.36
C LYS A 437 11.82 -14.40 -38.41
N ARG A 438 11.88 -15.58 -37.78
CA ARG A 438 10.85 -16.03 -36.84
C ARG A 438 10.59 -14.96 -35.81
N PHE A 439 11.59 -14.14 -35.56
CA PHE A 439 11.43 -13.08 -34.57
C PHE A 439 11.29 -11.67 -35.14
N SER A 440 10.70 -11.64 -36.34
CA SER A 440 10.43 -10.40 -37.08
C SER A 440 11.67 -9.54 -37.38
N LEU A 441 12.81 -10.19 -37.61
CA LEU A 441 14.06 -9.50 -37.90
C LEU A 441 14.34 -9.68 -39.39
N LYS A 442 15.22 -8.85 -39.91
CA LYS A 442 15.56 -8.91 -41.31
C LYS A 442 16.85 -9.72 -41.44
N PRO A 443 16.81 -10.81 -42.22
CA PRO A 443 17.98 -11.67 -42.43
C PRO A 443 19.22 -10.97 -42.95
N TYR A 444 20.37 -11.38 -42.43
CA TYR A 444 21.66 -10.84 -42.81
C TYR A 444 22.03 -11.24 -44.21
N THR A 445 22.38 -10.24 -45.00
CA THR A 445 22.76 -10.43 -46.38
C THR A 445 24.19 -10.88 -46.54
N SER A 446 25.02 -10.68 -45.51
CA SER A 446 26.44 -11.09 -45.54
C SER A 446 26.99 -11.28 -44.14
N PHE A 447 28.05 -12.08 -44.01
CA PHE A 447 28.69 -12.33 -42.72
C PHE A 447 29.17 -11.06 -42.11
N GLU A 448 29.52 -10.13 -42.98
CA GLU A 448 30.01 -8.83 -42.59
C GLU A 448 28.87 -7.98 -42.03
N GLU A 449 27.66 -8.20 -42.53
CA GLU A 449 26.49 -7.46 -42.04
C GLU A 449 26.23 -7.96 -40.61
N LEU A 450 26.45 -9.26 -40.44
CA LEU A 450 26.28 -9.92 -39.18
C LEU A 450 27.22 -9.32 -38.16
N THR A 451 28.53 -9.37 -38.46
CA THR A 451 29.60 -8.88 -37.57
C THR A 451 29.84 -7.38 -37.49
N GLY A 452 29.65 -6.67 -38.59
CA GLY A 452 29.89 -5.23 -38.60
C GLY A 452 31.38 -4.91 -38.69
N GLU A 453 32.15 -5.88 -39.17
CA GLU A 453 33.59 -5.75 -39.31
C GLU A 453 34.01 -6.78 -40.35
N LYS A 454 35.32 -6.96 -40.53
CA LYS A 454 35.77 -7.87 -41.59
C LYS A 454 36.60 -9.08 -41.34
N GLU A 455 37.49 -9.08 -40.35
CA GLU A 455 38.29 -10.28 -40.15
C GLU A 455 37.52 -11.55 -39.72
N MET A 456 36.61 -11.41 -38.75
CA MET A 456 35.83 -12.58 -38.30
C MET A 456 34.86 -12.93 -39.38
N ALA A 457 34.21 -11.90 -39.92
CA ALA A 457 33.22 -12.04 -40.96
C ALA A 457 33.83 -12.90 -42.03
N ALA A 458 35.05 -12.52 -42.41
CA ALA A 458 35.85 -13.19 -43.44
C ALA A 458 36.11 -14.65 -43.08
N GLU A 459 36.51 -14.88 -41.84
CA GLU A 459 36.78 -16.22 -41.35
C GLU A 459 35.50 -17.06 -41.33
N LEU A 460 34.37 -16.40 -41.10
CA LEU A 460 33.10 -17.09 -41.08
C LEU A 460 32.79 -17.46 -42.51
N LYS A 461 32.87 -16.49 -43.43
CA LYS A 461 32.58 -16.75 -44.82
C LYS A 461 33.41 -17.90 -45.39
N ALA A 462 34.65 -18.00 -44.97
CA ALA A 462 35.49 -19.07 -45.47
C ALA A 462 34.86 -20.38 -45.02
N LEU A 463 34.52 -20.43 -43.72
CA LEU A 463 33.92 -21.58 -43.03
C LEU A 463 32.50 -22.03 -43.41
N TYR A 464 31.54 -21.11 -43.34
CA TYR A 464 30.14 -21.40 -43.64
C TYR A 464 29.75 -21.21 -45.09
N SER A 465 30.51 -20.38 -45.80
CA SER A 465 30.28 -20.04 -47.21
C SER A 465 28.96 -19.32 -47.54
N ASP A 466 27.85 -19.68 -46.90
CA ASP A 466 26.54 -19.03 -47.17
C ASP A 466 26.06 -18.42 -45.87
N ILE A 467 25.73 -17.14 -45.89
CA ILE A 467 25.27 -16.49 -44.66
C ILE A 467 24.02 -17.26 -44.16
N ASP A 468 23.18 -17.70 -45.10
CA ASP A 468 21.97 -18.47 -44.78
C ASP A 468 22.24 -19.89 -44.22
N VAL A 469 23.41 -20.12 -43.63
CA VAL A 469 23.75 -21.43 -43.08
C VAL A 469 24.45 -21.17 -41.75
N MET A 470 24.70 -19.89 -41.50
CA MET A 470 25.34 -19.46 -40.29
C MET A 470 24.43 -19.93 -39.13
N GLU A 471 25.05 -20.55 -38.14
CA GLU A 471 24.39 -21.10 -36.96
C GLU A 471 24.02 -20.08 -35.91
N LEU A 472 22.93 -20.32 -35.19
CA LEU A 472 22.45 -19.38 -34.15
C LEU A 472 23.38 -19.06 -32.99
N TYR A 473 23.91 -20.06 -32.30
CA TYR A 473 24.80 -19.76 -31.18
C TYR A 473 26.05 -18.90 -31.56
N PRO A 474 26.93 -19.40 -32.48
CA PRO A 474 28.12 -18.65 -32.89
C PRO A 474 27.84 -17.22 -33.28
N ALA A 475 26.85 -17.02 -34.14
CA ALA A 475 26.49 -15.69 -34.61
C ALA A 475 26.04 -14.74 -33.51
N LEU A 476 25.56 -15.30 -32.41
CA LEU A 476 25.09 -14.46 -31.31
C LEU A 476 26.26 -13.84 -30.62
N LEU A 477 27.36 -14.61 -30.51
CA LEU A 477 28.57 -14.16 -29.84
C LEU A 477 29.51 -13.37 -30.76
N VAL A 478 29.44 -13.68 -32.06
CA VAL A 478 30.23 -13.02 -33.11
C VAL A 478 29.26 -12.10 -33.83
N GLU A 479 28.77 -11.06 -33.16
CA GLU A 479 27.78 -10.17 -33.75
C GLU A 479 28.03 -8.74 -33.33
N LYS A 480 27.82 -7.81 -34.26
CA LYS A 480 28.04 -6.40 -33.99
C LYS A 480 27.18 -5.94 -32.83
N PRO A 481 27.80 -5.54 -31.75
CA PRO A 481 26.93 -5.10 -30.66
C PRO A 481 26.34 -3.76 -31.00
N ARG A 482 25.23 -3.44 -30.36
CA ARG A 482 24.60 -2.12 -30.52
C ARG A 482 25.68 -1.26 -29.86
N PRO A 483 25.73 0.03 -30.19
CA PRO A 483 26.69 1.02 -29.65
C PRO A 483 27.63 0.57 -28.53
N ASP A 484 27.40 0.98 -27.29
CA ASP A 484 28.31 0.54 -26.24
C ASP A 484 27.57 -0.46 -25.42
N ALA A 485 26.99 -1.42 -26.13
CA ALA A 485 26.17 -2.45 -25.53
C ALA A 485 26.87 -3.77 -25.50
N ILE A 486 26.30 -4.68 -24.72
CA ILE A 486 26.83 -6.01 -24.52
C ILE A 486 26.41 -7.04 -25.57
N PHE A 487 25.19 -6.91 -26.13
CA PHE A 487 24.73 -7.85 -27.16
C PHE A 487 24.23 -7.09 -28.37
N GLY A 488 23.88 -7.83 -29.43
CA GLY A 488 23.33 -7.22 -30.64
C GLY A 488 21.83 -7.42 -30.77
N GLU A 489 21.27 -7.06 -31.91
CA GLU A 489 19.83 -7.22 -32.18
C GLU A 489 19.31 -8.66 -31.91
N THR A 490 19.86 -9.66 -32.57
CA THR A 490 19.43 -11.02 -32.37
C THR A 490 19.28 -11.45 -30.93
N MET A 491 20.29 -11.22 -30.11
CA MET A 491 20.22 -11.60 -28.69
C MET A 491 19.08 -10.89 -27.96
N VAL A 492 18.95 -9.59 -28.15
CA VAL A 492 17.90 -8.87 -27.46
C VAL A 492 16.51 -9.21 -28.01
N GLU A 493 16.42 -9.45 -29.31
CA GLU A 493 15.15 -9.71 -29.93
C GLU A 493 14.56 -11.12 -29.76
N LEU A 494 15.40 -12.12 -29.60
CA LEU A 494 14.88 -13.48 -29.36
C LEU A 494 14.68 -13.62 -27.83
N GLY A 495 15.76 -13.43 -27.07
CA GLY A 495 15.66 -13.54 -25.64
C GLY A 495 14.62 -12.67 -24.98
N ALA A 496 14.41 -11.45 -25.46
CA ALA A 496 13.44 -10.61 -24.80
C ALA A 496 12.06 -11.29 -24.71
N PRO A 497 11.45 -11.70 -25.86
CA PRO A 497 10.13 -12.37 -25.90
C PRO A 497 10.07 -13.58 -24.95
N PHE A 498 11.14 -14.35 -24.91
CA PHE A 498 11.24 -15.53 -24.05
C PHE A 498 11.26 -15.13 -22.57
N SER A 499 12.15 -14.21 -22.21
CA SER A 499 12.33 -13.78 -20.82
C SER A 499 11.14 -13.16 -20.17
N LEU A 500 10.40 -12.40 -20.96
CA LEU A 500 9.21 -11.71 -20.44
C LEU A 500 7.98 -12.65 -20.26
N LYS A 501 7.84 -13.64 -21.15
CA LYS A 501 6.74 -14.56 -21.02
C LYS A 501 6.94 -15.41 -19.74
N GLY A 502 8.13 -15.92 -19.52
CA GLY A 502 8.34 -16.75 -18.33
C GLY A 502 8.21 -16.01 -17.02
N LEU A 503 8.43 -14.70 -17.08
CA LEU A 503 8.39 -13.84 -15.92
C LEU A 503 6.96 -13.43 -15.66
N MET A 504 6.24 -13.04 -16.71
CA MET A 504 4.88 -12.60 -16.56
C MET A 504 3.87 -13.75 -16.65
N GLY A 505 4.31 -14.89 -17.16
CA GLY A 505 3.42 -16.03 -17.28
C GLY A 505 3.65 -16.90 -16.05
N ASN A 506 3.61 -16.27 -14.88
CA ASN A 506 3.83 -16.97 -13.62
C ASN A 506 2.50 -16.83 -12.91
N PRO A 507 2.00 -17.90 -12.26
CA PRO A 507 0.71 -17.74 -11.60
C PRO A 507 0.57 -16.62 -10.60
N ILE A 508 1.63 -16.25 -9.88
CA ILE A 508 1.44 -15.20 -8.87
C ILE A 508 1.01 -13.88 -9.50
N CYS A 509 1.19 -13.79 -10.82
CA CYS A 509 0.85 -12.60 -11.62
C CYS A 509 -0.59 -12.60 -12.12
N SER A 510 -1.26 -13.73 -11.93
CA SER A 510 -2.61 -13.85 -12.39
C SER A 510 -3.58 -13.15 -11.44
N PRO A 511 -4.61 -12.49 -11.97
CA PRO A 511 -5.59 -11.77 -11.15
C PRO A 511 -6.01 -12.47 -9.85
N GLN A 512 -6.05 -13.80 -9.85
CA GLN A 512 -6.49 -14.52 -8.67
C GLN A 512 -5.44 -14.56 -7.60
N TYR A 513 -4.19 -14.55 -8.05
CA TYR A 513 -3.07 -14.60 -7.14
C TYR A 513 -2.64 -13.23 -6.74
N TRP A 514 -2.57 -12.30 -7.68
CA TRP A 514 -2.09 -10.96 -7.37
C TRP A 514 -2.97 -10.20 -6.41
N LYS A 515 -2.90 -10.56 -5.14
CA LYS A 515 -3.66 -9.87 -4.11
C LYS A 515 -2.95 -10.10 -2.78
N PRO A 516 -3.01 -9.08 -1.91
CA PRO A 516 -2.38 -9.12 -0.61
C PRO A 516 -2.43 -10.42 0.15
N SER A 517 -3.62 -10.91 0.46
CA SER A 517 -3.74 -12.11 1.24
C SER A 517 -2.92 -13.26 0.71
N THR A 518 -2.69 -13.30 -0.59
CA THR A 518 -1.88 -14.35 -1.20
C THR A 518 -0.51 -14.41 -0.56
N PHE A 519 -0.03 -13.24 -0.13
CA PHE A 519 1.30 -13.08 0.44
C PHE A 519 1.35 -12.92 1.98
N GLY A 520 0.23 -13.09 2.64
CA GLY A 520 0.24 -12.94 4.07
C GLY A 520 -0.22 -11.56 4.51
N GLY A 521 -0.74 -10.78 3.59
CA GLY A 521 -1.23 -9.48 3.99
C GLY A 521 -0.69 -8.37 3.14
N GLU A 522 -0.95 -7.13 3.56
CA GLU A 522 -0.45 -5.98 2.84
C GLU A 522 1.06 -5.77 3.13
N VAL A 523 1.55 -6.36 4.23
CA VAL A 523 2.96 -6.26 4.59
C VAL A 523 3.87 -7.10 3.72
N GLY A 524 3.44 -8.33 3.43
CA GLY A 524 4.24 -9.22 2.61
C GLY A 524 4.20 -8.77 1.18
N PHE A 525 3.14 -8.05 0.83
CA PHE A 525 2.95 -7.56 -0.52
C PHE A 525 3.91 -6.40 -0.80
N LYS A 526 4.37 -5.74 0.26
CA LYS A 526 5.30 -4.63 0.10
C LYS A 526 6.64 -5.22 -0.18
N ILE A 527 6.99 -6.25 0.59
CA ILE A 527 8.25 -6.95 0.41
C ILE A 527 8.46 -7.15 -1.11
N ILE A 528 7.45 -7.70 -1.79
CA ILE A 528 7.52 -7.89 -3.24
C ILE A 528 7.58 -6.56 -3.97
N ASN A 529 6.66 -5.67 -3.64
CA ASN A 529 6.59 -4.39 -4.33
C ASN A 529 7.67 -3.37 -4.06
N THR A 530 8.60 -3.67 -3.16
CA THR A 530 9.69 -2.74 -2.86
C THR A 530 11.07 -3.42 -2.99
N ALA A 531 11.07 -4.60 -3.60
CA ALA A 531 12.30 -5.36 -3.78
C ALA A 531 13.25 -4.81 -4.83
N SER A 532 14.53 -4.86 -4.51
CA SER A 532 15.59 -4.38 -5.40
C SER A 532 16.76 -5.29 -5.07
N ILE A 533 17.80 -5.28 -5.88
CA ILE A 533 18.93 -6.12 -5.59
C ILE A 533 19.67 -5.50 -4.42
N GLN A 534 19.62 -4.18 -4.34
CA GLN A 534 20.27 -3.46 -3.24
C GLN A 534 19.63 -3.81 -1.91
N SER A 535 18.30 -3.91 -1.91
CA SER A 535 17.56 -4.27 -0.71
C SER A 535 17.87 -5.71 -0.34
N LEU A 536 17.92 -6.59 -1.35
CA LEU A 536 18.21 -8.01 -1.10
C LEU A 536 19.54 -8.16 -0.38
N ILE A 537 20.55 -7.45 -0.86
CA ILE A 537 21.85 -7.52 -0.24
C ILE A 537 21.87 -6.78 1.09
N CYS A 538 21.31 -5.56 1.16
CA CYS A 538 21.31 -4.79 2.41
C CYS A 538 20.76 -5.57 3.57
N ASN A 539 19.65 -6.25 3.34
CA ASN A 539 18.96 -7.00 4.37
C ASN A 539 19.56 -8.27 4.81
N ASN A 540 20.36 -8.88 3.95
CA ASN A 540 20.97 -10.16 4.27
C ASN A 540 22.49 -10.20 4.33
N VAL A 541 23.15 -9.11 3.95
CA VAL A 541 24.61 -9.08 3.98
C VAL A 541 25.08 -8.18 5.12
N LYS A 542 26.07 -8.70 5.86
CA LYS A 542 26.66 -8.06 7.02
C LYS A 542 26.69 -6.54 7.17
N GLY A 543 27.14 -5.80 6.19
CA GLY A 543 27.18 -4.36 6.42
C GLY A 543 26.40 -3.50 5.45
N CYS A 544 25.46 -4.07 4.72
CA CYS A 544 24.70 -3.33 3.71
C CYS A 544 25.61 -2.88 2.62
N PRO A 545 26.40 -3.82 2.11
CA PRO A 545 27.31 -3.45 1.03
C PRO A 545 26.48 -2.85 -0.10
N PHE A 546 26.95 -1.74 -0.68
CA PHE A 546 26.27 -1.11 -1.80
C PHE A 546 26.43 -2.10 -2.95
N THR A 547 25.42 -2.24 -3.82
CA THR A 547 25.56 -3.18 -4.90
C THR A 547 24.94 -2.60 -6.14
N SER A 548 25.10 -3.36 -7.23
CA SER A 548 24.56 -3.01 -8.53
C SER A 548 25.02 -4.07 -9.51
N PHE A 549 24.36 -4.09 -10.67
CA PHE A 549 24.67 -5.05 -11.71
C PHE A 549 25.57 -4.32 -12.66
N ASN A 550 25.81 -3.07 -12.32
CA ASN A 550 26.66 -2.20 -13.11
C ASN A 550 27.91 -1.80 -12.33
N VAL A 551 29.07 -1.83 -13.00
CA VAL A 551 30.32 -1.45 -12.36
C VAL A 551 30.43 0.06 -12.53
N GLN A 552 30.29 0.72 -11.40
CA GLN A 552 30.34 2.17 -11.22
C GLN A 552 30.26 3.01 -12.48
N ALA B 1 -10.78 -23.04 16.06
CA ALA B 1 -10.20 -21.78 16.61
C ALA B 1 -9.84 -20.81 15.48
N ASN B 2 -9.67 -21.34 14.27
CA ASN B 2 -9.34 -20.45 13.18
C ASN B 2 -10.49 -19.47 13.02
N PRO B 3 -10.21 -18.16 13.13
CA PRO B 3 -11.18 -17.06 13.01
C PRO B 3 -11.85 -16.99 11.62
N CYS B 4 -11.40 -17.83 10.69
CA CYS B 4 -11.99 -17.85 9.36
C CYS B 4 -12.91 -19.03 9.26
N CYS B 5 -12.94 -19.87 10.29
CA CYS B 5 -13.83 -21.02 10.31
C CYS B 5 -15.25 -20.61 9.95
N SER B 6 -15.68 -19.47 10.45
CA SER B 6 -17.03 -19.01 10.16
C SER B 6 -17.24 -18.64 8.71
N ASN B 7 -16.23 -18.81 7.86
CA ASN B 7 -16.34 -18.47 6.41
C ASN B 7 -16.97 -17.10 6.23
N PRO B 8 -16.46 -16.09 6.94
CA PRO B 8 -16.98 -14.72 6.88
C PRO B 8 -16.88 -13.87 5.60
N CYS B 9 -16.01 -14.23 4.66
CA CYS B 9 -15.84 -13.39 3.48
C CYS B 9 -16.81 -13.66 2.36
N GLN B 10 -17.58 -12.65 2.04
CA GLN B 10 -18.58 -12.80 1.01
C GLN B 10 -18.12 -12.35 -0.39
N ASN B 11 -18.94 -12.63 -1.39
CA ASN B 11 -18.69 -12.27 -2.76
C ASN B 11 -17.32 -12.63 -3.33
N ARG B 12 -16.79 -13.73 -2.82
CA ARG B 12 -15.52 -14.29 -3.27
C ARG B 12 -14.24 -13.72 -2.64
N GLY B 13 -14.42 -12.80 -1.69
CA GLY B 13 -13.29 -12.24 -0.99
C GLY B 13 -12.62 -13.37 -0.22
N GLU B 14 -11.32 -13.26 0.00
CA GLU B 14 -10.56 -14.29 0.71
C GLU B 14 -10.37 -13.97 2.18
N CYS B 15 -10.45 -14.99 3.02
CA CYS B 15 -10.29 -14.75 4.45
C CYS B 15 -8.85 -15.01 4.86
N MET B 16 -8.30 -14.03 5.54
CA MET B 16 -6.96 -14.16 6.04
C MET B 16 -7.11 -13.91 7.51
N SER B 17 -6.51 -14.78 8.32
CA SER B 17 -6.53 -14.61 9.76
C SER B 17 -5.40 -13.62 10.08
N THR B 18 -5.72 -12.57 10.84
CA THR B 18 -4.71 -11.58 11.23
C THR B 18 -4.61 -11.54 12.76
N GLY B 19 -4.57 -12.69 13.42
CA GLY B 19 -4.49 -12.60 14.86
C GLY B 19 -4.53 -13.83 15.72
N PHE B 20 -5.63 -14.56 15.70
CA PHE B 20 -5.80 -15.77 16.51
C PHE B 20 -7.29 -15.93 16.62
N ASP B 21 -7.92 -14.79 16.91
CA ASP B 21 -9.37 -14.68 17.02
C ASP B 21 -9.77 -13.44 16.21
N GLN B 22 -9.00 -13.15 15.18
CA GLN B 22 -9.22 -11.98 14.35
C GLN B 22 -8.96 -12.40 12.90
N TYR B 23 -9.70 -11.83 11.95
CA TYR B 23 -9.50 -12.19 10.55
C TYR B 23 -9.55 -10.97 9.67
N LYS B 24 -9.60 -11.16 8.35
CA LYS B 24 -9.64 -10.03 7.46
C LYS B 24 -9.97 -10.54 6.08
N CYS B 25 -10.80 -9.78 5.35
CA CYS B 25 -11.21 -10.16 4.00
C CYS B 25 -10.52 -9.41 2.87
N ASP B 26 -9.94 -10.17 1.95
CA ASP B 26 -9.30 -9.59 0.80
C ASP B 26 -10.36 -9.54 -0.29
N CYS B 27 -11.09 -8.44 -0.29
CA CYS B 27 -12.14 -8.18 -1.25
C CYS B 27 -11.55 -7.69 -2.56
N THR B 28 -10.37 -8.15 -2.94
CA THR B 28 -9.80 -7.62 -4.17
C THR B 28 -10.55 -8.04 -5.43
N ARG B 29 -10.95 -7.04 -6.21
CA ARG B 29 -11.66 -7.29 -7.45
C ARG B 29 -13.00 -7.99 -7.26
N THR B 30 -13.44 -8.16 -6.02
CA THR B 30 -14.72 -8.83 -5.79
C THR B 30 -15.91 -7.96 -6.28
N GLY B 31 -15.70 -6.66 -6.32
CA GLY B 31 -16.76 -5.77 -6.73
C GLY B 31 -17.50 -5.29 -5.52
N PHE B 32 -17.04 -5.70 -4.35
CA PHE B 32 -17.65 -5.32 -3.10
C PHE B 32 -16.58 -4.94 -2.13
N TYR B 33 -16.88 -4.01 -1.23
CA TYR B 33 -15.98 -3.60 -0.17
C TYR B 33 -16.70 -3.86 1.16
N GLY B 34 -16.19 -3.29 2.25
CA GLY B 34 -16.81 -3.53 3.55
C GLY B 34 -16.19 -4.73 4.23
N GLU B 35 -16.35 -4.85 5.55
CA GLU B 35 -15.72 -5.94 6.30
C GLU B 35 -15.74 -7.33 5.68
N ASN B 36 -16.86 -7.71 5.08
CA ASN B 36 -16.98 -9.05 4.50
C ASN B 36 -17.22 -9.08 2.99
N CYS B 37 -16.70 -8.08 2.29
CA CYS B 37 -16.85 -7.96 0.85
C CYS B 37 -18.31 -7.99 0.54
N THR B 38 -19.09 -7.31 1.38
CA THR B 38 -20.53 -7.25 1.22
C THR B 38 -21.06 -6.00 0.58
N THR B 39 -20.59 -4.83 1.02
CA THR B 39 -21.14 -3.62 0.42
C THR B 39 -20.68 -3.44 -1.02
N PRO B 40 -21.61 -3.62 -1.97
CA PRO B 40 -21.35 -3.50 -3.39
C PRO B 40 -20.88 -2.15 -3.80
N GLU B 41 -20.07 -2.12 -4.85
CA GLU B 41 -19.60 -0.87 -5.40
C GLU B 41 -20.75 -0.47 -6.30
N PHE B 42 -20.91 0.81 -6.57
CA PHE B 42 -22.03 1.26 -7.40
C PHE B 42 -22.25 0.48 -8.67
N LEU B 43 -21.21 0.31 -9.47
CA LEU B 43 -21.36 -0.45 -10.70
C LEU B 43 -21.89 -1.86 -10.46
N THR B 44 -21.46 -2.48 -9.35
CA THR B 44 -21.93 -3.82 -9.00
C THR B 44 -23.44 -3.72 -8.93
N ARG B 45 -23.93 -2.76 -8.14
CA ARG B 45 -25.37 -2.55 -8.00
C ARG B 45 -26.08 -2.65 -9.34
N ILE B 46 -25.59 -1.92 -10.34
CA ILE B 46 -26.17 -1.93 -11.69
C ILE B 46 -26.27 -3.35 -12.26
N LYS B 47 -25.14 -4.04 -12.32
CA LYS B 47 -25.06 -5.40 -12.84
C LYS B 47 -26.07 -6.28 -12.15
N LEU B 48 -26.02 -6.31 -10.81
CA LEU B 48 -26.91 -7.12 -9.98
C LEU B 48 -28.37 -6.92 -10.34
N LEU B 49 -28.81 -5.66 -10.34
CA LEU B 49 -30.19 -5.31 -10.70
C LEU B 49 -30.32 -5.29 -12.22
N LEU B 50 -30.04 -6.40 -12.86
CA LEU B 50 -30.12 -6.46 -14.30
C LEU B 50 -29.77 -7.86 -14.76
N LYS B 51 -29.23 -8.66 -13.85
CA LYS B 51 -28.85 -10.02 -14.17
C LYS B 51 -29.94 -10.97 -13.77
N PRO B 52 -30.55 -11.65 -14.76
CA PRO B 52 -31.62 -12.60 -14.45
C PRO B 52 -31.09 -13.74 -13.58
N THR B 53 -31.98 -14.60 -13.11
CA THR B 53 -31.53 -15.70 -12.27
C THR B 53 -31.45 -16.94 -13.13
N PRO B 54 -30.62 -17.91 -12.72
CA PRO B 54 -30.41 -19.18 -13.42
C PRO B 54 -31.68 -19.83 -13.88
N ASN B 55 -32.77 -19.57 -13.16
CA ASN B 55 -34.04 -20.16 -13.53
C ASN B 55 -34.77 -19.34 -14.59
N THR B 56 -34.67 -18.02 -14.53
CA THR B 56 -35.34 -17.25 -15.53
C THR B 56 -34.54 -17.46 -16.81
N VAL B 57 -33.23 -17.48 -16.65
CA VAL B 57 -32.33 -17.66 -17.78
C VAL B 57 -32.70 -19.03 -18.36
N HIS B 58 -32.68 -20.03 -17.50
CA HIS B 58 -33.03 -21.38 -17.91
C HIS B 58 -34.38 -21.39 -18.63
N TYR B 59 -35.34 -20.63 -18.11
CA TYR B 59 -36.66 -20.58 -18.68
C TYR B 59 -36.55 -20.19 -20.15
N ILE B 60 -35.99 -19.03 -20.43
CA ILE B 60 -35.90 -18.58 -21.79
C ILE B 60 -35.24 -19.62 -22.67
N LEU B 61 -34.13 -20.18 -22.20
CA LEU B 61 -33.42 -21.19 -22.97
C LEU B 61 -34.23 -22.45 -23.24
N THR B 62 -35.20 -22.70 -22.36
CA THR B 62 -36.05 -23.86 -22.43
C THR B 62 -37.35 -23.63 -23.19
N HIS B 63 -37.78 -22.37 -23.23
CA HIS B 63 -39.00 -22.06 -23.91
C HIS B 63 -38.72 -21.33 -25.21
N PHE B 64 -39.76 -20.78 -25.83
CA PHE B 64 -39.62 -20.01 -27.04
C PHE B 64 -38.96 -20.74 -28.20
N LYS B 65 -39.19 -22.05 -28.32
CA LYS B 65 -38.57 -22.84 -29.39
C LYS B 65 -38.49 -22.13 -30.74
N GLY B 66 -39.58 -21.53 -31.14
CA GLY B 66 -39.61 -20.85 -32.42
C GLY B 66 -38.59 -19.75 -32.51
N VAL B 67 -38.57 -18.90 -31.50
CA VAL B 67 -37.61 -17.79 -31.49
C VAL B 67 -36.21 -18.38 -31.64
N TRP B 68 -35.93 -19.41 -30.86
CA TRP B 68 -34.64 -20.08 -30.91
C TRP B 68 -34.32 -20.64 -32.30
N ASN B 69 -35.34 -21.17 -32.99
CA ASN B 69 -35.12 -21.71 -34.32
C ASN B 69 -34.66 -20.64 -35.27
N ILE B 70 -34.99 -19.39 -34.96
CA ILE B 70 -34.60 -18.26 -35.80
C ILE B 70 -33.16 -17.92 -35.40
N VAL B 71 -32.94 -17.73 -34.11
CA VAL B 71 -31.62 -17.42 -33.58
C VAL B 71 -30.56 -18.45 -34.01
N ASN B 72 -30.93 -19.72 -34.00
CA ASN B 72 -30.04 -20.80 -34.40
C ASN B 72 -29.68 -20.79 -35.86
N ASN B 73 -30.36 -19.94 -36.63
CA ASN B 73 -30.12 -19.85 -38.06
C ASN B 73 -29.47 -18.55 -38.53
N ILE B 74 -29.15 -17.70 -37.56
CA ILE B 74 -28.48 -16.44 -37.82
C ILE B 74 -27.11 -16.56 -37.12
N PRO B 75 -26.11 -17.11 -37.82
CA PRO B 75 -24.74 -17.34 -37.41
C PRO B 75 -24.16 -16.35 -36.39
N PHE B 76 -24.24 -15.07 -36.73
CA PHE B 76 -23.72 -13.99 -35.88
C PHE B 76 -24.27 -14.16 -34.48
N LEU B 77 -25.58 -14.16 -34.40
CA LEU B 77 -26.27 -14.30 -33.15
C LEU B 77 -25.86 -15.55 -32.39
N ARG B 78 -25.87 -16.68 -33.09
CA ARG B 78 -25.50 -17.95 -32.47
C ARG B 78 -24.08 -17.90 -31.88
N SER B 79 -23.14 -17.33 -32.63
CA SER B 79 -21.79 -17.18 -32.18
C SER B 79 -21.79 -16.18 -31.03
N LEU B 80 -22.62 -15.17 -31.17
CA LEU B 80 -22.76 -14.13 -30.19
C LEU B 80 -23.25 -14.75 -28.88
N ILE B 81 -24.16 -15.69 -28.95
CA ILE B 81 -24.71 -16.32 -27.73
C ILE B 81 -23.71 -17.30 -27.15
N MET B 82 -23.24 -18.23 -27.96
CA MET B 82 -22.30 -19.24 -27.51
C MET B 82 -21.06 -18.56 -26.86
N LYS B 83 -20.57 -17.53 -27.51
CA LYS B 83 -19.42 -16.75 -27.01
C LYS B 83 -19.71 -16.25 -25.61
N TYR B 84 -20.92 -15.80 -25.37
CA TYR B 84 -21.23 -15.32 -24.04
C TYR B 84 -21.45 -16.48 -23.05
N VAL B 85 -22.09 -17.56 -23.46
CA VAL B 85 -22.23 -18.62 -22.47
C VAL B 85 -20.83 -19.09 -22.16
N LEU B 86 -20.00 -19.17 -23.19
CA LEU B 86 -18.62 -19.64 -23.07
C LEU B 86 -17.77 -18.76 -22.15
N THR B 87 -17.88 -17.44 -22.29
CA THR B 87 -17.11 -16.55 -21.44
C THR B 87 -17.63 -16.41 -20.00
N SER B 88 -18.92 -16.15 -19.84
CA SER B 88 -19.55 -15.99 -18.51
C SER B 88 -19.42 -17.21 -17.65
N ARG B 89 -19.53 -18.39 -18.26
CA ARG B 89 -19.43 -19.66 -17.55
C ARG B 89 -18.03 -19.76 -17.01
N SER B 90 -17.08 -19.69 -17.92
CA SER B 90 -15.69 -19.76 -17.58
C SER B 90 -15.21 -18.78 -16.48
N TYR B 91 -15.72 -17.55 -16.44
CA TYR B 91 -15.21 -16.62 -15.44
C TYR B 91 -15.47 -17.05 -14.02
N LEU B 92 -16.14 -18.19 -13.86
CA LEU B 92 -16.47 -18.71 -12.52
C LEU B 92 -15.44 -19.70 -12.05
N ILE B 93 -14.40 -19.94 -12.84
CA ILE B 93 -13.35 -20.90 -12.50
C ILE B 93 -11.98 -20.28 -12.35
N ASP B 94 -11.35 -20.49 -11.19
CA ASP B 94 -10.01 -19.93 -10.93
C ASP B 94 -8.98 -20.57 -11.84
N SER B 95 -8.43 -19.78 -12.75
CA SER B 95 -7.44 -20.33 -13.68
C SER B 95 -6.40 -19.25 -13.92
N PRO B 96 -5.15 -19.44 -13.45
CA PRO B 96 -4.58 -20.56 -12.71
C PRO B 96 -5.28 -20.94 -11.42
N PRO B 97 -5.27 -22.26 -11.12
CA PRO B 97 -5.86 -22.91 -9.95
C PRO B 97 -5.32 -22.46 -8.59
N THR B 98 -6.17 -22.62 -7.58
CA THR B 98 -5.85 -22.24 -6.21
C THR B 98 -6.45 -23.32 -5.32
N TYR B 99 -5.95 -23.49 -4.11
CA TYR B 99 -6.56 -24.47 -3.13
C TYR B 99 -6.73 -25.93 -3.48
N ASN B 100 -6.54 -26.76 -2.46
CA ASN B 100 -6.73 -28.17 -2.62
C ASN B 100 -6.98 -28.77 -1.26
N VAL B 101 -7.18 -30.07 -1.22
CA VAL B 101 -7.45 -30.78 0.02
C VAL B 101 -6.61 -30.29 1.16
N HIS B 102 -5.31 -30.15 0.90
CA HIS B 102 -4.35 -29.74 1.91
C HIS B 102 -4.18 -28.24 2.05
N TYR B 103 -4.60 -27.45 1.07
CA TYR B 103 -4.35 -26.04 1.17
C TYR B 103 -5.53 -25.15 1.09
N GLY B 104 -5.78 -24.42 2.16
CA GLY B 104 -6.90 -23.50 2.18
C GLY B 104 -6.39 -22.15 1.78
N TYR B 105 -5.12 -22.12 1.41
CA TYR B 105 -4.46 -20.90 1.00
C TYR B 105 -3.69 -21.21 -0.25
N LYS B 106 -3.59 -20.19 -1.11
CA LYS B 106 -2.95 -20.26 -2.40
C LYS B 106 -1.72 -21.16 -2.62
N SER B 107 -0.66 -20.99 -1.84
CA SER B 107 0.54 -21.82 -1.93
C SER B 107 1.08 -22.36 -3.30
N TRP B 108 2.41 -22.42 -3.44
CA TRP B 108 3.05 -22.88 -4.68
C TRP B 108 2.90 -24.37 -4.77
N GLU B 109 2.79 -25.04 -3.61
CA GLU B 109 2.63 -26.50 -3.57
C GLU B 109 1.26 -26.83 -4.17
N ALA B 110 0.29 -26.04 -3.79
CA ALA B 110 -1.05 -26.19 -4.30
C ALA B 110 -1.01 -26.01 -5.80
N PHE B 111 -0.40 -24.91 -6.26
CA PHE B 111 -0.36 -24.66 -7.70
C PHE B 111 0.39 -25.64 -8.56
N SER B 112 1.59 -25.99 -8.12
CA SER B 112 2.44 -26.89 -8.89
C SER B 112 2.14 -28.35 -8.82
N ASN B 113 1.60 -28.83 -7.68
CA ASN B 113 1.34 -30.26 -7.53
C ASN B 113 0.11 -30.74 -8.25
N LEU B 114 0.36 -31.32 -9.43
CA LEU B 114 -0.67 -31.85 -10.32
C LEU B 114 -1.36 -33.13 -9.85
N SER B 115 -0.89 -33.69 -8.74
CA SER B 115 -1.46 -34.93 -8.21
C SER B 115 -2.72 -34.69 -7.41
N TYR B 116 -2.97 -33.45 -7.05
CA TYR B 116 -4.19 -33.09 -6.34
C TYR B 116 -5.28 -32.57 -7.30
N TYR B 117 -6.54 -32.84 -7.01
CA TYR B 117 -7.63 -32.28 -7.80
C TYR B 117 -7.67 -30.86 -7.20
N THR B 118 -7.98 -29.84 -7.96
CA THR B 118 -8.02 -28.53 -7.35
C THR B 118 -9.28 -28.36 -6.52
N ARG B 119 -9.53 -27.16 -6.02
CA ARG B 119 -10.69 -26.91 -5.19
C ARG B 119 -11.39 -25.63 -5.55
N ALA B 120 -12.71 -25.66 -5.71
CA ALA B 120 -13.46 -24.45 -6.07
C ALA B 120 -13.55 -23.59 -4.81
N LEU B 121 -13.63 -24.25 -3.67
CA LEU B 121 -13.69 -23.57 -2.41
C LEU B 121 -12.68 -24.25 -1.55
N PRO B 122 -12.04 -23.50 -0.64
CA PRO B 122 -11.06 -24.16 0.20
C PRO B 122 -11.66 -25.17 1.15
N PRO B 123 -10.82 -26.08 1.66
CA PRO B 123 -11.32 -27.06 2.60
C PRO B 123 -11.62 -26.30 3.91
N VAL B 124 -12.09 -27.01 4.91
CA VAL B 124 -12.41 -26.39 6.18
C VAL B 124 -11.23 -26.59 7.13
N ALA B 125 -10.85 -25.54 7.83
CA ALA B 125 -9.73 -25.62 8.72
C ALA B 125 -9.94 -26.78 9.69
N ASP B 126 -8.89 -27.56 9.91
CA ASP B 126 -9.00 -28.68 10.78
C ASP B 126 -9.33 -28.32 12.21
N ASP B 127 -9.04 -27.10 12.64
CA ASP B 127 -9.35 -26.77 14.02
C ASP B 127 -10.67 -26.00 14.20
N CYS B 128 -11.53 -26.08 13.19
CA CYS B 128 -12.84 -25.46 13.28
C CYS B 128 -13.65 -26.43 14.16
N PRO B 129 -14.61 -25.90 14.93
CA PRO B 129 -15.47 -26.67 15.84
C PRO B 129 -16.43 -27.66 15.26
N THR B 130 -17.17 -27.20 14.24
CA THR B 130 -18.17 -28.02 13.57
C THR B 130 -17.66 -28.31 12.16
N PRO B 131 -17.85 -29.56 11.69
CA PRO B 131 -17.41 -30.03 10.37
C PRO B 131 -17.77 -29.23 9.12
N MET B 132 -18.47 -28.11 9.28
CA MET B 132 -18.82 -27.27 8.15
C MET B 132 -18.34 -25.88 8.46
N GLY B 133 -17.56 -25.82 9.54
CA GLY B 133 -16.97 -24.58 10.01
C GLY B 133 -17.36 -24.26 11.44
N VAL B 134 -18.34 -23.37 11.54
CA VAL B 134 -18.81 -22.93 12.82
C VAL B 134 -20.26 -23.34 13.03
N LYS B 135 -21.05 -23.40 11.95
CA LYS B 135 -22.48 -23.76 11.97
C LYS B 135 -22.73 -25.25 12.04
N GLY B 136 -23.89 -25.63 12.59
CA GLY B 136 -24.22 -27.04 12.72
C GLY B 136 -23.76 -27.68 14.01
N ASN B 137 -23.86 -29.00 14.07
CA ASN B 137 -23.50 -29.82 15.22
C ASN B 137 -22.09 -30.40 15.12
N LYS B 138 -21.56 -30.88 16.24
CA LYS B 138 -20.23 -31.47 16.32
C LYS B 138 -19.95 -32.52 15.23
N GLU B 139 -21.01 -33.15 14.74
CA GLU B 139 -20.88 -34.16 13.68
C GLU B 139 -22.03 -34.02 12.70
N LEU B 140 -21.79 -34.37 11.44
CA LEU B 140 -22.83 -34.34 10.43
C LEU B 140 -23.68 -35.58 10.69
N PRO B 141 -24.89 -35.66 10.11
CA PRO B 141 -25.74 -36.82 10.31
C PRO B 141 -25.12 -38.06 9.68
N ASP B 142 -25.36 -39.22 10.26
CA ASP B 142 -24.83 -40.49 9.77
C ASP B 142 -25.13 -40.70 8.29
N SER B 143 -24.06 -40.79 7.51
CA SER B 143 -24.15 -40.99 6.07
C SER B 143 -25.12 -42.14 5.69
N LYS B 144 -25.11 -43.20 6.49
CA LYS B 144 -25.98 -44.36 6.22
C LYS B 144 -27.41 -43.89 6.32
N GLU B 145 -27.71 -43.10 7.34
CA GLU B 145 -29.06 -42.61 7.49
C GLU B 145 -29.42 -41.77 6.30
N VAL B 146 -28.58 -40.79 5.99
CA VAL B 146 -28.82 -39.89 4.85
C VAL B 146 -29.07 -40.72 3.58
N LEU B 147 -28.17 -41.68 3.33
CA LEU B 147 -28.20 -42.56 2.17
C LEU B 147 -29.57 -43.21 2.07
N GLU B 148 -29.92 -44.01 3.06
CA GLU B 148 -31.20 -44.71 3.10
C GLU B 148 -32.44 -43.80 3.06
N LYS B 149 -32.46 -42.80 3.93
CA LYS B 149 -33.61 -41.92 4.01
C LYS B 149 -34.01 -41.12 2.81
N VAL B 150 -33.05 -40.54 2.11
CA VAL B 150 -33.34 -39.72 0.92
C VAL B 150 -32.59 -40.07 -0.34
N LEU B 151 -31.69 -41.04 -0.29
CA LEU B 151 -30.94 -41.37 -1.49
C LEU B 151 -31.30 -42.69 -2.16
N LEU B 152 -31.36 -43.77 -1.39
CA LEU B 152 -31.67 -45.06 -1.99
C LEU B 152 -32.95 -45.11 -2.83
N ARG B 153 -32.91 -45.94 -3.86
CA ARG B 153 -34.01 -46.09 -4.81
C ARG B 153 -35.05 -47.10 -4.37
N ARG B 154 -36.31 -46.71 -4.47
CA ARG B 154 -37.42 -47.60 -4.15
C ARG B 154 -37.83 -48.10 -5.52
N GLU B 155 -38.66 -47.32 -6.20
CA GLU B 155 -39.13 -47.68 -7.52
C GLU B 155 -38.29 -46.85 -8.46
N PHE B 156 -37.83 -47.47 -9.53
CA PHE B 156 -37.01 -46.77 -10.50
C PHE B 156 -37.74 -45.56 -11.04
N ILE B 157 -37.09 -44.41 -10.94
CA ILE B 157 -37.66 -43.17 -11.48
C ILE B 157 -36.90 -42.81 -12.76
N PRO B 158 -37.53 -42.99 -13.92
CA PRO B 158 -36.86 -42.67 -15.17
C PRO B 158 -36.76 -41.18 -15.37
N ASP B 159 -35.73 -40.79 -16.11
CA ASP B 159 -35.50 -39.40 -16.38
C ASP B 159 -36.48 -38.82 -17.40
N PRO B 160 -37.19 -37.76 -16.99
CA PRO B 160 -38.16 -37.09 -17.86
C PRO B 160 -37.52 -36.46 -19.11
N GLN B 161 -36.23 -36.11 -19.03
CA GLN B 161 -35.52 -35.48 -20.16
C GLN B 161 -35.25 -36.45 -21.29
N GLY B 162 -35.16 -37.74 -20.98
CA GLY B 162 -34.96 -38.73 -22.02
C GLY B 162 -33.68 -39.51 -22.07
N SER B 163 -32.74 -39.19 -21.23
CA SER B 163 -31.45 -39.84 -21.24
C SER B 163 -31.52 -41.34 -21.34
N ASN B 164 -30.80 -41.89 -22.30
CA ASN B 164 -30.77 -43.33 -22.46
C ASN B 164 -29.44 -43.87 -21.99
N MET B 165 -29.24 -45.18 -22.15
CA MET B 165 -28.00 -45.85 -21.71
C MET B 165 -26.82 -45.59 -22.64
N MET B 166 -27.04 -44.78 -23.67
CA MET B 166 -25.99 -44.39 -24.59
C MET B 166 -25.42 -43.16 -23.94
N PHE B 167 -26.31 -42.29 -23.46
CA PHE B 167 -25.89 -41.10 -22.75
C PHE B 167 -25.20 -41.57 -21.49
N ALA B 168 -25.91 -42.33 -20.64
CA ALA B 168 -25.35 -42.80 -19.38
C ALA B 168 -23.93 -43.34 -19.45
N PHE B 169 -23.67 -44.28 -20.36
CA PHE B 169 -22.33 -44.86 -20.54
C PHE B 169 -21.27 -43.93 -21.20
N PHE B 170 -21.70 -42.98 -22.01
CA PHE B 170 -20.78 -42.04 -22.61
C PHE B 170 -20.28 -41.18 -21.47
N ALA B 171 -21.18 -40.67 -20.65
CA ALA B 171 -20.78 -39.84 -19.52
C ALA B 171 -19.79 -40.62 -18.64
N GLN B 172 -19.94 -41.93 -18.52
CA GLN B 172 -19.01 -42.72 -17.69
C GLN B 172 -17.63 -42.74 -18.33
N HIS B 173 -17.59 -43.21 -19.56
CA HIS B 173 -16.37 -43.31 -20.37
C HIS B 173 -15.68 -41.93 -20.50
N PHE B 174 -16.38 -40.92 -20.98
CA PHE B 174 -15.80 -39.59 -21.16
C PHE B 174 -15.17 -39.00 -19.91
N THR B 175 -15.96 -38.84 -18.84
CA THR B 175 -15.44 -38.27 -17.62
C THR B 175 -14.36 -39.11 -16.98
N HIS B 176 -14.30 -40.41 -17.29
CA HIS B 176 -13.29 -41.26 -16.68
C HIS B 176 -11.88 -41.15 -17.16
N GLN B 177 -11.61 -40.25 -18.09
CA GLN B 177 -10.25 -40.03 -18.52
C GLN B 177 -9.69 -39.08 -17.47
N PHE B 178 -10.50 -38.11 -17.05
CA PHE B 178 -10.06 -37.15 -16.04
C PHE B 178 -10.40 -37.46 -14.59
N PHE B 179 -11.50 -38.15 -14.32
CA PHE B 179 -11.86 -38.49 -12.96
C PHE B 179 -11.19 -39.83 -12.72
N LYS B 180 -10.06 -39.82 -12.02
CA LYS B 180 -9.32 -41.06 -11.73
C LYS B 180 -8.61 -41.00 -10.38
N THR B 181 -9.40 -40.96 -9.32
CA THR B 181 -8.87 -40.88 -7.98
C THR B 181 -7.79 -41.91 -7.70
N ASP B 182 -6.71 -41.45 -7.11
CA ASP B 182 -5.60 -42.31 -6.74
C ASP B 182 -5.92 -42.72 -5.29
N HIS B 183 -6.70 -43.78 -5.17
CA HIS B 183 -7.11 -44.27 -3.86
C HIS B 183 -6.03 -44.73 -2.93
N LYS B 184 -4.79 -44.63 -3.38
CA LYS B 184 -3.64 -45.02 -2.58
C LYS B 184 -3.17 -43.77 -1.86
N ARG B 185 -3.40 -42.60 -2.45
CA ARG B 185 -3.02 -41.34 -1.82
C ARG B 185 -4.20 -40.88 -0.97
N GLY B 186 -5.39 -40.97 -1.53
CA GLY B 186 -6.58 -40.56 -0.81
C GLY B 186 -7.49 -39.81 -1.76
N PRO B 187 -8.77 -39.58 -1.41
CA PRO B 187 -9.58 -38.83 -2.38
C PRO B 187 -8.91 -37.46 -2.36
N GLY B 188 -9.01 -36.70 -3.44
CA GLY B 188 -8.36 -35.42 -3.45
C GLY B 188 -7.13 -35.50 -4.32
N PHE B 189 -6.72 -36.72 -4.66
CA PHE B 189 -5.56 -36.99 -5.50
C PHE B 189 -6.01 -37.72 -6.73
N THR B 190 -5.55 -37.25 -7.89
CA THR B 190 -5.90 -37.78 -9.20
C THR B 190 -4.77 -38.48 -9.90
N ARG B 191 -5.09 -39.28 -10.90
CA ARG B 191 -4.04 -39.96 -11.66
C ARG B 191 -4.08 -39.46 -13.10
N GLY B 192 -5.07 -38.62 -13.40
CA GLY B 192 -5.16 -38.08 -14.76
C GLY B 192 -4.41 -36.78 -14.69
N LEU B 193 -3.08 -36.86 -14.68
CA LEU B 193 -2.30 -35.64 -14.61
C LEU B 193 -2.41 -34.81 -15.87
N GLY B 194 -3.24 -35.24 -16.81
CA GLY B 194 -3.44 -34.46 -18.01
C GLY B 194 -4.55 -33.44 -17.79
N HIS B 195 -5.17 -33.52 -16.62
CA HIS B 195 -6.29 -32.67 -16.20
C HIS B 195 -7.35 -32.27 -17.24
N GLY B 196 -7.68 -33.16 -18.16
CA GLY B 196 -8.69 -32.78 -19.12
C GLY B 196 -8.87 -33.79 -20.24
N VAL B 197 -9.44 -33.32 -21.35
CA VAL B 197 -9.71 -34.19 -22.47
C VAL B 197 -8.45 -34.47 -23.28
N ASP B 198 -7.63 -35.39 -22.80
CA ASP B 198 -6.39 -35.73 -23.51
C ASP B 198 -6.49 -37.11 -24.16
N LEU B 199 -7.59 -37.79 -23.88
CA LEU B 199 -7.87 -39.11 -24.42
C LEU B 199 -6.92 -40.19 -23.97
N ASN B 200 -6.53 -40.11 -22.70
CA ASN B 200 -5.62 -41.07 -22.15
C ASN B 200 -6.34 -42.40 -21.94
N HIS B 201 -7.67 -42.32 -21.85
CA HIS B 201 -8.48 -43.51 -21.64
C HIS B 201 -8.54 -44.39 -22.88
N ILE B 202 -7.96 -43.89 -23.95
CA ILE B 202 -7.87 -44.60 -25.22
C ILE B 202 -6.39 -44.92 -25.41
N TYR B 203 -5.55 -43.92 -25.21
CA TYR B 203 -4.12 -44.08 -25.46
C TYR B 203 -3.21 -44.47 -24.34
N GLY B 204 -3.67 -44.33 -23.10
CA GLY B 204 -2.79 -44.66 -22.01
C GLY B 204 -2.32 -43.38 -21.40
N GLU B 205 -2.15 -43.42 -20.09
CA GLU B 205 -1.72 -42.28 -19.32
C GLU B 205 -0.25 -42.04 -19.55
N THR B 206 0.50 -43.09 -19.86
CA THR B 206 1.93 -42.97 -20.04
C THR B 206 2.43 -43.52 -21.36
N LEU B 207 3.60 -43.03 -21.75
CA LEU B 207 4.26 -43.42 -23.00
C LEU B 207 4.48 -44.91 -23.10
N ASP B 208 4.85 -45.53 -22.00
CA ASP B 208 5.09 -46.96 -22.00
C ASP B 208 3.82 -47.65 -22.36
N ARG B 209 2.73 -47.27 -21.69
CA ARG B 209 1.39 -47.85 -21.90
C ARG B 209 1.02 -47.62 -23.35
N GLN B 210 0.94 -46.35 -23.72
CA GLN B 210 0.62 -46.02 -25.07
C GLN B 210 1.37 -46.91 -26.05
N HIS B 211 2.67 -47.02 -25.84
CA HIS B 211 3.52 -47.81 -26.73
C HIS B 211 3.17 -49.28 -26.81
N LYS B 212 2.67 -49.84 -25.71
CA LYS B 212 2.28 -51.25 -25.68
C LYS B 212 0.94 -51.43 -26.37
N LEU B 213 0.06 -50.44 -26.27
CA LEU B 213 -1.26 -50.51 -26.88
C LEU B 213 -1.17 -50.18 -28.37
N ARG B 214 0.00 -49.74 -28.82
CA ARG B 214 0.18 -49.36 -30.22
C ARG B 214 0.72 -50.42 -31.18
N LEU B 215 0.32 -50.32 -32.43
CA LEU B 215 0.69 -51.27 -33.47
C LEU B 215 1.99 -50.93 -34.16
N PHE B 216 2.19 -49.63 -34.37
CA PHE B 216 3.37 -49.11 -35.03
C PHE B 216 3.39 -49.34 -36.53
N LYS B 217 2.18 -49.31 -37.12
CA LYS B 217 1.94 -49.49 -38.54
C LYS B 217 0.78 -48.56 -38.88
N ASP B 218 0.99 -47.72 -39.87
CA ASP B 218 -0.05 -46.78 -40.33
C ASP B 218 -0.62 -45.89 -39.25
N GLY B 219 0.06 -45.82 -38.12
CA GLY B 219 -0.36 -44.99 -37.00
C GLY B 219 -1.41 -45.60 -36.12
N LYS B 220 -1.73 -46.87 -36.37
CA LYS B 220 -2.80 -47.63 -35.68
C LYS B 220 -2.58 -48.18 -34.30
N LEU B 221 -3.71 -48.35 -33.60
CA LEU B 221 -3.78 -48.86 -32.23
C LEU B 221 -3.86 -50.36 -32.39
N LYS B 222 -3.24 -51.10 -31.51
CA LYS B 222 -3.25 -52.56 -31.60
C LYS B 222 -4.71 -53.08 -31.51
N TYR B 223 -4.99 -54.26 -32.05
CA TYR B 223 -6.32 -54.79 -32.01
C TYR B 223 -6.40 -56.25 -32.45
N GLN B 224 -7.59 -56.82 -32.38
CA GLN B 224 -7.84 -58.19 -32.78
C GLN B 224 -9.24 -58.35 -33.40
N VAL B 225 -9.34 -59.27 -34.35
CA VAL B 225 -10.63 -59.52 -34.99
C VAL B 225 -11.25 -60.78 -34.39
N ILE B 226 -12.40 -60.60 -33.76
CA ILE B 226 -13.17 -61.67 -33.13
C ILE B 226 -14.48 -61.71 -33.92
N GLY B 227 -14.91 -62.90 -34.32
CA GLY B 227 -16.11 -62.99 -35.14
C GLY B 227 -15.60 -62.32 -36.39
N GLY B 228 -16.15 -61.16 -36.68
CA GLY B 228 -15.66 -60.41 -37.83
C GLY B 228 -15.41 -59.01 -37.32
N GLU B 229 -15.78 -58.77 -36.07
CA GLU B 229 -15.63 -57.46 -35.46
C GLU B 229 -14.24 -57.17 -34.91
N VAL B 230 -13.93 -55.87 -34.83
CA VAL B 230 -12.66 -55.42 -34.32
C VAL B 230 -12.81 -55.08 -32.85
N TYR B 231 -12.00 -55.71 -32.02
CA TYR B 231 -12.05 -55.47 -30.58
C TYR B 231 -10.65 -55.19 -30.07
N PRO B 232 -10.54 -54.60 -28.87
CA PRO B 232 -9.24 -54.27 -28.27
C PRO B 232 -8.44 -55.57 -28.14
N PRO B 233 -7.09 -55.48 -28.11
CA PRO B 233 -6.27 -56.69 -28.00
C PRO B 233 -6.28 -57.13 -26.56
N THR B 234 -5.68 -58.28 -26.34
CA THR B 234 -5.65 -58.83 -25.00
C THR B 234 -4.60 -58.24 -24.09
N VAL B 235 -4.71 -58.54 -22.80
CA VAL B 235 -3.75 -58.11 -21.81
C VAL B 235 -2.54 -59.02 -22.01
N LYS B 236 -2.78 -60.24 -22.48
CA LYS B 236 -1.72 -61.22 -22.69
C LYS B 236 -0.81 -60.80 -23.82
N ASP B 237 -1.42 -60.39 -24.93
CA ASP B 237 -0.64 -59.98 -26.07
C ASP B 237 0.08 -58.66 -25.86
N THR B 238 -0.65 -57.64 -25.43
CA THR B 238 -0.06 -56.32 -25.25
C THR B 238 0.79 -56.16 -24.02
N GLN B 239 0.29 -56.77 -22.94
CA GLN B 239 0.94 -56.71 -21.65
C GLN B 239 0.59 -55.46 -20.86
N VAL B 240 -0.46 -54.74 -21.24
CA VAL B 240 -0.81 -53.56 -20.46
C VAL B 240 -1.50 -54.01 -19.15
N GLU B 241 -1.39 -53.20 -18.10
CA GLU B 241 -1.99 -53.52 -16.81
C GLU B 241 -3.44 -53.09 -16.82
N MET B 242 -4.37 -54.06 -16.80
CA MET B 242 -5.80 -53.77 -16.75
C MET B 242 -6.32 -54.29 -15.43
N ILE B 243 -7.47 -53.79 -14.97
CA ILE B 243 -8.06 -54.28 -13.71
C ILE B 243 -9.17 -55.25 -14.05
N TYR B 244 -9.00 -56.52 -13.71
CA TYR B 244 -10.02 -57.52 -13.99
C TYR B 244 -10.13 -58.52 -12.86
N PRO B 245 -11.36 -59.01 -12.60
CA PRO B 245 -11.56 -59.99 -11.53
C PRO B 245 -10.82 -61.29 -11.93
N PRO B 246 -10.09 -61.90 -10.98
CA PRO B 246 -9.30 -63.13 -11.16
C PRO B 246 -9.89 -64.31 -11.95
N HIS B 247 -11.16 -64.23 -12.32
CA HIS B 247 -11.80 -65.32 -13.06
C HIS B 247 -12.05 -65.08 -14.54
N ILE B 248 -11.63 -63.93 -15.07
CA ILE B 248 -11.80 -63.62 -16.50
C ILE B 248 -10.89 -64.63 -17.19
N PRO B 249 -11.43 -65.45 -18.09
CA PRO B 249 -10.68 -66.51 -18.80
C PRO B 249 -9.52 -66.12 -19.69
N GLU B 250 -8.95 -64.92 -19.50
CA GLU B 250 -7.87 -64.43 -20.39
C GLU B 250 -8.73 -64.22 -21.65
N ASN B 251 -8.13 -63.98 -22.80
CA ASN B 251 -8.91 -63.84 -24.02
C ASN B 251 -10.15 -62.96 -24.02
N LEU B 252 -10.52 -62.46 -22.85
CA LEU B 252 -11.66 -61.60 -22.65
C LEU B 252 -11.18 -60.48 -21.76
N GLN B 253 -9.88 -60.52 -21.50
CA GLN B 253 -9.22 -59.48 -20.73
C GLN B 253 -8.74 -58.45 -21.79
N PHE B 254 -9.65 -57.59 -22.23
CA PHE B 254 -9.31 -56.61 -23.24
C PHE B 254 -8.36 -55.55 -22.69
N ALA B 255 -7.48 -55.02 -23.55
CA ALA B 255 -6.44 -54.02 -23.16
C ALA B 255 -6.92 -52.58 -23.00
N VAL B 256 -7.25 -51.95 -24.10
CA VAL B 256 -7.84 -50.60 -24.08
C VAL B 256 -7.20 -49.26 -23.69
N GLY B 257 -6.64 -49.12 -22.50
CA GLY B 257 -6.07 -47.81 -22.20
C GLY B 257 -6.40 -47.24 -20.83
N GLN B 258 -7.67 -47.26 -20.43
CA GLN B 258 -8.08 -46.79 -19.08
C GLN B 258 -8.14 -48.12 -18.37
N GLU B 259 -7.31 -48.32 -17.35
CA GLU B 259 -7.25 -49.59 -16.65
C GLU B 259 -8.48 -50.15 -16.00
N VAL B 260 -9.51 -49.36 -15.84
CA VAL B 260 -10.72 -49.85 -15.21
C VAL B 260 -11.91 -50.12 -16.16
N PHE B 261 -11.75 -49.85 -17.45
CA PHE B 261 -12.83 -50.05 -18.42
C PHE B 261 -13.23 -51.47 -18.72
N GLY B 262 -12.55 -52.42 -18.11
CA GLY B 262 -12.93 -53.80 -18.32
C GLY B 262 -14.02 -54.17 -17.32
N LEU B 263 -14.23 -53.30 -16.36
CA LEU B 263 -15.19 -53.56 -15.31
C LEU B 263 -16.67 -53.41 -15.68
N VAL B 264 -16.96 -52.86 -16.85
CA VAL B 264 -18.34 -52.72 -17.28
C VAL B 264 -18.42 -52.63 -18.77
N PRO B 265 -19.13 -53.57 -19.37
CA PRO B 265 -19.34 -53.66 -20.83
C PRO B 265 -19.79 -52.35 -21.53
N GLY B 266 -20.43 -51.43 -20.81
CA GLY B 266 -20.86 -50.18 -21.42
C GLY B 266 -19.68 -49.30 -21.76
N LEU B 267 -18.64 -49.38 -20.91
CA LEU B 267 -17.40 -48.63 -21.08
C LEU B 267 -16.60 -49.24 -22.25
N MET B 268 -16.50 -50.56 -22.26
CA MET B 268 -15.80 -51.31 -23.30
C MET B 268 -16.48 -51.20 -24.67
N MET B 269 -17.78 -50.91 -24.66
CA MET B 269 -18.51 -50.76 -25.90
C MET B 269 -17.94 -49.49 -26.55
N TYR B 270 -17.85 -48.41 -25.77
CA TYR B 270 -17.31 -47.12 -26.22
C TYR B 270 -15.81 -47.20 -26.49
N ALA B 271 -15.10 -47.88 -25.61
CA ALA B 271 -13.67 -48.04 -25.74
C ALA B 271 -13.33 -48.74 -27.04
N THR B 272 -14.23 -49.60 -27.51
CA THR B 272 -14.02 -50.31 -28.77
C THR B 272 -14.44 -49.42 -29.93
N ILE B 273 -15.45 -48.60 -29.73
CA ILE B 273 -15.90 -47.71 -30.78
C ILE B 273 -14.79 -46.71 -31.10
N TRP B 274 -14.14 -46.19 -30.07
CA TRP B 274 -13.08 -45.21 -30.26
C TRP B 274 -11.77 -45.81 -30.82
N LEU B 275 -11.46 -47.04 -30.45
CA LEU B 275 -10.32 -47.72 -30.98
C LEU B 275 -10.54 -47.74 -32.46
N ARG B 276 -11.71 -48.22 -32.86
CA ARG B 276 -12.13 -48.30 -34.27
C ARG B 276 -11.97 -46.96 -35.00
N GLU B 277 -12.39 -45.89 -34.32
CA GLU B 277 -12.36 -44.54 -34.83
C GLU B 277 -10.95 -44.07 -35.13
N HIS B 278 -10.06 -44.27 -34.16
CA HIS B 278 -8.67 -43.91 -34.32
C HIS B 278 -8.15 -44.55 -35.62
N GLN B 279 -8.24 -45.86 -35.71
CA GLN B 279 -7.81 -46.63 -36.87
C GLN B 279 -8.38 -46.06 -38.15
N ARG B 280 -9.67 -45.72 -38.12
CA ARG B 280 -10.35 -45.19 -39.28
C ARG B 280 -9.62 -43.93 -39.75
N VAL B 281 -9.39 -43.00 -38.84
CA VAL B 281 -8.69 -41.76 -39.19
C VAL B 281 -7.29 -42.06 -39.71
N CYS B 282 -6.62 -43.05 -39.16
CA CYS B 282 -5.29 -43.41 -39.63
C CYS B 282 -5.37 -43.70 -41.11
N ASP B 283 -6.44 -44.37 -41.50
CA ASP B 283 -6.67 -44.70 -42.91
C ASP B 283 -6.93 -43.47 -43.74
N ILE B 284 -7.74 -42.58 -43.21
CA ILE B 284 -8.09 -41.35 -43.92
C ILE B 284 -6.88 -40.46 -44.11
N LEU B 285 -6.06 -40.37 -43.08
CA LEU B 285 -4.85 -39.55 -43.06
C LEU B 285 -3.82 -40.14 -44.02
N LYS B 286 -3.57 -41.44 -43.89
CA LYS B 286 -2.63 -42.12 -44.73
C LYS B 286 -2.93 -41.95 -46.20
N GLN B 287 -4.20 -41.82 -46.54
CA GLN B 287 -4.55 -41.64 -47.93
C GLN B 287 -4.11 -40.27 -48.41
N GLU B 288 -4.21 -39.30 -47.51
CA GLU B 288 -3.82 -37.93 -47.74
C GLU B 288 -2.30 -37.77 -47.66
N HIS B 289 -1.67 -38.59 -46.82
CA HIS B 289 -0.25 -38.51 -46.61
C HIS B 289 0.51 -39.81 -46.77
N PRO B 290 0.76 -40.20 -48.02
CA PRO B 290 1.50 -41.41 -48.40
C PRO B 290 2.90 -41.30 -47.83
N GLU B 291 3.40 -40.07 -47.68
CA GLU B 291 4.72 -39.85 -47.10
C GLU B 291 4.82 -39.97 -45.57
N TRP B 292 3.71 -39.91 -44.85
CA TRP B 292 3.77 -39.94 -43.39
C TRP B 292 4.22 -41.27 -42.84
N GLY B 293 4.66 -41.26 -41.60
CA GLY B 293 5.10 -42.50 -40.99
C GLY B 293 4.18 -42.79 -39.83
N ASP B 294 4.41 -43.94 -39.17
CA ASP B 294 3.63 -44.36 -38.03
C ASP B 294 3.41 -43.33 -36.92
N GLU B 295 4.42 -42.53 -36.58
CA GLU B 295 4.24 -41.55 -35.52
C GLU B 295 3.33 -40.40 -35.86
N GLN B 296 3.61 -39.76 -36.99
CA GLN B 296 2.83 -38.62 -37.40
C GLN B 296 1.37 -39.02 -37.68
N LEU B 297 1.18 -40.27 -38.04
CA LEU B 297 -0.15 -40.75 -38.31
C LEU B 297 -0.80 -40.89 -36.94
N PHE B 298 -0.09 -41.48 -35.99
CA PHE B 298 -0.63 -41.67 -34.64
C PHE B 298 -0.93 -40.34 -33.97
N GLN B 299 0.11 -39.57 -33.73
CA GLN B 299 -0.03 -38.28 -33.07
C GLN B 299 -1.07 -37.40 -33.73
N THR B 300 -1.23 -37.44 -35.06
CA THR B 300 -2.22 -36.56 -35.71
C THR B 300 -3.65 -37.04 -35.46
N SER B 301 -3.87 -38.35 -35.57
CA SER B 301 -5.19 -38.94 -35.33
C SER B 301 -5.58 -38.58 -33.92
N LYS B 302 -4.70 -38.82 -32.94
CA LYS B 302 -5.03 -38.50 -31.57
C LYS B 302 -5.55 -37.07 -31.43
N LEU B 303 -4.99 -36.15 -32.20
CA LEU B 303 -5.40 -34.76 -32.11
C LEU B 303 -6.80 -34.62 -32.72
N ILE B 304 -7.05 -35.37 -33.80
CA ILE B 304 -8.36 -35.32 -34.43
C ILE B 304 -9.39 -35.91 -33.48
N LEU B 305 -9.14 -37.13 -33.01
CA LEU B 305 -10.04 -37.75 -32.04
C LEU B 305 -10.32 -36.87 -30.84
N ILE B 306 -9.31 -36.13 -30.35
CA ILE B 306 -9.54 -35.22 -29.23
C ILE B 306 -10.51 -34.12 -29.71
N GLY B 307 -10.42 -33.76 -31.00
CA GLY B 307 -11.29 -32.73 -31.56
C GLY B 307 -12.73 -33.19 -31.62
N GLU B 308 -12.93 -34.37 -32.21
CA GLU B 308 -14.25 -35.01 -32.34
C GLU B 308 -14.87 -35.08 -30.94
N THR B 309 -14.11 -35.53 -29.94
CA THR B 309 -14.59 -35.62 -28.58
C THR B 309 -15.12 -34.28 -28.07
N ILE B 310 -14.37 -33.21 -28.28
CA ILE B 310 -14.83 -31.92 -27.80
C ILE B 310 -16.04 -31.41 -28.60
N LYS B 311 -16.18 -31.92 -29.82
CA LYS B 311 -17.27 -31.54 -30.73
C LYS B 311 -18.59 -32.22 -30.31
N ILE B 312 -18.49 -33.53 -30.14
CA ILE B 312 -19.58 -34.34 -29.68
C ILE B 312 -19.98 -33.91 -28.24
N VAL B 313 -19.02 -33.68 -27.37
CA VAL B 313 -19.36 -33.30 -26.00
C VAL B 313 -20.16 -32.01 -25.83
N ILE B 314 -20.00 -31.06 -26.72
CA ILE B 314 -20.72 -29.79 -26.58
C ILE B 314 -22.00 -29.76 -27.44
N GLU B 315 -21.94 -30.30 -28.64
CA GLU B 315 -23.07 -30.28 -29.54
C GLU B 315 -24.05 -31.44 -29.47
N ASP B 316 -23.71 -32.48 -28.73
CA ASP B 316 -24.61 -33.62 -28.53
C ASP B 316 -24.82 -33.89 -27.02
N TYR B 317 -23.74 -34.21 -26.32
CA TYR B 317 -23.80 -34.51 -24.90
C TYR B 317 -24.36 -33.38 -24.06
N VAL B 318 -23.68 -32.24 -24.07
CA VAL B 318 -24.10 -31.09 -23.30
C VAL B 318 -25.35 -30.52 -23.87
N GLN B 319 -25.51 -30.64 -25.19
CA GLN B 319 -26.73 -30.14 -25.84
C GLN B 319 -27.96 -30.86 -25.23
N HIS B 320 -27.94 -32.18 -25.29
CA HIS B 320 -29.02 -32.99 -24.72
C HIS B 320 -29.26 -32.61 -23.26
N LEU B 321 -28.19 -32.75 -22.50
CA LEU B 321 -28.12 -32.45 -21.09
C LEU B 321 -28.75 -31.11 -20.73
N SER B 322 -28.36 -30.07 -21.47
CA SER B 322 -28.81 -28.71 -21.19
C SER B 322 -30.31 -28.51 -21.23
N GLY B 323 -30.94 -29.12 -22.23
CA GLY B 323 -32.37 -28.98 -22.41
C GLY B 323 -32.67 -27.71 -23.20
N TYR B 324 -31.64 -26.90 -23.40
CA TYR B 324 -31.79 -25.63 -24.10
C TYR B 324 -32.17 -25.86 -25.55
N HIS B 325 -32.86 -24.88 -26.13
CA HIS B 325 -33.28 -24.93 -27.54
C HIS B 325 -32.23 -24.28 -28.42
N PHE B 326 -31.31 -23.57 -27.78
CA PHE B 326 -30.24 -22.91 -28.50
C PHE B 326 -29.22 -23.97 -28.95
N LYS B 327 -28.74 -23.88 -30.19
CA LYS B 327 -27.80 -24.87 -30.67
C LYS B 327 -26.42 -24.54 -30.20
N LEU B 328 -25.95 -25.23 -29.17
CA LEU B 328 -24.60 -25.04 -28.67
C LEU B 328 -23.66 -25.23 -29.85
N LYS B 329 -22.47 -24.63 -29.76
CA LYS B 329 -21.51 -24.69 -30.86
C LYS B 329 -20.07 -24.82 -30.37
N PHE B 330 -19.35 -25.77 -30.92
CA PHE B 330 -17.95 -25.95 -30.57
C PHE B 330 -17.20 -25.20 -31.64
N ASP B 331 -16.80 -23.99 -31.30
CA ASP B 331 -16.03 -23.19 -32.22
C ASP B 331 -15.00 -22.39 -31.48
N PRO B 332 -13.75 -22.86 -31.49
CA PRO B 332 -12.60 -22.22 -30.81
C PRO B 332 -12.44 -20.71 -31.08
N GLU B 333 -12.67 -20.28 -32.30
CA GLU B 333 -12.53 -18.85 -32.64
C GLU B 333 -13.37 -17.91 -31.78
N LEU B 334 -14.42 -18.44 -31.18
CA LEU B 334 -15.29 -17.61 -30.35
C LEU B 334 -14.49 -16.94 -29.26
N LEU B 335 -13.43 -17.61 -28.80
CA LEU B 335 -12.59 -17.10 -27.72
C LEU B 335 -11.25 -16.50 -28.15
N PHE B 336 -11.05 -16.36 -29.46
CA PHE B 336 -9.82 -15.78 -29.98
C PHE B 336 -9.75 -14.28 -29.70
N ASN B 337 -10.89 -13.66 -29.44
CA ASN B 337 -10.94 -12.22 -29.16
C ASN B 337 -11.33 -12.01 -27.70
N GLN B 338 -11.17 -13.03 -26.89
CA GLN B 338 -11.56 -12.90 -25.50
C GLN B 338 -10.43 -13.30 -24.63
N GLN B 339 -10.40 -12.73 -23.43
CA GLN B 339 -9.38 -13.09 -22.45
C GLN B 339 -9.84 -14.47 -22.00
N PHE B 340 -8.96 -15.46 -22.11
CA PHE B 340 -9.35 -16.82 -21.73
C PHE B 340 -8.10 -17.65 -21.56
N GLN B 341 -7.94 -18.34 -20.44
CA GLN B 341 -6.78 -19.19 -20.20
C GLN B 341 -6.96 -20.58 -20.77
N TYR B 342 -6.08 -20.97 -21.67
CA TYR B 342 -6.15 -22.27 -22.32
C TYR B 342 -5.43 -23.31 -21.45
N GLN B 343 -5.98 -23.55 -20.28
CA GLN B 343 -5.42 -24.51 -19.34
C GLN B 343 -6.55 -24.91 -18.40
N ASN B 344 -6.41 -26.03 -17.71
CA ASN B 344 -7.46 -26.50 -16.82
C ASN B 344 -6.95 -27.45 -15.75
N ARG B 345 -7.52 -27.35 -14.55
CA ARG B 345 -7.18 -28.24 -13.45
C ARG B 345 -8.54 -28.79 -12.96
N ILE B 346 -8.73 -30.11 -12.98
CA ILE B 346 -10.01 -30.63 -12.54
C ILE B 346 -10.15 -30.49 -11.02
N ALA B 347 -11.31 -29.97 -10.60
CA ALA B 347 -11.63 -29.71 -9.22
C ALA B 347 -12.33 -30.90 -8.58
N SER B 348 -12.11 -31.18 -7.29
CA SER B 348 -12.81 -32.32 -6.76
C SER B 348 -14.33 -32.11 -6.75
N GLU B 349 -14.81 -30.88 -6.58
CA GLU B 349 -16.26 -30.65 -6.58
C GLU B 349 -16.93 -31.12 -7.86
N PHE B 350 -16.18 -31.16 -8.96
CA PHE B 350 -16.69 -31.59 -10.24
C PHE B 350 -16.70 -33.10 -10.21
N ASN B 351 -15.76 -33.68 -9.48
CA ASN B 351 -15.71 -35.12 -9.41
C ASN B 351 -16.91 -35.61 -8.65
N THR B 352 -17.13 -34.98 -7.50
CA THR B 352 -18.23 -35.30 -6.59
C THR B 352 -19.61 -35.04 -7.18
N LEU B 353 -19.79 -33.88 -7.82
CA LEU B 353 -21.07 -33.55 -8.40
C LEU B 353 -21.34 -34.40 -9.61
N TYR B 354 -20.31 -35.09 -10.08
CA TYR B 354 -20.45 -35.90 -11.28
C TYR B 354 -20.69 -37.38 -11.06
N HIS B 355 -20.94 -37.77 -9.82
CA HIS B 355 -21.26 -39.17 -9.53
C HIS B 355 -22.75 -39.34 -9.88
N TRP B 356 -23.02 -39.54 -11.16
CA TRP B 356 -24.37 -39.68 -11.61
C TRP B 356 -24.82 -41.15 -11.61
N HIS B 357 -24.65 -41.81 -10.48
CA HIS B 357 -25.08 -43.20 -10.31
C HIS B 357 -26.59 -43.40 -10.48
N PRO B 358 -27.43 -42.38 -10.15
CA PRO B 358 -28.88 -42.49 -10.31
C PRO B 358 -29.29 -42.47 -11.75
N LEU B 359 -28.44 -42.99 -12.64
CA LEU B 359 -28.73 -43.04 -14.08
C LEU B 359 -28.81 -44.52 -14.42
N LEU B 360 -28.15 -45.33 -13.61
CA LEU B 360 -28.11 -46.76 -13.82
C LEU B 360 -29.46 -47.40 -13.53
N PRO B 361 -29.98 -48.15 -14.49
CA PRO B 361 -31.27 -48.80 -14.28
C PRO B 361 -31.00 -50.03 -13.40
N ASP B 362 -32.07 -50.77 -13.10
CA ASP B 362 -31.94 -51.95 -12.28
C ASP B 362 -31.48 -53.16 -13.09
N THR B 363 -31.70 -53.11 -14.40
CA THR B 363 -31.24 -54.18 -15.25
C THR B 363 -30.82 -53.57 -16.56
N PHE B 364 -29.83 -54.19 -17.19
CA PHE B 364 -29.29 -53.74 -18.46
C PHE B 364 -29.97 -54.62 -19.44
N ASN B 365 -30.92 -54.02 -20.13
CA ASN B 365 -31.72 -54.71 -21.13
C ASN B 365 -31.04 -54.65 -22.50
N ILE B 366 -30.30 -55.69 -22.85
CA ILE B 366 -29.65 -55.71 -24.15
C ILE B 366 -30.46 -56.68 -25.00
N GLU B 367 -31.39 -56.07 -25.75
CA GLU B 367 -32.37 -56.70 -26.64
C GLU B 367 -32.35 -58.21 -26.60
N ASP B 368 -33.39 -58.76 -25.94
CA ASP B 368 -33.64 -60.21 -25.69
C ASP B 368 -33.15 -60.60 -24.29
N GLN B 369 -32.71 -59.62 -23.52
CA GLN B 369 -32.19 -59.88 -22.20
C GLN B 369 -32.29 -58.65 -21.28
N GLU B 370 -32.26 -58.89 -19.97
CA GLU B 370 -32.31 -57.82 -18.98
C GLU B 370 -31.39 -58.22 -17.84
N TYR B 371 -30.08 -58.07 -18.08
CA TYR B 371 -29.04 -58.43 -17.10
C TYR B 371 -29.07 -57.67 -15.79
N SER B 372 -28.68 -58.35 -14.72
CA SER B 372 -28.62 -57.73 -13.41
C SER B 372 -27.22 -57.14 -13.27
N PHE B 373 -27.07 -56.17 -12.36
CA PHE B 373 -25.77 -55.56 -12.14
C PHE B 373 -24.74 -56.66 -11.99
N LYS B 374 -25.11 -57.69 -11.25
CA LYS B 374 -24.25 -58.82 -10.97
C LYS B 374 -23.82 -59.57 -12.23
N GLN B 375 -24.63 -59.56 -13.28
CA GLN B 375 -24.24 -60.26 -14.50
C GLN B 375 -23.61 -59.33 -15.53
N PHE B 376 -23.94 -58.05 -15.44
CA PHE B 376 -23.39 -57.08 -16.37
C PHE B 376 -21.93 -56.81 -16.04
N LEU B 377 -21.64 -56.53 -14.78
CA LEU B 377 -20.27 -56.23 -14.34
C LEU B 377 -19.19 -57.21 -14.78
N TYR B 378 -18.11 -56.64 -15.30
CA TYR B 378 -16.93 -57.38 -15.79
C TYR B 378 -17.25 -58.39 -16.87
N ASN B 379 -18.47 -58.37 -17.39
CA ASN B 379 -18.85 -59.33 -18.39
C ASN B 379 -18.74 -58.89 -19.88
N ASN B 380 -17.55 -58.96 -20.44
CA ASN B 380 -17.40 -58.56 -21.82
C ASN B 380 -17.80 -59.68 -22.77
N SER B 381 -18.23 -60.81 -22.21
CA SER B 381 -18.67 -61.91 -23.07
C SER B 381 -20.01 -61.53 -23.61
N ILE B 382 -20.73 -60.67 -22.87
CA ILE B 382 -22.05 -60.17 -23.29
C ILE B 382 -21.82 -59.31 -24.54
N LEU B 383 -20.75 -58.51 -24.47
CA LEU B 383 -20.36 -57.60 -25.55
C LEU B 383 -20.05 -58.43 -26.77
N LEU B 384 -19.18 -59.44 -26.64
CA LEU B 384 -18.90 -60.31 -27.77
C LEU B 384 -20.16 -61.07 -28.16
N GLU B 385 -21.04 -61.33 -27.18
CA GLU B 385 -22.32 -62.05 -27.39
C GLU B 385 -23.34 -61.31 -28.24
N HIS B 386 -23.48 -60.02 -28.00
CA HIS B 386 -24.43 -59.26 -28.78
C HIS B 386 -23.77 -58.43 -29.86
N GLY B 387 -22.69 -57.74 -29.51
CA GLY B 387 -21.95 -56.97 -30.50
C GLY B 387 -22.36 -55.61 -31.04
N LEU B 388 -21.84 -54.59 -30.38
CA LEU B 388 -22.03 -53.18 -30.71
C LEU B 388 -23.31 -52.73 -31.40
N THR B 389 -23.57 -53.19 -32.62
CA THR B 389 -24.77 -52.80 -33.36
C THR B 389 -25.97 -53.05 -32.44
N GLN B 390 -26.14 -54.29 -32.01
CA GLN B 390 -27.24 -54.56 -31.11
C GLN B 390 -26.65 -54.37 -29.74
N PHE B 391 -26.55 -53.12 -29.36
CA PHE B 391 -25.96 -52.69 -28.09
C PHE B 391 -26.23 -51.21 -28.21
N VAL B 392 -25.93 -50.67 -29.37
CA VAL B 392 -26.21 -49.29 -29.63
C VAL B 392 -27.73 -49.29 -29.78
N GLU B 393 -28.29 -50.33 -30.40
CA GLU B 393 -29.75 -50.37 -30.57
C GLU B 393 -30.40 -50.51 -29.20
N SER B 394 -29.98 -51.52 -28.43
CA SER B 394 -30.53 -51.73 -27.10
C SER B 394 -30.40 -50.46 -26.30
N PHE B 395 -29.17 -50.07 -25.98
CA PHE B 395 -28.93 -48.87 -25.18
C PHE B 395 -29.54 -47.54 -25.68
N THR B 396 -29.77 -47.41 -26.98
CA THR B 396 -30.37 -46.18 -27.52
C THR B 396 -31.79 -46.14 -27.02
N ARG B 397 -32.36 -47.33 -26.97
CA ARG B 397 -33.74 -47.60 -26.53
C ARG B 397 -33.78 -48.10 -25.07
N GLN B 398 -33.45 -47.23 -24.13
CA GLN B 398 -33.47 -47.59 -22.72
C GLN B 398 -33.24 -46.36 -21.84
N ILE B 399 -34.30 -45.79 -21.26
CA ILE B 399 -34.15 -44.62 -20.39
C ILE B 399 -33.24 -44.92 -19.22
N ALA B 400 -32.67 -43.84 -18.69
CA ALA B 400 -31.80 -43.92 -17.55
C ALA B 400 -32.55 -43.23 -16.42
N GLY B 401 -32.10 -43.45 -15.19
CA GLY B 401 -32.74 -42.87 -14.03
C GLY B 401 -32.58 -41.38 -13.97
N ARG B 402 -33.33 -40.75 -13.07
CA ARG B 402 -33.26 -39.32 -12.89
C ARG B 402 -32.16 -39.10 -11.86
N VAL B 403 -31.34 -38.08 -12.04
CA VAL B 403 -30.28 -37.83 -11.06
C VAL B 403 -30.88 -37.03 -9.91
N ALA B 404 -31.34 -35.82 -10.17
CA ALA B 404 -31.95 -34.97 -9.13
C ALA B 404 -33.33 -35.54 -8.75
N GLY B 405 -33.99 -34.93 -7.78
CA GLY B 405 -35.30 -35.43 -7.40
C GLY B 405 -35.31 -36.25 -6.12
N GLY B 406 -34.28 -37.06 -5.92
CA GLY B 406 -34.21 -37.86 -4.71
C GLY B 406 -34.54 -39.33 -4.89
N ARG B 407 -34.09 -40.11 -3.91
CA ARG B 407 -34.30 -41.56 -3.85
C ARG B 407 -34.12 -42.41 -5.10
N ASN B 408 -33.18 -42.04 -5.96
CA ASN B 408 -33.01 -42.81 -7.18
C ASN B 408 -31.66 -43.50 -7.37
N VAL B 409 -30.91 -43.68 -6.28
CA VAL B 409 -29.60 -44.33 -6.35
C VAL B 409 -29.77 -45.83 -6.27
N PRO B 410 -29.35 -46.58 -7.28
CA PRO B 410 -29.48 -48.04 -7.26
C PRO B 410 -28.87 -48.57 -5.98
N ILE B 411 -29.65 -49.37 -5.25
CA ILE B 411 -29.16 -49.94 -4.02
C ILE B 411 -27.95 -50.81 -4.30
N ALA B 412 -27.70 -51.09 -5.58
CA ALA B 412 -26.53 -51.89 -5.96
C ALA B 412 -25.26 -51.04 -5.83
N VAL B 413 -25.34 -49.74 -6.08
CA VAL B 413 -24.15 -48.87 -5.96
C VAL B 413 -24.30 -47.96 -4.75
N GLN B 414 -25.07 -48.39 -3.77
CA GLN B 414 -25.28 -47.59 -2.57
C GLN B 414 -23.96 -47.45 -1.88
N ALA B 415 -23.06 -48.42 -2.05
CA ALA B 415 -21.74 -48.33 -1.40
C ALA B 415 -20.96 -47.14 -1.96
N VAL B 416 -21.07 -46.92 -3.27
CA VAL B 416 -20.41 -45.83 -3.93
C VAL B 416 -21.02 -44.50 -3.53
N ALA B 417 -22.34 -44.46 -3.37
CA ALA B 417 -23.04 -43.23 -3.00
C ALA B 417 -22.66 -42.76 -1.59
N LYS B 418 -22.57 -43.72 -0.69
CA LYS B 418 -22.21 -43.46 0.71
C LYS B 418 -20.78 -42.93 0.71
N ALA B 419 -19.95 -43.56 -0.11
CA ALA B 419 -18.53 -43.19 -0.28
C ALA B 419 -18.45 -41.74 -0.69
N SER B 420 -19.25 -41.33 -1.68
CA SER B 420 -19.25 -39.93 -2.09
C SER B 420 -19.55 -39.06 -0.88
N ILE B 421 -20.45 -39.52 -0.02
CA ILE B 421 -20.79 -38.75 1.16
C ILE B 421 -19.59 -38.73 2.11
N ASP B 422 -19.05 -39.90 2.39
CA ASP B 422 -17.92 -40.01 3.30
C ASP B 422 -16.71 -39.19 2.93
N GLN B 423 -16.29 -39.32 1.67
CA GLN B 423 -15.13 -38.63 1.15
C GLN B 423 -15.25 -37.15 1.15
N SER B 424 -16.35 -36.60 0.68
CA SER B 424 -16.56 -35.17 0.72
C SER B 424 -16.30 -34.68 2.15
N ARG B 425 -16.74 -35.47 3.12
CA ARG B 425 -16.58 -35.16 4.52
C ARG B 425 -15.12 -35.21 4.91
N GLU B 426 -14.41 -36.27 4.50
CA GLU B 426 -13.01 -36.38 4.87
C GLU B 426 -12.19 -35.33 4.18
N MET B 427 -12.68 -34.89 3.04
CA MET B 427 -12.01 -33.86 2.29
C MET B 427 -12.43 -32.51 2.82
N LYS B 428 -13.03 -32.49 3.99
CA LYS B 428 -13.47 -31.25 4.64
C LYS B 428 -14.16 -30.23 3.76
N TYR B 429 -15.15 -30.69 2.98
CA TYR B 429 -15.92 -29.80 2.09
C TYR B 429 -16.69 -28.74 2.85
N GLN B 430 -17.39 -27.90 2.10
CA GLN B 430 -18.22 -26.86 2.69
C GLN B 430 -19.67 -27.21 2.35
N SER B 431 -20.61 -26.53 2.97
CA SER B 431 -22.00 -26.80 2.75
C SER B 431 -22.45 -26.54 1.33
N LEU B 432 -23.61 -27.13 0.97
CA LEU B 432 -24.20 -26.90 -0.34
C LEU B 432 -24.32 -25.40 -0.52
N ASN B 433 -24.72 -24.68 0.53
CA ASN B 433 -24.91 -23.23 0.43
C ASN B 433 -23.68 -22.43 0.15
N GLU B 434 -22.55 -22.85 0.72
CA GLU B 434 -21.32 -22.12 0.48
C GLU B 434 -21.05 -22.26 -0.99
N TYR B 435 -21.22 -23.47 -1.50
CA TYR B 435 -20.98 -23.75 -2.90
C TYR B 435 -21.93 -23.01 -3.79
N ARG B 436 -23.20 -22.99 -3.40
CA ARG B 436 -24.22 -22.28 -4.16
C ARG B 436 -23.84 -20.82 -4.29
N LYS B 437 -23.43 -20.23 -3.18
CA LYS B 437 -23.01 -18.83 -3.17
C LYS B 437 -21.77 -18.61 -4.06
N ARG B 438 -20.76 -19.46 -3.89
CA ARG B 438 -19.54 -19.34 -4.67
C ARG B 438 -19.87 -19.36 -6.12
N PHE B 439 -20.99 -19.99 -6.48
CA PHE B 439 -21.39 -20.03 -7.88
C PHE B 439 -22.52 -19.09 -8.25
N SER B 440 -22.58 -17.97 -7.52
CA SER B 440 -23.57 -16.90 -7.74
C SER B 440 -25.03 -17.34 -7.63
N LEU B 441 -25.27 -18.27 -6.72
CA LEU B 441 -26.62 -18.77 -6.51
C LEU B 441 -27.11 -18.21 -5.17
N LYS B 442 -28.43 -18.28 -4.96
CA LYS B 442 -29.05 -17.79 -3.75
C LYS B 442 -29.19 -18.97 -2.82
N PRO B 443 -28.59 -18.88 -1.61
CA PRO B 443 -28.68 -19.95 -0.64
C PRO B 443 -30.11 -20.32 -0.25
N TYR B 444 -30.34 -21.63 -0.07
CA TYR B 444 -31.64 -22.16 0.29
C TYR B 444 -31.99 -21.79 1.71
N THR B 445 -33.19 -21.28 1.88
CA THR B 445 -33.67 -20.85 3.19
C THR B 445 -34.26 -21.98 4.01
N SER B 446 -34.51 -23.12 3.36
CA SER B 446 -35.10 -24.30 4.03
C SER B 446 -34.86 -25.58 3.22
N PHE B 447 -34.88 -26.72 3.90
CA PHE B 447 -34.70 -28.01 3.22
C PHE B 447 -35.78 -28.24 2.19
N GLU B 448 -36.91 -27.62 2.45
CA GLU B 448 -38.05 -27.76 1.59
C GLU B 448 -37.83 -26.93 0.35
N GLU B 449 -37.14 -25.80 0.49
CA GLU B 449 -36.84 -24.95 -0.69
C GLU B 449 -35.89 -25.76 -1.57
N LEU B 450 -34.97 -26.45 -0.91
CA LEU B 450 -34.01 -27.29 -1.59
C LEU B 450 -34.72 -28.36 -2.43
N THR B 451 -35.54 -29.17 -1.77
CA THR B 451 -36.27 -30.29 -2.41
C THR B 451 -37.52 -29.99 -3.23
N GLY B 452 -38.23 -28.92 -2.89
CA GLY B 452 -39.45 -28.59 -3.60
C GLY B 452 -40.60 -29.54 -3.25
N GLU B 453 -40.53 -30.16 -2.08
CA GLU B 453 -41.52 -31.09 -1.62
C GLU B 453 -41.32 -31.23 -0.11
N LYS B 454 -42.01 -32.17 0.55
CA LYS B 454 -41.89 -32.29 2.01
C LYS B 454 -41.39 -33.51 2.76
N GLU B 455 -41.61 -34.72 2.26
CA GLU B 455 -41.14 -35.88 3.04
C GLU B 455 -39.63 -35.95 3.19
N MET B 456 -38.91 -35.82 2.07
CA MET B 456 -37.45 -35.87 2.11
C MET B 456 -36.95 -34.64 2.86
N ALA B 457 -37.47 -33.47 2.47
CA ALA B 457 -37.11 -32.21 3.09
C ALA B 457 -37.20 -32.40 4.57
N ALA B 458 -38.33 -32.95 5.01
CA ALA B 458 -38.59 -33.22 6.40
C ALA B 458 -37.54 -34.15 7.01
N GLU B 459 -37.23 -35.24 6.30
CA GLU B 459 -36.22 -36.21 6.79
C GLU B 459 -34.83 -35.55 6.89
N LEU B 460 -34.56 -34.63 5.98
CA LEU B 460 -33.30 -33.90 5.97
C LEU B 460 -33.24 -33.01 7.19
N LYS B 461 -34.29 -32.22 7.40
CA LYS B 461 -34.32 -31.32 8.56
C LYS B 461 -34.18 -32.05 9.87
N ALA B 462 -34.73 -33.24 9.93
CA ALA B 462 -34.59 -33.99 11.16
C ALA B 462 -33.10 -34.23 11.34
N LEU B 463 -32.50 -34.74 10.27
CA LEU B 463 -31.07 -35.08 10.20
C LEU B 463 -30.00 -33.98 10.31
N TYR B 464 -30.10 -32.95 9.47
CA TYR B 464 -29.12 -31.88 9.43
C TYR B 464 -29.49 -30.70 10.31
N SER B 465 -30.76 -30.58 10.63
CA SER B 465 -31.27 -29.49 11.46
C SER B 465 -31.11 -28.06 10.94
N ASP B 466 -29.96 -27.72 10.34
CA ASP B 466 -29.78 -26.40 9.75
C ASP B 466 -29.59 -26.57 8.25
N ILE B 467 -30.30 -25.79 7.45
CA ILE B 467 -30.15 -25.89 5.99
C ILE B 467 -28.67 -25.56 5.66
N ASP B 468 -28.16 -24.54 6.35
CA ASP B 468 -26.79 -24.09 6.23
C ASP B 468 -25.75 -25.15 6.63
N VAL B 469 -26.14 -26.42 6.73
CA VAL B 469 -25.17 -27.45 7.10
C VAL B 469 -25.36 -28.60 6.13
N MET B 470 -26.35 -28.44 5.27
CA MET B 470 -26.67 -29.44 4.32
C MET B 470 -25.46 -29.61 3.43
N GLU B 471 -25.04 -30.86 3.24
CA GLU B 471 -23.88 -31.22 2.42
C GLU B 471 -24.12 -31.18 0.89
N LEU B 472 -23.07 -30.84 0.12
CA LEU B 472 -23.17 -30.72 -1.34
C LEU B 472 -23.60 -31.96 -2.14
N TYR B 473 -22.96 -33.11 -1.95
CA TYR B 473 -23.37 -34.29 -2.71
C TYR B 473 -24.86 -34.69 -2.53
N PRO B 474 -25.31 -35.03 -1.28
CA PRO B 474 -26.70 -35.41 -1.01
C PRO B 474 -27.72 -34.44 -1.61
N ALA B 475 -27.57 -33.15 -1.30
CA ALA B 475 -28.48 -32.12 -1.81
C ALA B 475 -28.56 -32.07 -3.31
N LEU B 476 -27.50 -32.50 -4.01
CA LEU B 476 -27.49 -32.49 -5.47
C LEU B 476 -28.43 -33.53 -5.99
N LEU B 477 -28.47 -34.68 -5.31
CA LEU B 477 -29.36 -35.78 -5.72
C LEU B 477 -30.81 -35.63 -5.18
N VAL B 478 -30.92 -34.99 -4.03
CA VAL B 478 -32.18 -34.75 -3.37
C VAL B 478 -32.47 -33.27 -3.61
N GLU B 479 -32.72 -32.89 -4.86
CA GLU B 479 -33.00 -31.51 -5.19
C GLU B 479 -34.11 -31.39 -6.22
N LYS B 480 -34.95 -30.36 -6.10
CA LYS B 480 -36.06 -30.16 -7.02
C LYS B 480 -35.56 -30.02 -8.43
N PRO B 481 -35.92 -30.94 -9.31
CA PRO B 481 -35.41 -30.76 -10.67
C PRO B 481 -36.13 -29.62 -11.34
N ARG B 482 -35.52 -29.06 -12.36
CA ARG B 482 -36.15 -28.02 -13.13
C ARG B 482 -37.21 -28.88 -13.83
N PRO B 483 -38.34 -28.27 -14.26
CA PRO B 483 -39.46 -28.90 -14.94
C PRO B 483 -39.38 -30.38 -15.25
N ASP B 484 -39.21 -30.77 -16.50
CA ASP B 484 -39.13 -32.22 -16.73
C ASP B 484 -37.67 -32.52 -17.02
N ALA B 485 -36.82 -32.00 -16.11
CA ALA B 485 -35.37 -32.10 -16.24
C ALA B 485 -34.78 -33.15 -15.36
N ILE B 486 -33.50 -33.44 -15.63
CA ILE B 486 -32.77 -34.44 -14.91
C ILE B 486 -32.09 -33.93 -13.67
N PHE B 487 -31.60 -32.69 -13.69
CA PHE B 487 -30.95 -32.09 -12.49
C PHE B 487 -31.58 -30.73 -12.15
N GLY B 488 -31.11 -30.14 -11.06
CA GLY B 488 -31.60 -28.85 -10.62
C GLY B 488 -30.57 -27.75 -10.85
N GLU B 489 -30.86 -26.57 -10.32
CA GLU B 489 -29.99 -25.41 -10.46
C GLU B 489 -28.55 -25.71 -10.03
N THR B 490 -28.34 -26.09 -8.79
CA THR B 490 -26.98 -26.36 -8.31
C THR B 490 -26.15 -27.25 -9.24
N MET B 491 -26.68 -28.39 -9.67
CA MET B 491 -25.93 -29.27 -10.55
C MET B 491 -25.59 -28.60 -11.86
N VAL B 492 -26.54 -27.87 -12.46
CA VAL B 492 -26.23 -27.21 -13.74
C VAL B 492 -25.30 -26.03 -13.59
N GLU B 493 -25.50 -25.29 -12.50
CA GLU B 493 -24.70 -24.08 -12.25
C GLU B 493 -23.24 -24.26 -11.75
N LEU B 494 -22.94 -25.38 -11.10
CA LEU B 494 -21.59 -25.65 -10.65
C LEU B 494 -20.89 -26.40 -11.79
N GLY B 495 -21.44 -27.55 -12.17
CA GLY B 495 -20.86 -28.33 -13.22
C GLY B 495 -20.70 -27.62 -14.56
N ALA B 496 -21.58 -26.67 -14.88
CA ALA B 496 -21.44 -26.00 -16.16
C ALA B 496 -20.09 -25.32 -16.28
N PRO B 497 -19.80 -24.35 -15.39
CA PRO B 497 -18.52 -23.63 -15.39
C PRO B 497 -17.32 -24.56 -15.47
N PHE B 498 -17.38 -25.66 -14.72
CA PHE B 498 -16.29 -26.64 -14.69
C PHE B 498 -16.11 -27.31 -16.07
N SER B 499 -17.19 -27.90 -16.59
CA SER B 499 -17.20 -28.66 -17.86
C SER B 499 -16.78 -27.86 -19.07
N LEU B 500 -17.10 -26.57 -19.09
CA LEU B 500 -16.77 -25.75 -20.24
C LEU B 500 -15.30 -25.30 -20.22
N LYS B 501 -14.77 -25.08 -19.02
CA LYS B 501 -13.37 -24.67 -18.92
C LYS B 501 -12.45 -25.82 -19.35
N GLY B 502 -12.78 -27.03 -18.95
CA GLY B 502 -11.93 -28.16 -19.28
C GLY B 502 -11.99 -28.51 -20.74
N LEU B 503 -13.12 -28.18 -21.36
CA LEU B 503 -13.39 -28.44 -22.78
C LEU B 503 -12.77 -27.40 -23.69
N MET B 504 -12.97 -26.13 -23.33
CA MET B 504 -12.41 -25.02 -24.07
C MET B 504 -10.98 -24.64 -23.67
N GLY B 505 -10.52 -25.11 -22.52
CA GLY B 505 -9.18 -24.80 -22.07
C GLY B 505 -8.30 -25.97 -22.42
N ASN B 506 -8.41 -26.42 -23.65
CA ASN B 506 -7.63 -27.54 -24.18
C ASN B 506 -6.71 -26.88 -25.25
N PRO B 507 -5.41 -27.23 -25.27
CA PRO B 507 -4.54 -26.61 -26.27
C PRO B 507 -4.98 -26.66 -27.72
N ILE B 508 -5.68 -27.71 -28.15
CA ILE B 508 -6.10 -27.75 -29.56
C ILE B 508 -7.03 -26.59 -29.93
N CYS B 509 -7.57 -25.94 -28.92
CA CYS B 509 -8.48 -24.82 -29.10
C CYS B 509 -7.78 -23.49 -29.15
N SER B 510 -6.49 -23.50 -28.85
CA SER B 510 -5.71 -22.28 -28.83
C SER B 510 -5.36 -21.84 -30.26
N PRO B 511 -5.37 -20.52 -30.52
CA PRO B 511 -5.05 -19.96 -31.83
C PRO B 511 -3.92 -20.63 -32.57
N GLN B 512 -2.89 -21.07 -31.86
CA GLN B 512 -1.75 -21.69 -32.54
C GLN B 512 -2.00 -23.11 -32.99
N TYR B 513 -2.93 -23.76 -32.31
CA TYR B 513 -3.29 -25.13 -32.59
C TYR B 513 -4.44 -25.21 -33.56
N TRP B 514 -5.48 -24.40 -33.33
CA TRP B 514 -6.67 -24.42 -34.18
C TRP B 514 -6.40 -23.99 -35.63
N LYS B 515 -5.87 -24.92 -36.40
CA LYS B 515 -5.59 -24.65 -37.78
C LYS B 515 -5.39 -25.99 -38.46
N PRO B 516 -5.90 -26.10 -39.68
CA PRO B 516 -5.83 -27.32 -40.49
C PRO B 516 -4.60 -28.17 -40.40
N SER B 517 -3.44 -27.61 -40.72
CA SER B 517 -2.21 -28.41 -40.68
C SER B 517 -1.99 -29.16 -39.38
N THR B 518 -2.49 -28.61 -38.28
CA THR B 518 -2.36 -29.26 -36.97
C THR B 518 -2.94 -30.66 -37.04
N PHE B 519 -3.95 -30.83 -37.88
CA PHE B 519 -4.69 -32.07 -38.02
C PHE B 519 -4.41 -32.89 -39.26
N GLY B 520 -3.40 -32.49 -40.01
CA GLY B 520 -3.07 -33.25 -41.19
C GLY B 520 -3.72 -32.65 -42.39
N GLY B 521 -4.25 -31.44 -42.27
CA GLY B 521 -4.84 -30.83 -43.44
C GLY B 521 -6.27 -30.36 -43.30
N GLU B 522 -6.87 -29.96 -44.40
CA GLU B 522 -8.24 -29.48 -44.35
C GLU B 522 -9.18 -30.66 -44.26
N VAL B 523 -8.69 -31.86 -44.60
CA VAL B 523 -9.49 -33.08 -44.53
C VAL B 523 -9.73 -33.58 -43.09
N GLY B 524 -8.66 -33.59 -42.29
CA GLY B 524 -8.74 -34.05 -40.93
C GLY B 524 -9.44 -33.00 -40.08
N PHE B 525 -9.46 -31.78 -40.57
CA PHE B 525 -10.09 -30.71 -39.85
C PHE B 525 -11.62 -30.86 -39.96
N LYS B 526 -12.06 -31.48 -41.05
CA LYS B 526 -13.48 -31.71 -41.26
C LYS B 526 -13.92 -32.75 -40.27
N ILE B 527 -13.13 -33.82 -40.17
CA ILE B 527 -13.41 -34.90 -39.26
C ILE B 527 -13.83 -34.29 -37.91
N ILE B 528 -13.05 -33.36 -37.42
CA ILE B 528 -13.38 -32.70 -36.17
C ILE B 528 -14.63 -31.88 -36.33
N ASN B 529 -14.66 -30.98 -37.30
CA ASN B 529 -15.81 -30.11 -37.46
C ASN B 529 -17.16 -30.71 -37.89
N THR B 530 -17.18 -31.97 -38.28
CA THR B 530 -18.44 -32.62 -38.69
C THR B 530 -18.79 -33.83 -37.81
N ALA B 531 -18.15 -33.90 -36.64
CA ALA B 531 -18.33 -34.98 -35.73
C ALA B 531 -19.63 -34.93 -34.94
N SER B 532 -20.25 -36.09 -34.78
CA SER B 532 -21.51 -36.21 -34.04
C SER B 532 -21.45 -37.59 -33.43
N ILE B 533 -22.33 -37.89 -32.46
CA ILE B 533 -22.29 -39.21 -31.89
C ILE B 533 -22.82 -40.21 -32.91
N GLN B 534 -23.73 -39.73 -33.76
CA GLN B 534 -24.34 -40.55 -34.80
C GLN B 534 -23.30 -40.94 -35.84
N SER B 535 -22.42 -39.99 -36.16
CA SER B 535 -21.34 -40.25 -37.10
C SER B 535 -20.34 -41.22 -36.47
N LEU B 536 -20.01 -41.01 -35.18
CA LEU B 536 -19.06 -41.86 -34.49
C LEU B 536 -19.54 -43.30 -34.57
N ILE B 537 -20.82 -43.51 -34.28
CA ILE B 537 -21.38 -44.86 -34.33
C ILE B 537 -21.53 -45.38 -35.76
N CYS B 538 -22.10 -44.56 -36.65
CA CYS B 538 -22.28 -44.97 -38.04
C CYS B 538 -21.01 -45.51 -38.69
N ASN B 539 -19.91 -44.77 -38.52
CA ASN B 539 -18.63 -45.15 -39.09
C ASN B 539 -17.95 -46.35 -38.53
N ASN B 540 -18.21 -46.67 -37.26
CA ASN B 540 -17.52 -47.77 -36.63
C ASN B 540 -18.35 -48.93 -36.18
N VAL B 541 -19.66 -48.80 -36.26
CA VAL B 541 -20.53 -49.90 -35.83
C VAL B 541 -21.19 -50.53 -37.06
N LYS B 542 -21.15 -51.86 -37.09
CA LYS B 542 -21.64 -52.73 -38.18
C LYS B 542 -22.74 -52.31 -39.12
N GLY B 543 -23.87 -51.82 -38.64
CA GLY B 543 -24.87 -51.42 -39.61
C GLY B 543 -25.34 -49.98 -39.57
N CYS B 544 -24.54 -49.08 -39.00
CA CYS B 544 -24.95 -47.69 -38.85
C CYS B 544 -26.16 -47.57 -37.95
N PRO B 545 -26.09 -48.22 -36.79
CA PRO B 545 -27.23 -48.15 -35.88
C PRO B 545 -27.52 -46.68 -35.61
N PHE B 546 -28.78 -46.30 -35.66
CA PHE B 546 -29.16 -44.93 -35.36
C PHE B 546 -28.88 -44.79 -33.88
N THR B 547 -28.45 -43.61 -33.46
CA THR B 547 -28.18 -43.42 -32.05
C THR B 547 -28.61 -42.06 -31.57
N SER B 548 -28.47 -41.87 -30.26
CA SER B 548 -28.80 -40.61 -29.63
C SER B 548 -28.55 -40.78 -28.14
N PHE B 549 -28.52 -39.66 -27.44
CA PHE B 549 -28.31 -39.65 -26.00
C PHE B 549 -29.71 -39.51 -25.40
N ASN B 550 -30.69 -39.47 -26.30
CA ASN B 550 -32.09 -39.33 -25.94
C ASN B 550 -32.91 -40.56 -26.35
N VAL B 551 -33.74 -41.05 -25.44
CA VAL B 551 -34.57 -42.18 -25.78
C VAL B 551 -35.78 -41.58 -26.46
N GLN B 552 -35.83 -41.88 -27.75
CA GLN B 552 -36.88 -41.48 -28.68
C GLN B 552 -37.86 -40.39 -28.20
N ALA C 1 -1.53 -8.90 26.62
CA ALA C 1 -0.25 -9.18 27.32
C ALA C 1 0.42 -7.92 27.86
N ASN C 2 0.04 -6.76 27.34
CA ASN C 2 0.62 -5.54 27.84
C ASN C 2 0.20 -5.38 29.30
N PRO C 3 1.18 -5.30 30.21
CA PRO C 3 1.00 -5.14 31.66
C PRO C 3 0.30 -3.85 32.06
N CYS C 4 0.03 -3.01 31.07
CA CYS C 4 -0.67 -1.77 31.36
C CYS C 4 -2.13 -1.91 30.92
N CYS C 5 -2.46 -3.03 30.28
CA CYS C 5 -3.82 -3.29 29.86
C CYS C 5 -4.81 -3.08 31.01
N SER C 6 -4.46 -3.51 32.22
CA SER C 6 -5.32 -3.34 33.37
C SER C 6 -5.53 -1.88 33.76
N ASN C 7 -4.94 -0.95 33.01
CA ASN C 7 -5.08 0.50 33.30
C ASN C 7 -4.84 0.77 34.78
N PRO C 8 -3.70 0.28 35.32
CA PRO C 8 -3.35 0.45 36.71
C PRO C 8 -3.00 1.80 37.29
N CYS C 9 -2.69 2.80 36.48
CA CYS C 9 -2.28 4.07 37.08
C CYS C 9 -3.37 5.06 37.41
N GLN C 10 -3.51 5.36 38.69
CA GLN C 10 -4.56 6.28 39.13
C GLN C 10 -4.14 7.74 39.15
N ASN C 11 -5.10 8.60 39.40
CA ASN C 11 -4.89 10.03 39.46
C ASN C 11 -4.10 10.70 38.32
N ARG C 12 -4.21 10.12 37.15
CA ARG C 12 -3.59 10.62 35.95
C ARG C 12 -2.12 10.20 35.73
N GLY C 13 -1.59 9.39 36.60
CA GLY C 13 -0.24 8.92 36.41
C GLY C 13 -0.25 8.10 35.14
N GLU C 14 0.89 8.05 34.47
CA GLU C 14 1.04 7.33 33.20
C GLU C 14 1.63 5.95 33.42
N CYS C 15 1.11 4.97 32.69
CA CYS C 15 1.60 3.61 32.82
C CYS C 15 2.66 3.31 31.81
N MET C 16 3.80 2.85 32.30
CA MET C 16 4.87 2.48 31.44
C MET C 16 5.17 1.06 31.76
N SER C 17 5.30 0.24 30.74
CA SER C 17 5.64 -1.16 30.89
C SER C 17 7.14 -1.24 31.02
N THR C 18 7.61 -1.87 32.10
CA THR C 18 9.05 -2.02 32.33
C THR C 18 9.43 -3.50 32.31
N GLY C 19 8.91 -4.30 31.37
CA GLY C 19 9.28 -5.70 31.43
C GLY C 19 8.65 -6.71 30.50
N PHE C 20 7.34 -6.90 30.57
CA PHE C 20 6.64 -7.87 29.71
C PHE C 20 5.35 -8.13 30.48
N ASP C 21 5.53 -8.35 31.77
CA ASP C 21 4.42 -8.61 32.70
C ASP C 21 4.68 -7.75 33.93
N GLN C 22 5.32 -6.61 33.71
CA GLN C 22 5.65 -5.68 34.78
C GLN C 22 5.41 -4.32 34.21
N TYR C 23 5.04 -3.36 35.04
CA TYR C 23 4.75 -2.01 34.56
C TYR C 23 5.26 -1.01 35.58
N LYS C 24 4.89 0.25 35.41
CA LYS C 24 5.34 1.29 36.34
C LYS C 24 4.52 2.52 36.09
N CYS C 25 4.17 3.26 37.14
CA CYS C 25 3.40 4.48 37.01
C CYS C 25 4.16 5.77 37.20
N ASP C 26 4.10 6.64 36.21
CA ASP C 26 4.76 7.92 36.29
C ASP C 26 3.79 8.88 36.94
N CYS C 27 3.84 8.92 38.26
CA CYS C 27 2.97 9.78 39.06
C CYS C 27 3.48 11.22 39.10
N THR C 28 4.19 11.67 38.09
CA THR C 28 4.71 13.01 38.14
C THR C 28 3.64 14.07 38.18
N ARG C 29 3.76 14.96 39.16
CA ARG C 29 2.83 16.06 39.33
C ARG C 29 1.38 15.60 39.55
N THR C 30 1.14 14.30 39.73
CA THR C 30 -0.25 13.89 39.91
C THR C 30 -0.81 14.33 41.23
N GLY C 31 0.08 14.59 42.19
CA GLY C 31 -0.33 14.96 43.54
C GLY C 31 -0.49 13.70 44.41
N PHE C 32 -0.09 12.56 43.87
CA PHE C 32 -0.20 11.30 44.55
C PHE C 32 1.06 10.52 44.29
N TYR C 33 1.44 9.69 45.27
CA TYR C 33 2.59 8.80 45.11
C TYR C 33 2.10 7.37 45.33
N GLY C 34 2.99 6.42 45.47
CA GLY C 34 2.53 5.06 45.65
C GLY C 34 2.45 4.33 44.32
N GLU C 35 2.50 3.01 44.35
CA GLU C 35 2.51 2.18 43.13
C GLU C 35 1.63 2.58 41.97
N ASN C 36 0.44 3.08 42.28
CA ASN C 36 -0.51 3.45 41.24
C ASN C 36 -0.99 4.91 41.37
N CYS C 37 -0.12 5.77 41.90
CA CYS C 37 -0.43 7.18 42.07
C CYS C 37 -1.68 7.33 42.87
N THR C 38 -1.81 6.46 43.85
CA THR C 38 -2.96 6.46 44.73
C THR C 38 -2.77 7.16 46.06
N THR C 39 -1.66 6.94 46.76
CA THR C 39 -1.52 7.61 48.03
C THR C 39 -1.27 9.07 47.87
N PRO C 40 -2.26 9.89 48.22
CA PRO C 40 -2.21 11.34 48.13
C PRO C 40 -1.13 11.97 48.94
N GLU C 41 -0.66 13.11 48.48
CA GLU C 41 0.35 13.84 49.22
C GLU C 41 -0.50 14.63 50.18
N PHE C 42 0.06 15.02 51.31
CA PHE C 42 -0.74 15.76 52.29
C PHE C 42 -1.58 16.90 51.73
N LEU C 43 -0.97 17.77 50.95
CA LEU C 43 -1.70 18.90 50.42
C LEU C 43 -2.86 18.45 49.57
N THR C 44 -2.71 17.33 48.86
CA THR C 44 -3.79 16.80 48.04
C THR C 44 -4.97 16.54 48.97
N ARG C 45 -4.69 15.85 50.09
CA ARG C 45 -5.67 15.53 51.12
C ARG C 45 -6.54 16.76 51.44
N ILE C 46 -5.89 17.89 51.71
CA ILE C 46 -6.58 19.13 51.99
C ILE C 46 -7.55 19.53 50.86
N LYS C 47 -7.03 19.67 49.65
CA LYS C 47 -7.85 20.04 48.50
C LYS C 47 -9.03 19.12 48.34
N LEU C 48 -8.78 17.81 48.32
CA LEU C 48 -9.81 16.81 48.20
C LEU C 48 -10.95 17.01 49.18
N LEU C 49 -10.60 17.12 50.46
CA LEU C 49 -11.59 17.31 51.54
C LEU C 49 -11.93 18.79 51.62
N LEU C 50 -12.45 19.32 50.54
CA LEU C 50 -12.76 20.74 50.50
C LEU C 50 -13.32 21.11 49.13
N LYS C 51 -13.20 20.18 48.18
CA LYS C 51 -13.69 20.39 46.83
C LYS C 51 -15.06 19.73 46.68
N PRO C 52 -16.10 20.55 46.45
CA PRO C 52 -17.44 20.00 46.29
C PRO C 52 -17.52 19.04 45.11
N THR C 53 -18.66 18.42 44.92
CA THR C 53 -18.81 17.51 43.81
C THR C 53 -19.57 18.23 42.72
N PRO C 54 -19.37 17.79 41.48
CA PRO C 54 -20.02 18.37 40.31
C PRO C 54 -21.51 18.61 40.52
N ASN C 55 -22.14 17.76 41.33
CA ASN C 55 -23.56 17.93 41.57
C ASN C 55 -23.85 18.96 42.61
N THR C 56 -23.02 19.06 43.65
CA THR C 56 -23.29 20.09 44.65
C THR C 56 -22.95 21.41 43.99
N VAL C 57 -21.88 21.40 43.20
CA VAL C 57 -21.45 22.60 42.52
C VAL C 57 -22.60 22.96 41.60
N HIS C 58 -23.03 22.00 40.79
CA HIS C 58 -24.14 22.23 39.89
C HIS C 58 -25.38 22.78 40.63
N TYR C 59 -25.63 22.24 41.82
CA TYR C 59 -26.78 22.66 42.63
C TYR C 59 -26.74 24.15 42.86
N ILE C 60 -25.65 24.62 43.45
CA ILE C 60 -25.52 26.04 43.74
C ILE C 60 -25.70 26.85 42.48
N LEU C 61 -25.06 26.46 41.39
CA LEU C 61 -25.17 27.19 40.11
C LEU C 61 -26.59 27.20 39.55
N THR C 62 -27.34 26.18 39.91
CA THR C 62 -28.71 25.99 39.46
C THR C 62 -29.75 26.62 40.39
N HIS C 63 -29.42 26.81 41.66
CA HIS C 63 -30.35 27.40 42.58
C HIS C 63 -29.89 28.77 43.02
N PHE C 64 -30.53 29.31 44.05
CA PHE C 64 -30.21 30.62 44.57
C PHE C 64 -30.29 31.76 43.57
N LYS C 65 -31.17 31.66 42.58
CA LYS C 65 -31.33 32.70 41.55
C LYS C 65 -31.09 34.13 42.05
N GLY C 66 -31.71 34.49 43.17
CA GLY C 66 -31.55 35.82 43.71
C GLY C 66 -30.11 36.17 44.01
N VAL C 67 -29.41 35.26 44.71
CA VAL C 67 -28.01 35.50 45.05
C VAL C 67 -27.26 35.75 43.75
N TRP C 68 -27.46 34.88 42.79
CA TRP C 68 -26.81 35.02 41.51
C TRP C 68 -27.10 36.35 40.82
N ASN C 69 -28.32 36.85 40.99
CA ASN C 69 -28.69 38.10 40.40
C ASN C 69 -27.86 39.22 41.02
N ILE C 70 -27.37 38.98 42.22
CA ILE C 70 -26.56 40.00 42.86
C ILE C 70 -25.15 39.83 42.29
N VAL C 71 -24.64 38.61 42.36
CA VAL C 71 -23.33 38.27 41.87
C VAL C 71 -23.12 38.69 40.42
N ASN C 72 -24.15 38.53 39.60
CA ASN C 72 -24.08 38.90 38.19
C ASN C 72 -24.01 40.41 37.93
N ASN C 73 -24.24 41.22 38.96
CA ASN C 73 -24.19 42.68 38.84
C ASN C 73 -22.99 43.33 39.51
N ILE C 74 -22.12 42.50 40.09
CA ILE C 74 -20.91 42.97 40.75
C ILE C 74 -19.77 42.42 39.90
N PRO C 75 -19.38 43.18 38.85
CA PRO C 75 -18.32 42.89 37.87
C PRO C 75 -17.14 42.08 38.37
N PHE C 76 -16.56 42.54 39.47
CA PHE C 76 -15.38 41.90 40.05
C PHE C 76 -15.68 40.45 40.29
N LEU C 77 -16.74 40.22 41.05
CA LEU C 77 -17.16 38.88 41.37
C LEU C 77 -17.40 38.05 40.11
N ARG C 78 -18.17 38.59 39.17
CA ARG C 78 -18.47 37.86 37.94
C ARG C 78 -17.19 37.43 37.21
N SER C 79 -16.25 38.38 37.05
CA SER C 79 -14.98 38.10 36.40
C SER C 79 -14.21 37.10 37.28
N LEU C 80 -14.37 37.25 38.59
CA LEU C 80 -13.75 36.38 39.56
C LEU C 80 -14.28 34.94 39.32
N ILE C 81 -15.59 34.80 39.15
CA ILE C 81 -16.17 33.48 38.96
C ILE C 81 -15.81 32.90 37.59
N MET C 82 -16.07 33.67 36.54
CA MET C 82 -15.81 33.22 35.19
C MET C 82 -14.35 32.81 35.04
N LYS C 83 -13.44 33.62 35.62
CA LYS C 83 -12.00 33.35 35.58
C LYS C 83 -11.71 31.98 36.15
N TYR C 84 -12.40 31.66 37.23
CA TYR C 84 -12.22 30.37 37.84
C TYR C 84 -12.81 29.24 37.04
N VAL C 85 -14.03 29.41 36.52
CA VAL C 85 -14.60 28.30 35.76
C VAL C 85 -13.70 28.05 34.59
N LEU C 86 -13.25 29.16 34.00
CA LEU C 86 -12.34 29.19 32.82
C LEU C 86 -11.00 28.50 33.07
N THR C 87 -10.38 28.76 34.22
CA THR C 87 -9.10 28.11 34.54
C THR C 87 -9.19 26.66 35.00
N SER C 88 -10.11 26.40 35.94
CA SER C 88 -10.32 25.05 36.50
C SER C 88 -10.78 24.04 35.46
N ARG C 89 -11.63 24.50 34.55
CA ARG C 89 -12.12 23.63 33.50
C ARG C 89 -10.92 23.26 32.63
N SER C 90 -10.27 24.29 32.10
CA SER C 90 -9.15 24.10 31.21
C SER C 90 -8.03 23.21 31.74
N TYR C 91 -7.71 23.26 33.05
CA TYR C 91 -6.64 22.42 33.57
C TYR C 91 -6.88 20.93 33.43
N LEU C 92 -8.02 20.57 32.83
CA LEU C 92 -8.37 19.16 32.63
C LEU C 92 -7.99 18.68 31.25
N ILE C 93 -7.44 19.57 30.43
CA ILE C 93 -7.07 19.23 29.05
C ILE C 93 -5.58 19.33 28.76
N ASP C 94 -5.00 18.24 28.27
CA ASP C 94 -3.57 18.20 27.94
C ASP C 94 -3.26 19.15 26.80
N SER C 95 -2.50 20.20 27.08
CA SER C 95 -2.17 21.18 26.06
C SER C 95 -0.75 21.71 26.31
N PRO C 96 0.21 21.37 25.45
CA PRO C 96 0.17 20.55 24.24
C PRO C 96 -0.40 19.14 24.40
N PRO C 97 -1.05 18.64 23.34
CA PRO C 97 -1.72 17.35 23.16
C PRO C 97 -0.83 16.15 23.26
N THR C 98 -1.43 15.03 23.63
CA THR C 98 -0.74 13.78 23.80
C THR C 98 -1.68 12.70 23.30
N TYR C 99 -1.16 11.55 22.87
CA TYR C 99 -2.02 10.42 22.45
C TYR C 99 -3.06 10.60 21.34
N ASN C 100 -3.26 9.51 20.61
CA ASN C 100 -4.23 9.47 19.58
C ASN C 100 -4.55 8.02 19.26
N VAL C 101 -5.46 7.80 18.33
CA VAL C 101 -5.87 6.46 17.97
C VAL C 101 -4.72 5.46 17.87
N HIS C 102 -3.61 5.91 17.28
CA HIS C 102 -2.41 5.10 17.07
C HIS C 102 -1.37 5.15 18.18
N TYR C 103 -1.48 6.12 19.07
CA TYR C 103 -0.45 6.24 20.08
C TYR C 103 -0.92 6.31 21.48
N GLY C 104 -0.57 5.29 22.23
CA GLY C 104 -0.94 5.25 23.64
C GLY C 104 0.16 5.86 24.48
N TYR C 105 1.15 6.38 23.76
CA TYR C 105 2.34 7.02 24.34
C TYR C 105 2.59 8.30 23.61
N LYS C 106 3.04 9.30 24.36
CA LYS C 106 3.30 10.65 23.86
C LYS C 106 3.75 10.85 22.40
N SER C 107 4.84 10.24 21.98
CA SER C 107 5.33 10.36 20.60
C SER C 107 5.26 11.71 19.84
N TRP C 108 6.28 11.99 19.01
CA TRP C 108 6.33 13.24 18.21
C TRP C 108 5.32 13.14 17.05
N GLU C 109 5.06 11.92 16.58
CA GLU C 109 4.13 11.71 15.50
C GLU C 109 2.77 12.08 16.01
N ALA C 110 2.48 11.66 17.24
CA ALA C 110 1.21 11.99 17.86
C ALA C 110 1.08 13.51 17.97
N PHE C 111 2.10 14.16 18.50
CA PHE C 111 2.05 15.61 18.66
C PHE C 111 1.95 16.41 17.35
N SER C 112 2.78 16.07 16.37
CA SER C 112 2.86 16.83 15.15
C SER C 112 1.84 16.53 14.13
N ASN C 113 1.32 15.30 14.08
CA ASN C 113 0.34 14.97 13.06
C ASN C 113 -1.04 15.50 13.36
N LEU C 114 -1.37 16.60 12.72
CA LEU C 114 -2.64 17.31 12.86
C LEU C 114 -3.87 16.62 12.24
N SER C 115 -3.65 15.54 11.51
CA SER C 115 -4.74 14.80 10.85
C SER C 115 -5.50 13.87 11.83
N TYR C 116 -4.93 13.63 13.01
CA TYR C 116 -5.59 12.81 14.01
C TYR C 116 -6.32 13.69 15.00
N TYR C 117 -7.46 13.23 15.53
CA TYR C 117 -8.16 13.95 16.60
C TYR C 117 -7.31 13.51 17.78
N THR C 118 -7.08 14.37 18.77
CA THR C 118 -6.28 13.93 19.91
C THR C 118 -7.10 13.03 20.81
N ARG C 119 -6.51 12.57 21.90
CA ARG C 119 -7.17 11.68 22.84
C ARG C 119 -7.05 12.12 24.27
N ALA C 120 -8.16 12.14 25.00
CA ALA C 120 -8.16 12.50 26.42
C ALA C 120 -7.56 11.34 27.21
N LEU C 121 -7.77 10.14 26.71
CA LEU C 121 -7.21 8.97 27.35
C LEU C 121 -6.66 8.14 26.24
N PRO C 122 -5.55 7.47 26.47
CA PRO C 122 -5.00 6.64 25.41
C PRO C 122 -5.90 5.49 24.96
N PRO C 123 -5.65 4.99 23.76
CA PRO C 123 -6.46 3.88 23.29
C PRO C 123 -6.05 2.68 24.11
N VAL C 124 -6.67 1.54 23.82
CA VAL C 124 -6.38 0.30 24.54
C VAL C 124 -5.39 -0.51 23.69
N ALA C 125 -4.34 -1.00 24.34
CA ALA C 125 -3.32 -1.80 23.68
C ALA C 125 -3.99 -2.88 22.89
N ASP C 126 -3.49 -3.08 21.70
CA ASP C 126 -4.10 -4.10 20.86
C ASP C 126 -3.96 -5.51 21.38
N ASP C 127 -2.99 -5.77 22.24
CA ASP C 127 -2.85 -7.14 22.73
C ASP C 127 -3.47 -7.39 24.11
N CYS C 128 -4.37 -6.50 24.50
CA CYS C 128 -5.03 -6.66 25.75
C CYS C 128 -6.06 -7.74 25.46
N PRO C 129 -6.42 -8.56 26.46
CA PRO C 129 -7.38 -9.65 26.34
C PRO C 129 -8.84 -9.25 26.09
N THR C 130 -9.34 -8.28 26.85
CA THR C 130 -10.72 -7.85 26.69
C THR C 130 -10.70 -6.46 26.15
N PRO C 131 -11.64 -6.14 25.25
CA PRO C 131 -11.79 -4.83 24.59
C PRO C 131 -11.83 -3.55 25.43
N MET C 132 -11.73 -3.66 26.73
CA MET C 132 -11.73 -2.48 27.58
C MET C 132 -10.48 -2.54 28.41
N GLY C 133 -9.64 -3.53 28.11
CA GLY C 133 -8.39 -3.75 28.80
C GLY C 133 -8.29 -5.19 29.30
N VAL C 134 -8.57 -5.31 30.59
CA VAL C 134 -8.49 -6.58 31.27
C VAL C 134 -9.87 -7.03 31.79
N LYS C 135 -10.70 -6.06 32.19
CA LYS C 135 -12.07 -6.31 32.71
C LYS C 135 -13.11 -6.61 31.64
N GLY C 136 -14.16 -7.30 32.02
CA GLY C 136 -15.20 -7.62 31.06
C GLY C 136 -14.95 -8.88 30.24
N ASN C 137 -15.82 -9.10 29.26
CA ASN C 137 -15.77 -10.27 28.39
C ASN C 137 -14.96 -10.05 27.09
N LYS C 138 -14.61 -11.16 26.46
CA LYS C 138 -13.86 -11.15 25.22
C LYS C 138 -14.42 -10.16 24.22
N GLU C 139 -15.73 -9.90 24.28
CA GLU C 139 -16.32 -8.94 23.37
C GLU C 139 -17.39 -8.16 24.11
N LEU C 140 -17.63 -6.92 23.65
CA LEU C 140 -18.65 -6.05 24.22
C LEU C 140 -19.99 -6.55 23.68
N PRO C 141 -21.10 -6.15 24.32
CA PRO C 141 -22.41 -6.59 23.86
C PRO C 141 -22.71 -6.02 22.50
N ASP C 142 -23.43 -6.78 21.69
CA ASP C 142 -23.78 -6.33 20.34
C ASP C 142 -24.39 -4.92 20.31
N SER C 143 -23.73 -4.03 19.59
CA SER C 143 -24.17 -2.65 19.46
C SER C 143 -25.62 -2.54 19.00
N LYS C 144 -26.06 -3.43 18.10
CA LYS C 144 -27.45 -3.39 17.65
C LYS C 144 -28.36 -3.61 18.86
N GLU C 145 -28.04 -4.59 19.71
CA GLU C 145 -28.85 -4.82 20.91
C GLU C 145 -28.83 -3.60 21.81
N VAL C 146 -27.64 -3.09 22.13
CA VAL C 146 -27.52 -1.92 22.98
C VAL C 146 -28.39 -0.78 22.40
N LEU C 147 -28.27 -0.56 21.10
CA LEU C 147 -28.98 0.49 20.36
C LEU C 147 -30.44 0.39 20.64
N GLU C 148 -31.04 -0.71 20.17
CA GLU C 148 -32.46 -1.01 20.34
C GLU C 148 -32.95 -1.00 21.78
N LYS C 149 -32.28 -1.74 22.63
CA LYS C 149 -32.68 -1.83 24.03
C LYS C 149 -32.74 -0.54 24.86
N VAL C 150 -31.71 0.28 24.83
CA VAL C 150 -31.70 1.49 25.64
C VAL C 150 -31.51 2.79 24.86
N LEU C 151 -31.26 2.70 23.57
CA LEU C 151 -31.06 3.92 22.79
C LEU C 151 -32.20 4.39 21.91
N LEU C 152 -32.79 3.49 21.12
CA LEU C 152 -33.87 3.90 20.22
C LEU C 152 -35.06 4.58 20.87
N ARG C 153 -35.63 5.54 20.16
CA ARG C 153 -36.75 6.32 20.65
C ARG C 153 -38.10 5.64 20.44
N ARG C 154 -38.93 5.65 21.49
CA ARG C 154 -40.26 5.10 21.40
C ARG C 154 -41.11 6.34 21.21
N GLU C 155 -41.41 7.01 22.32
CA GLU C 155 -42.20 8.23 22.30
C GLU C 155 -41.21 9.36 22.43
N PHE C 156 -41.36 10.37 21.60
CA PHE C 156 -40.49 11.52 21.63
C PHE C 156 -40.46 12.15 23.00
N ILE C 157 -39.28 12.20 23.60
CA ILE C 157 -39.12 12.82 24.94
C ILE C 157 -38.54 14.22 24.76
N PRO C 158 -39.36 15.27 24.96
CA PRO C 158 -38.83 16.62 24.80
C PRO C 158 -37.94 16.98 25.94
N ASP C 159 -36.99 17.86 25.67
CA ASP C 159 -36.03 18.30 26.65
C ASP C 159 -36.66 19.28 27.64
N PRO C 160 -36.59 18.95 28.96
CA PRO C 160 -37.13 19.76 30.07
C PRO C 160 -36.47 21.14 30.17
N GLN C 161 -35.22 21.23 29.71
CA GLN C 161 -34.45 22.49 29.73
C GLN C 161 -34.99 23.53 28.77
N GLY C 162 -35.63 23.09 27.69
CA GLY C 162 -36.21 24.05 26.74
C GLY C 162 -35.61 24.18 25.35
N SER C 163 -34.54 23.45 25.09
CA SER C 163 -33.87 23.52 23.79
C SER C 163 -34.78 23.43 22.58
N ASN C 164 -34.68 24.43 21.71
CA ASN C 164 -35.50 24.42 20.51
C ASN C 164 -34.63 24.09 19.32
N MET C 165 -35.25 24.08 18.14
CA MET C 165 -34.57 23.76 16.89
C MET C 165 -33.61 24.84 16.38
N MET C 166 -33.47 25.91 17.15
CA MET C 166 -32.55 26.99 16.86
C MET C 166 -31.25 26.57 17.57
N PHE C 167 -31.39 26.08 18.79
CA PHE C 167 -30.26 25.56 19.55
C PHE C 167 -29.78 24.29 18.81
N ALA C 168 -30.66 23.31 18.62
CA ALA C 168 -30.25 22.07 17.96
C ALA C 168 -29.42 22.26 16.67
N PHE C 169 -29.90 23.10 15.75
CA PHE C 169 -29.21 23.36 14.49
C PHE C 169 -27.94 24.23 14.61
N PHE C 170 -27.91 25.11 15.60
CA PHE C 170 -26.73 25.92 15.82
C PHE C 170 -25.66 24.92 16.24
N ALA C 171 -26.00 24.04 17.19
CA ALA C 171 -25.04 23.07 17.67
C ALA C 171 -24.47 22.29 16.50
N GLN C 172 -25.33 21.93 15.56
CA GLN C 172 -24.89 21.17 14.38
C GLN C 172 -23.87 21.95 13.55
N HIS C 173 -24.28 23.15 13.16
CA HIS C 173 -23.51 24.07 12.35
C HIS C 173 -22.19 24.41 13.04
N PHE C 174 -22.26 24.94 14.24
CA PHE C 174 -21.08 25.32 15.00
C PHE C 174 -20.02 24.24 15.13
N THR C 175 -20.39 23.12 15.73
CA THR C 175 -19.45 22.03 15.94
C THR C 175 -18.95 21.42 14.66
N HIS C 176 -19.66 21.61 13.57
CA HIS C 176 -19.24 21.02 12.31
C HIS C 176 -18.08 21.71 11.54
N GLN C 177 -17.49 22.73 12.14
CA GLN C 177 -16.36 23.34 11.51
C GLN C 177 -15.23 22.48 11.98
N PHE C 178 -15.25 22.11 13.27
CA PHE C 178 -14.22 21.24 13.83
C PHE C 178 -14.44 19.73 13.83
N PHE C 179 -15.69 19.28 13.95
CA PHE C 179 -15.93 17.84 13.87
C PHE C 179 -16.11 17.55 12.38
N LYS C 180 -15.09 16.95 11.75
CA LYS C 180 -15.14 16.63 10.33
C LYS C 180 -14.32 15.39 10.01
N THR C 181 -14.75 14.25 10.52
CA THR C 181 -14.04 13.01 10.28
C THR C 181 -13.70 12.73 8.83
N ASP C 182 -12.47 12.32 8.60
CA ASP C 182 -12.00 12.00 7.27
C ASP C 182 -12.23 10.49 7.21
N HIS C 183 -13.43 10.14 6.80
CA HIS C 183 -13.84 8.76 6.69
C HIS C 183 -13.02 7.93 5.69
N LYS C 184 -12.07 8.57 5.03
CA LYS C 184 -11.24 7.87 4.06
C LYS C 184 -10.05 7.32 4.81
N ARG C 185 -9.66 8.01 5.89
CA ARG C 185 -8.55 7.58 6.73
C ARG C 185 -9.07 6.64 7.81
N GLY C 186 -10.18 7.03 8.43
CA GLY C 186 -10.80 6.23 9.47
C GLY C 186 -11.27 7.16 10.56
N PRO C 187 -12.13 6.70 11.50
CA PRO C 187 -12.52 7.65 12.53
C PRO C 187 -11.18 7.84 13.25
N GLY C 188 -11.03 8.98 13.89
CA GLY C 188 -9.77 9.20 14.55
C GLY C 188 -8.97 10.21 13.77
N PHE C 189 -9.35 10.43 12.51
CA PHE C 189 -8.71 11.40 11.61
C PHE C 189 -9.69 12.49 11.25
N THR C 190 -9.25 13.73 11.36
CA THR C 190 -10.08 14.91 11.10
C THR C 190 -9.65 15.64 9.83
N ARG C 191 -10.53 16.52 9.35
CA ARG C 191 -10.21 17.31 8.17
C ARG C 191 -10.19 18.78 8.57
N GLY C 192 -10.53 19.04 9.83
CA GLY C 192 -10.53 20.40 10.31
C GLY C 192 -9.19 20.62 10.95
N LEU C 193 -8.17 20.74 10.12
CA LEU C 193 -6.82 20.92 10.62
C LEU C 193 -6.67 22.25 11.30
N GLY C 194 -7.72 23.02 11.44
CA GLY C 194 -7.55 24.27 12.16
C GLY C 194 -7.90 24.06 13.62
N HIS C 195 -8.24 22.82 13.95
CA HIS C 195 -8.65 22.36 15.30
C HIS C 195 -9.40 23.33 16.21
N GLY C 196 -10.40 24.05 15.67
CA GLY C 196 -11.13 24.96 16.54
C GLY C 196 -12.01 25.90 15.80
N VAL C 197 -12.38 26.99 16.48
CA VAL C 197 -13.24 28.00 15.90
C VAL C 197 -12.54 28.92 14.88
N ASP C 198 -12.28 28.41 13.67
CA ASP C 198 -11.63 29.20 12.64
C ASP C 198 -12.59 29.67 11.60
N LEU C 199 -13.83 29.22 11.70
CA LEU C 199 -14.91 29.55 10.75
C LEU C 199 -14.69 29.08 9.33
N ASN C 200 -14.09 27.90 9.19
CA ASN C 200 -13.83 27.34 7.87
C ASN C 200 -15.12 26.88 7.24
N HIS C 201 -16.14 26.66 8.08
CA HIS C 201 -17.43 26.18 7.57
C HIS C 201 -18.16 27.32 6.81
N ILE C 202 -17.60 28.52 6.91
CA ILE C 202 -18.12 29.71 6.23
C ILE C 202 -17.12 30.02 5.12
N TYR C 203 -15.83 30.07 5.47
CA TYR C 203 -14.81 30.41 4.52
C TYR C 203 -14.12 29.36 3.70
N GLY C 204 -14.26 28.10 4.05
CA GLY C 204 -13.57 27.10 3.28
C GLY C 204 -12.36 26.68 4.05
N GLU C 205 -12.03 25.42 3.97
CA GLU C 205 -10.91 24.86 4.69
C GLU C 205 -9.63 25.25 4.05
N THR C 206 -9.65 25.53 2.75
CA THR C 206 -8.44 25.89 2.01
C THR C 206 -8.56 27.18 1.24
N LEU C 207 -7.40 27.77 0.96
CA LEU C 207 -7.27 29.05 0.24
C LEU C 207 -7.95 28.97 -1.10
N ASP C 208 -7.79 27.85 -1.78
CA ASP C 208 -8.44 27.71 -3.06
C ASP C 208 -9.95 27.85 -2.91
N ARG C 209 -10.51 27.14 -1.93
CA ARG C 209 -11.95 27.13 -1.67
C ARG C 209 -12.36 28.55 -1.29
N GLN C 210 -11.69 29.07 -0.29
CA GLN C 210 -12.02 30.39 0.16
C GLN C 210 -12.09 31.33 -1.01
N HIS C 211 -11.09 31.23 -1.88
CA HIS C 211 -10.97 32.11 -3.04
C HIS C 211 -12.09 32.00 -4.03
N LYS C 212 -12.65 30.80 -4.17
CA LYS C 212 -13.79 30.56 -5.07
C LYS C 212 -15.09 31.07 -4.46
N LEU C 213 -15.20 31.01 -3.15
CA LEU C 213 -16.38 31.45 -2.45
C LEU C 213 -16.36 32.93 -2.28
N ARG C 214 -15.24 33.54 -2.64
CA ARG C 214 -15.11 34.99 -2.47
C ARG C 214 -15.48 35.87 -3.70
N LEU C 215 -15.95 37.08 -3.41
CA LEU C 215 -16.38 38.04 -4.43
C LEU C 215 -15.23 38.92 -4.94
N PHE C 216 -14.35 39.29 -4.02
CA PHE C 216 -13.21 40.14 -4.27
C PHE C 216 -13.58 41.59 -4.50
N LYS C 217 -14.57 42.02 -3.73
CA LYS C 217 -15.08 43.37 -3.76
C LYS C 217 -15.53 43.66 -2.36
N ASP C 218 -15.10 44.79 -1.82
CA ASP C 218 -15.44 45.27 -0.49
C ASP C 218 -15.26 44.26 0.63
N GLY C 219 -14.55 43.18 0.32
CA GLY C 219 -14.27 42.14 1.30
C GLY C 219 -15.31 41.07 1.42
N LYS C 220 -16.32 41.15 0.55
CA LYS C 220 -17.47 40.25 0.56
C LYS C 220 -17.35 38.83 0.06
N LEU C 221 -18.25 38.00 0.55
CA LEU C 221 -18.35 36.58 0.20
C LEU C 221 -19.34 36.57 -0.99
N LYS C 222 -19.12 35.67 -1.93
CA LYS C 222 -19.98 35.60 -3.12
C LYS C 222 -21.39 35.28 -2.67
N TYR C 223 -22.39 35.70 -3.44
CA TYR C 223 -23.79 35.41 -3.12
C TYR C 223 -24.74 35.60 -4.27
N GLN C 224 -26.02 35.39 -4.01
CA GLN C 224 -27.06 35.55 -5.01
C GLN C 224 -28.34 36.02 -4.38
N VAL C 225 -29.12 36.81 -5.12
CA VAL C 225 -30.41 37.27 -4.63
C VAL C 225 -31.54 36.48 -5.29
N ILE C 226 -32.27 35.73 -4.48
CA ILE C 226 -33.39 34.90 -4.93
C ILE C 226 -34.57 35.51 -4.20
N GLY C 227 -35.67 35.67 -4.91
CA GLY C 227 -36.80 36.35 -4.30
C GLY C 227 -36.23 37.74 -4.06
N GLY C 228 -36.10 38.11 -2.80
CA GLY C 228 -35.49 39.39 -2.51
C GLY C 228 -34.39 39.10 -1.50
N GLU C 229 -34.33 37.84 -1.06
CA GLU C 229 -33.37 37.41 -0.05
C GLU C 229 -31.99 37.05 -0.60
N VAL C 230 -30.99 37.16 0.28
CA VAL C 230 -29.62 36.86 -0.09
C VAL C 230 -29.33 35.41 0.31
N TYR C 231 -28.89 34.61 -0.65
CA TYR C 231 -28.57 33.21 -0.40
C TYR C 231 -27.19 32.93 -0.93
N PRO C 232 -26.58 31.79 -0.52
CA PRO C 232 -25.24 31.41 -0.98
C PRO C 232 -25.29 31.22 -2.48
N PRO C 233 -24.15 31.37 -3.16
CA PRO C 233 -24.15 31.20 -4.61
C PRO C 233 -24.17 29.73 -4.94
N THR C 234 -24.30 29.42 -6.22
CA THR C 234 -24.38 28.05 -6.65
C THR C 234 -23.05 27.37 -6.76
N VAL C 235 -23.10 26.05 -6.91
CA VAL C 235 -21.93 25.22 -7.11
C VAL C 235 -21.47 25.42 -8.54
N LYS C 236 -22.42 25.68 -9.43
CA LYS C 236 -22.08 25.89 -10.84
C LYS C 236 -21.33 27.21 -11.06
N ASP C 237 -21.75 28.26 -10.38
CA ASP C 237 -21.12 29.56 -10.55
C ASP C 237 -19.73 29.61 -9.86
N THR C 238 -19.68 29.22 -8.60
CA THR C 238 -18.43 29.30 -7.87
C THR C 238 -17.48 28.14 -8.15
N GLN C 239 -18.02 26.95 -8.36
CA GLN C 239 -17.23 25.75 -8.64
C GLN C 239 -16.69 25.08 -7.42
N VAL C 240 -17.18 25.42 -6.23
CA VAL C 240 -16.65 24.76 -5.04
C VAL C 240 -17.24 23.36 -4.98
N GLU C 241 -16.54 22.44 -4.32
CA GLU C 241 -17.01 21.06 -4.18
C GLU C 241 -17.98 20.94 -3.00
N MET C 242 -19.26 20.67 -3.26
CA MET C 242 -20.29 20.49 -2.20
C MET C 242 -20.81 19.05 -2.27
N ILE C 243 -21.37 18.53 -1.19
CA ILE C 243 -21.90 17.19 -1.23
C ILE C 243 -23.41 17.28 -1.37
N TYR C 244 -23.94 16.78 -2.49
CA TYR C 244 -25.36 16.84 -2.77
C TYR C 244 -25.83 15.57 -3.47
N PRO C 245 -27.07 15.14 -3.20
CA PRO C 245 -27.62 13.95 -3.84
C PRO C 245 -27.82 14.30 -5.30
N PRO C 246 -27.40 13.40 -6.21
CA PRO C 246 -27.47 13.51 -7.69
C PRO C 246 -28.74 14.06 -8.34
N HIS C 247 -29.79 14.28 -7.56
CA HIS C 247 -31.04 14.77 -8.09
C HIS C 247 -31.34 16.24 -7.76
N ILE C 248 -30.41 16.94 -7.10
CA ILE C 248 -30.64 18.36 -6.81
C ILE C 248 -30.57 19.03 -8.19
N PRO C 249 -31.63 19.76 -8.57
CA PRO C 249 -31.73 20.44 -9.86
C PRO C 249 -30.70 21.49 -10.23
N GLU C 250 -29.53 21.50 -9.57
CA GLU C 250 -28.53 22.54 -9.82
C GLU C 250 -29.34 23.73 -9.22
N ASN C 251 -28.91 24.98 -9.38
CA ASN C 251 -29.70 26.12 -8.85
C ASN C 251 -30.22 26.07 -7.36
N LEU C 252 -30.05 24.95 -6.70
CA LEU C 252 -30.41 24.78 -5.30
C LEU C 252 -29.21 24.09 -4.67
N GLN C 253 -28.15 23.94 -5.46
CA GLN C 253 -26.90 23.35 -4.97
C GLN C 253 -26.11 24.55 -4.47
N PHE C 254 -26.42 24.99 -3.25
CA PHE C 254 -25.77 26.15 -2.69
C PHE C 254 -24.30 25.84 -2.36
N ALA C 255 -23.44 26.87 -2.42
CA ALA C 255 -22.00 26.71 -2.17
C ALA C 255 -21.64 26.66 -0.71
N VAL C 256 -21.66 27.82 -0.06
CA VAL C 256 -21.37 27.89 1.37
C VAL C 256 -20.04 27.68 2.07
N GLY C 257 -19.31 26.57 1.87
CA GLY C 257 -18.06 26.49 2.63
C GLY C 257 -17.75 25.18 3.32
N GLN C 258 -18.69 24.66 4.10
CA GLN C 258 -18.51 23.35 4.72
C GLN C 258 -19.24 22.47 3.70
N GLU C 259 -18.53 21.56 3.07
CA GLU C 259 -19.08 20.72 2.01
C GLU C 259 -20.30 19.84 2.27
N VAL C 260 -20.64 19.68 3.53
CA VAL C 260 -21.77 18.86 3.87
C VAL C 260 -23.04 19.62 4.33
N PHE C 261 -23.00 20.95 4.41
CA PHE C 261 -24.15 21.73 4.86
C PHE C 261 -25.33 21.80 3.92
N GLY C 262 -25.21 21.20 2.73
CA GLY C 262 -26.32 21.22 1.81
C GLY C 262 -27.27 20.07 2.17
N LEU C 263 -26.76 19.17 3.00
CA LEU C 263 -27.52 18.00 3.39
C LEU C 263 -28.65 18.21 4.39
N VAL C 264 -28.72 19.40 4.99
CA VAL C 264 -29.83 19.70 5.89
C VAL C 264 -30.16 21.18 5.95
N PRO C 265 -31.38 21.56 5.59
CA PRO C 265 -31.83 22.95 5.60
C PRO C 265 -31.56 23.74 6.88
N GLY C 266 -31.39 23.05 8.00
CA GLY C 266 -31.16 23.72 9.27
C GLY C 266 -29.78 24.31 9.34
N LEU C 267 -28.85 23.65 8.66
CA LEU C 267 -27.43 24.03 8.53
C LEU C 267 -27.31 25.18 7.56
N MET C 268 -27.99 25.06 6.42
CA MET C 268 -28.01 26.09 5.37
C MET C 268 -28.72 27.38 5.82
N MET C 269 -29.60 27.26 6.79
CA MET C 269 -30.32 28.43 7.31
C MET C 269 -29.24 29.26 7.98
N TYR C 270 -28.45 28.61 8.84
CA TYR C 270 -27.35 29.26 9.59
C TYR C 270 -26.23 29.69 8.66
N ALA C 271 -25.86 28.82 7.74
CA ALA C 271 -24.83 29.10 6.74
C ALA C 271 -25.17 30.36 5.92
N THR C 272 -26.46 30.63 5.75
CA THR C 272 -26.91 31.80 5.00
C THR C 272 -26.91 32.98 5.93
N ILE C 273 -27.28 32.77 7.18
CA ILE C 273 -27.32 33.87 8.14
C ILE C 273 -25.93 34.47 8.34
N TRP C 274 -24.93 33.59 8.41
CA TRP C 274 -23.54 33.99 8.61
C TRP C 274 -22.91 34.63 7.36
N LEU C 275 -23.31 34.16 6.18
CA LEU C 275 -22.85 34.75 4.93
C LEU C 275 -23.32 36.16 5.01
N ARG C 276 -24.60 36.33 5.27
CA ARG C 276 -25.18 37.65 5.39
C ARG C 276 -24.41 38.52 6.38
N GLU C 277 -24.02 37.94 7.50
CA GLU C 277 -23.28 38.63 8.57
C GLU C 277 -21.92 39.16 8.15
N HIS C 278 -21.16 38.28 7.50
CA HIS C 278 -19.84 38.63 6.98
C HIS C 278 -19.98 39.91 6.13
N GLN C 279 -20.87 39.86 5.13
CA GLN C 279 -21.14 40.95 4.21
C GLN C 279 -21.45 42.23 4.96
N ARG C 280 -22.32 42.13 5.95
CA ARG C 280 -22.77 43.26 6.77
C ARG C 280 -21.55 43.94 7.41
N VAL C 281 -20.68 43.15 8.01
CA VAL C 281 -19.49 43.69 8.62
C VAL C 281 -18.61 44.35 7.57
N CYS C 282 -18.52 43.76 6.38
CA CYS C 282 -17.72 44.34 5.33
C CYS C 282 -18.20 45.75 5.10
N ASP C 283 -19.51 45.93 5.13
CA ASP C 283 -20.07 47.25 4.93
C ASP C 283 -19.70 48.19 6.07
N ILE C 284 -19.81 47.68 7.29
CA ILE C 284 -19.52 48.46 8.48
C ILE C 284 -18.08 48.92 8.53
N LEU C 285 -17.21 48.00 8.13
CA LEU C 285 -15.77 48.21 8.11
C LEU C 285 -15.39 49.20 7.02
N LYS C 286 -15.93 48.96 5.83
CA LYS C 286 -15.71 49.80 4.67
C LYS C 286 -16.05 51.26 4.97
N GLN C 287 -17.09 51.46 5.79
CA GLN C 287 -17.51 52.80 6.17
C GLN C 287 -16.40 53.49 6.95
N GLU C 288 -15.75 52.73 7.82
CA GLU C 288 -14.67 53.22 8.66
C GLU C 288 -13.36 53.27 7.91
N HIS C 289 -13.20 52.40 6.93
CA HIS C 289 -11.99 52.38 6.19
C HIS C 289 -12.12 52.48 4.68
N PRO C 290 -12.41 53.71 4.18
CA PRO C 290 -12.58 53.99 2.75
C PRO C 290 -11.29 53.59 2.04
N GLU C 291 -10.17 53.63 2.78
CA GLU C 291 -8.85 53.26 2.24
C GLU C 291 -8.57 51.79 2.17
N TRP C 292 -9.37 50.96 2.82
CA TRP C 292 -9.07 49.54 2.80
C TRP C 292 -9.36 48.91 1.48
N GLY C 293 -8.79 47.73 1.26
CA GLY C 293 -9.04 47.01 0.02
C GLY C 293 -9.76 45.72 0.32
N ASP C 294 -10.04 44.94 -0.71
CA ASP C 294 -10.76 43.69 -0.58
C ASP C 294 -10.20 42.68 0.41
N GLU C 295 -8.88 42.56 0.53
CA GLU C 295 -8.33 41.58 1.46
C GLU C 295 -8.46 41.97 2.91
N GLN C 296 -7.99 43.16 3.24
CA GLN C 296 -8.07 43.62 4.60
C GLN C 296 -9.51 43.70 5.10
N LEU C 297 -10.44 43.92 4.17
CA LEU C 297 -11.84 43.98 4.54
C LEU C 297 -12.23 42.53 4.84
N PHE C 298 -11.81 41.61 3.98
CA PHE C 298 -12.13 40.21 4.18
C PHE C 298 -11.52 39.68 5.46
N GLN C 299 -10.20 39.64 5.48
CA GLN C 299 -9.47 39.14 6.64
C GLN C 299 -9.92 39.74 7.95
N THR C 300 -10.27 41.03 7.96
CA THR C 300 -10.73 41.66 9.20
C THR C 300 -12.12 41.18 9.63
N SER C 301 -13.05 41.08 8.68
CA SER C 301 -14.41 40.60 8.98
C SER C 301 -14.30 39.21 9.53
N LYS C 302 -13.55 38.34 8.85
CA LYS C 302 -13.40 36.97 9.36
C LYS C 302 -12.97 36.96 10.83
N LEU C 303 -12.15 37.90 11.25
CA LEU C 303 -11.70 37.92 12.62
C LEU C 303 -12.88 38.34 13.49
N ILE C 304 -13.63 39.33 13.03
CA ILE C 304 -14.77 39.80 13.80
C ILE C 304 -15.79 38.69 13.97
N LEU C 305 -16.18 38.07 12.86
CA LEU C 305 -17.14 36.95 12.90
C LEU C 305 -16.66 35.83 13.82
N ILE C 306 -15.35 35.59 13.86
CA ILE C 306 -14.83 34.57 14.76
C ILE C 306 -15.08 35.07 16.19
N GLY C 307 -14.99 36.39 16.40
CA GLY C 307 -15.21 36.97 17.72
C GLY C 307 -16.65 36.83 18.15
N GLU C 308 -17.57 37.20 17.26
CA GLU C 308 -19.01 37.08 17.51
C GLU C 308 -19.33 35.61 17.87
N THR C 309 -18.83 34.67 17.06
CA THR C 309 -19.05 33.26 17.32
C THR C 309 -18.61 32.84 18.74
N ILE C 310 -17.43 33.26 19.18
CA ILE C 310 -16.99 32.87 20.50
C ILE C 310 -17.82 33.59 21.57
N LYS C 311 -18.33 34.77 21.24
CA LYS C 311 -19.16 35.54 22.18
C LYS C 311 -20.53 34.87 22.38
N ILE C 312 -21.20 34.56 21.28
CA ILE C 312 -22.50 33.91 21.27
C ILE C 312 -22.36 32.50 21.84
N VAL C 313 -21.29 31.78 21.50
CA VAL C 313 -21.15 30.41 22.01
C VAL C 313 -21.04 30.28 23.54
N ILE C 314 -20.53 31.30 24.22
CA ILE C 314 -20.38 31.23 25.67
C ILE C 314 -21.55 31.92 26.39
N GLU C 315 -21.95 33.08 25.89
CA GLU C 315 -22.99 33.85 26.54
C GLU C 315 -24.42 33.55 26.15
N ASP C 316 -24.62 32.68 25.15
CA ASP C 316 -25.96 32.26 24.70
C ASP C 316 -26.07 30.72 24.64
N TYR C 317 -25.27 30.11 23.77
CA TYR C 317 -25.27 28.67 23.60
C TYR C 317 -24.96 27.95 24.91
N VAL C 318 -23.74 28.11 25.42
CA VAL C 318 -23.28 27.46 26.66
C VAL C 318 -24.10 27.94 27.85
N GLN C 319 -24.46 29.21 27.85
CA GLN C 319 -25.27 29.76 28.93
C GLN C 319 -26.58 28.91 29.06
N HIS C 320 -27.34 28.82 27.95
CA HIS C 320 -28.57 28.04 27.90
C HIS C 320 -28.30 26.64 28.38
N LEU C 321 -27.39 25.99 27.68
CA LEU C 321 -26.94 24.64 27.92
C LEU C 321 -26.57 24.37 29.39
N SER C 322 -25.81 25.28 30.00
CA SER C 322 -25.38 25.09 31.37
C SER C 322 -26.50 24.97 32.38
N GLY C 323 -27.50 25.83 32.26
CA GLY C 323 -28.63 25.85 33.18
C GLY C 323 -28.30 26.75 34.35
N TYR C 324 -27.04 27.14 34.45
CA TYR C 324 -26.56 27.98 35.53
C TYR C 324 -27.22 29.35 35.53
N HIS C 325 -27.31 29.95 36.71
CA HIS C 325 -27.92 31.27 36.87
C HIS C 325 -26.87 32.33 36.78
N PHE C 326 -25.61 31.91 36.82
CA PHE C 326 -24.49 32.83 36.73
C PHE C 326 -24.32 33.26 35.26
N LYS C 327 -24.16 34.57 35.05
CA LYS C 327 -23.99 35.06 33.69
C LYS C 327 -22.60 34.76 33.15
N LEU C 328 -22.46 33.71 32.34
CA LEU C 328 -21.16 33.41 31.75
C LEU C 328 -20.66 34.67 31.03
N LYS C 329 -19.35 34.81 30.88
CA LYS C 329 -18.75 36.00 30.24
C LYS C 329 -17.63 35.62 29.30
N PHE C 330 -17.64 36.18 28.09
CA PHE C 330 -16.58 35.94 27.11
C PHE C 330 -15.72 37.16 27.26
N ASP C 331 -14.64 37.04 28.01
CA ASP C 331 -13.73 38.15 28.17
C ASP C 331 -12.34 37.64 28.26
N PRO C 332 -11.58 37.75 27.17
CA PRO C 332 -10.19 37.30 27.06
C PRO C 332 -9.23 37.73 28.15
N GLU C 333 -9.38 38.96 28.63
CA GLU C 333 -8.55 39.51 29.70
C GLU C 333 -8.54 38.66 30.99
N LEU C 334 -9.57 37.84 31.18
CA LEU C 334 -9.68 37.01 32.37
C LEU C 334 -8.45 36.12 32.50
N LEU C 335 -7.95 35.67 31.36
CA LEU C 335 -6.79 34.78 31.36
C LEU C 335 -5.44 35.45 31.05
N PHE C 336 -5.41 36.78 31.02
CA PHE C 336 -4.17 37.51 30.74
C PHE C 336 -3.22 37.42 31.94
N ASN C 337 -3.76 37.15 33.11
CA ASN C 337 -2.94 37.03 34.30
C ASN C 337 -2.93 35.57 34.76
N GLN C 338 -3.24 34.65 33.86
CA GLN C 338 -3.26 33.24 34.24
C GLN C 338 -2.39 32.45 33.30
N GLN C 339 -1.91 31.31 33.75
CA GLN C 339 -1.10 30.46 32.88
C GLN C 339 -2.19 29.82 32.05
N PHE C 340 -2.05 29.94 30.73
CA PHE C 340 -3.03 29.37 29.80
C PHE C 340 -2.49 29.26 28.38
N GLN C 341 -2.52 28.07 27.80
CA GLN C 341 -2.08 27.84 26.44
C GLN C 341 -3.14 28.24 25.38
N TYR C 342 -2.78 29.20 24.55
CA TYR C 342 -3.68 29.65 23.52
C TYR C 342 -3.50 28.78 22.31
N GLN C 343 -3.89 27.52 22.45
CA GLN C 343 -3.83 26.53 21.36
C GLN C 343 -4.86 25.42 21.72
N ASN C 344 -5.24 24.61 20.74
CA ASN C 344 -6.19 23.58 20.99
C ASN C 344 -6.09 22.47 19.95
N ARG C 345 -6.41 21.24 20.34
CA ARG C 345 -6.41 20.10 19.45
C ARG C 345 -7.72 19.38 19.81
N ILE C 346 -8.65 19.23 18.87
CA ILE C 346 -9.89 18.56 19.21
C ILE C 346 -9.65 17.06 19.48
N ALA C 347 -10.27 16.56 20.56
CA ALA C 347 -10.10 15.16 20.97
C ALA C 347 -11.25 14.34 20.43
N SER C 348 -11.03 13.08 20.09
CA SER C 348 -12.16 12.32 19.59
C SER C 348 -13.29 12.12 20.64
N GLU C 349 -12.97 12.09 21.93
CA GLU C 349 -14.00 11.93 22.94
C GLU C 349 -15.00 13.09 22.90
N PHE C 350 -14.55 14.24 22.41
CA PHE C 350 -15.42 15.40 22.32
C PHE C 350 -16.29 15.23 21.07
N ASN C 351 -15.79 14.50 20.09
CA ASN C 351 -16.54 14.25 18.89
C ASN C 351 -17.67 13.28 19.24
N THR C 352 -17.29 12.20 19.90
CA THR C 352 -18.19 11.17 20.33
C THR C 352 -19.23 11.61 21.34
N LEU C 353 -18.83 12.39 22.34
CA LEU C 353 -19.77 12.84 23.33
C LEU C 353 -20.69 13.88 22.76
N TYR C 354 -20.32 14.42 21.60
CA TYR C 354 -21.10 15.49 20.98
C TYR C 354 -22.10 15.05 19.92
N HIS C 355 -22.31 13.75 19.78
CA HIS C 355 -23.30 13.26 18.83
C HIS C 355 -24.67 13.43 19.52
N TRP C 356 -25.21 14.64 19.49
CA TRP C 356 -26.47 14.92 20.13
C TRP C 356 -27.68 14.69 19.21
N HIS C 357 -27.69 13.55 18.52
CA HIS C 357 -28.81 13.14 17.66
C HIS C 357 -30.17 13.08 18.42
N PRO C 358 -30.19 12.77 19.74
CA PRO C 358 -31.45 12.74 20.47
C PRO C 358 -32.02 14.15 20.68
N LEU C 359 -31.75 15.07 19.76
CA LEU C 359 -32.28 16.43 19.85
C LEU C 359 -33.28 16.57 18.70
N LEU C 360 -33.04 15.79 17.66
CA LEU C 360 -33.84 15.82 16.46
C LEU C 360 -35.25 15.28 16.72
N PRO C 361 -36.26 16.09 16.40
CA PRO C 361 -37.63 15.65 16.61
C PRO C 361 -37.97 14.68 15.47
N ASP C 362 -39.19 14.16 15.50
CA ASP C 362 -39.63 13.23 14.47
C ASP C 362 -40.06 13.94 13.18
N THR C 363 -40.44 15.20 13.31
CA THR C 363 -40.81 15.97 12.15
C THR C 363 -40.34 17.39 12.33
N PHE C 364 -40.03 18.03 11.23
CA PHE C 364 -39.57 19.39 11.25
C PHE C 364 -40.75 20.20 10.92
N ASN C 365 -41.26 20.85 11.95
CA ASN C 365 -42.44 21.66 11.84
C ASN C 365 -42.07 23.08 11.49
N ILE C 366 -42.12 23.41 10.20
CA ILE C 366 -41.85 24.78 9.75
C ILE C 366 -43.22 25.41 9.41
N GLU C 367 -43.72 26.13 10.43
CA GLU C 367 -45.04 26.82 10.46
C GLU C 367 -45.87 26.60 9.23
N ASP C 368 -46.89 25.77 9.43
CA ASP C 368 -47.87 25.33 8.42
C ASP C 368 -47.45 23.97 7.83
N GLN C 369 -46.40 23.38 8.36
CA GLN C 369 -45.91 22.11 7.85
C GLN C 369 -45.15 21.33 8.93
N GLU C 370 -45.05 20.02 8.74
CA GLU C 370 -44.35 19.13 9.66
C GLU C 370 -43.65 18.07 8.81
N TYR C 371 -42.56 18.47 8.18
CA TYR C 371 -41.77 17.58 7.31
C TYR C 371 -41.13 16.38 8.01
N SER C 372 -41.00 15.29 7.25
CA SER C 372 -40.40 14.09 7.76
C SER C 372 -38.93 14.19 7.49
N PHE C 373 -38.13 13.40 8.18
CA PHE C 373 -36.70 13.42 7.96
C PHE C 373 -36.45 13.27 6.46
N LYS C 374 -37.23 12.37 5.88
CA LYS C 374 -37.16 12.04 4.46
C LYS C 374 -37.35 13.27 3.54
N GLN C 375 -38.21 14.19 3.96
CA GLN C 375 -38.48 15.38 3.17
C GLN C 375 -37.58 16.55 3.54
N PHE C 376 -37.12 16.57 4.77
CA PHE C 376 -36.29 17.66 5.23
C PHE C 376 -34.90 17.54 4.61
N LEU C 377 -34.31 16.36 4.71
CA LEU C 377 -32.97 16.13 4.18
C LEU C 377 -32.72 16.60 2.76
N TYR C 378 -31.60 17.30 2.58
CA TYR C 378 -31.15 17.85 1.29
C TYR C 378 -32.15 18.77 0.60
N ASN C 379 -33.19 19.15 1.31
CA ASN C 379 -34.23 19.97 0.70
C ASN C 379 -34.16 21.47 1.00
N ASN C 380 -33.32 22.17 0.25
CA ASN C 380 -33.18 23.61 0.43
C ASN C 380 -34.30 24.39 -0.28
N SER C 381 -35.19 23.66 -0.96
CA SER C 381 -36.31 24.29 -1.62
C SER C 381 -37.28 24.73 -0.54
N ILE C 382 -37.26 24.01 0.59
CA ILE C 382 -38.10 24.32 1.75
C ILE C 382 -37.61 25.66 2.28
N LEU C 383 -36.29 25.80 2.34
CA LEU C 383 -35.66 27.01 2.82
C LEU C 383 -36.09 28.18 1.93
N LEU C 384 -35.92 28.04 0.61
CA LEU C 384 -36.37 29.09 -0.30
C LEU C 384 -37.86 29.21 -0.21
N GLU C 385 -38.53 28.11 0.06
CA GLU C 385 -39.99 28.11 0.21
C GLU C 385 -40.49 28.94 1.38
N HIS C 386 -39.91 28.80 2.56
CA HIS C 386 -40.40 29.57 3.68
C HIS C 386 -39.57 30.81 3.96
N GLY C 387 -38.25 30.65 3.94
CA GLY C 387 -37.36 31.77 4.10
C GLY C 387 -37.05 32.42 5.44
N LEU C 388 -35.93 31.97 5.98
CA LEU C 388 -35.34 32.43 7.23
C LEU C 388 -36.22 33.03 8.31
N THR C 389 -36.85 34.18 8.05
CA THR C 389 -37.75 34.79 9.04
C THR C 389 -38.74 33.73 9.56
N GLN C 390 -39.48 33.10 8.65
CA GLN C 390 -40.37 32.05 9.08
C GLN C 390 -39.53 30.79 8.94
N PHE C 391 -38.72 30.57 9.94
CA PHE C 391 -37.79 29.43 9.99
C PHE C 391 -37.19 29.69 11.35
N VAL C 392 -36.85 30.95 11.59
CA VAL C 392 -36.34 31.34 12.87
C VAL C 392 -37.58 31.31 13.74
N GLU C 393 -38.71 31.74 13.18
CA GLU C 393 -39.98 31.71 13.93
C GLU C 393 -40.39 30.27 14.24
N SER C 394 -40.44 29.45 13.22
CA SER C 394 -40.79 28.04 13.41
C SER C 394 -39.88 27.43 14.42
N PHE C 395 -38.61 27.29 14.04
CA PHE C 395 -37.55 26.69 14.88
C PHE C 395 -37.37 27.27 16.28
N THR C 396 -37.63 28.56 16.49
CA THR C 396 -37.53 29.16 17.84
C THR C 396 -38.59 28.52 18.71
N ARG C 397 -39.73 28.24 18.07
CA ARG C 397 -40.90 27.63 18.67
C ARG C 397 -40.97 26.13 18.37
N GLN C 398 -40.06 25.33 18.89
CA GLN C 398 -40.07 23.89 18.65
C GLN C 398 -39.04 23.17 19.51
N ILE C 399 -39.48 22.57 20.62
CA ILE C 399 -38.57 21.85 21.50
C ILE C 399 -37.83 20.77 20.75
N ALA C 400 -36.68 20.43 21.32
CA ALA C 400 -35.84 19.37 20.81
C ALA C 400 -35.87 18.25 21.85
N GLY C 401 -35.46 17.06 21.43
CA GLY C 401 -35.46 15.92 22.33
C GLY C 401 -34.47 16.04 23.48
N ARG C 402 -34.61 15.16 24.46
CA ARG C 402 -33.70 15.17 25.57
C ARG C 402 -32.50 14.28 25.14
N VAL C 403 -31.27 14.68 25.47
CA VAL C 403 -30.14 13.87 25.09
C VAL C 403 -29.96 12.76 26.11
N ALA C 404 -29.73 13.12 27.37
CA ALA C 404 -29.58 12.11 28.44
C ALA C 404 -30.94 11.50 28.79
N GLY C 405 -30.95 10.52 29.69
CA GLY C 405 -32.22 9.92 30.07
C GLY C 405 -32.51 8.58 29.41
N GLY C 406 -32.09 8.42 28.16
CA GLY C 406 -32.28 7.16 27.46
C GLY C 406 -33.37 7.12 26.43
N ARG C 407 -33.29 6.10 25.58
CA ARG C 407 -34.27 5.86 24.53
C ARG C 407 -34.83 7.03 23.73
N ASN C 408 -34.00 8.03 23.45
CA ASN C 408 -34.47 9.18 22.70
C ASN C 408 -33.79 9.42 21.35
N VAL C 409 -33.12 8.40 20.81
CA VAL C 409 -32.46 8.52 19.50
C VAL C 409 -33.44 8.26 18.35
N PRO C 410 -33.70 9.25 17.49
CA PRO C 410 -34.63 9.03 16.38
C PRO C 410 -34.23 7.78 15.64
N ILE C 411 -35.19 6.89 15.45
CA ILE C 411 -34.95 5.64 14.72
C ILE C 411 -34.49 5.93 13.31
N ALA C 412 -34.66 7.18 12.88
CA ALA C 412 -34.23 7.66 11.56
C ALA C 412 -32.72 7.75 11.52
N VAL C 413 -32.10 8.17 12.62
CA VAL C 413 -30.63 8.26 12.68
C VAL C 413 -30.03 7.15 13.53
N GLN C 414 -30.76 6.05 13.66
CA GLN C 414 -30.24 4.92 14.43
C GLN C 414 -28.95 4.38 13.82
N ALA C 415 -28.80 4.53 12.50
CA ALA C 415 -27.57 4.07 11.83
C ALA C 415 -26.37 4.89 12.34
N VAL C 416 -26.58 6.18 12.60
CA VAL C 416 -25.56 7.09 13.08
C VAL C 416 -25.21 6.79 14.52
N ALA C 417 -26.22 6.48 15.31
CA ALA C 417 -26.01 6.16 16.73
C ALA C 417 -25.23 4.86 16.91
N LYS C 418 -25.54 3.86 16.08
CA LYS C 418 -24.85 2.57 16.14
C LYS C 418 -23.40 2.81 15.75
N ALA C 419 -23.24 3.66 14.73
CA ALA C 419 -21.95 4.05 14.18
C ALA C 419 -21.08 4.65 15.29
N SER C 420 -21.67 5.51 16.12
CA SER C 420 -20.93 6.08 17.24
C SER C 420 -20.47 4.95 18.13
N ILE C 421 -21.33 3.97 18.34
CA ILE C 421 -20.95 2.84 19.20
C ILE C 421 -19.84 2.05 18.53
N ASP C 422 -20.05 1.65 17.29
CA ASP C 422 -19.04 0.88 16.57
C ASP C 422 -17.63 1.49 16.47
N GLN C 423 -17.57 2.79 16.11
CA GLN C 423 -16.31 3.52 15.97
C GLN C 423 -15.57 3.69 17.27
N SER C 424 -16.27 4.04 18.35
CA SER C 424 -15.62 4.16 19.64
C SER C 424 -14.92 2.84 19.95
N ARG C 425 -15.54 1.75 19.51
CA ARG C 425 -15.00 0.42 19.74
C ARG C 425 -13.78 0.17 18.88
N GLU C 426 -13.86 0.46 17.59
CA GLU C 426 -12.71 0.24 16.73
C GLU C 426 -11.57 1.20 17.09
N MET C 427 -11.94 2.35 17.66
CA MET C 427 -10.95 3.32 18.10
C MET C 427 -10.42 2.94 19.48
N LYS C 428 -10.66 1.69 19.88
CA LYS C 428 -10.20 1.16 21.15
C LYS C 428 -10.36 2.09 22.34
N TYR C 429 -11.57 2.59 22.56
CA TYR C 429 -11.84 3.50 23.67
C TYR C 429 -11.71 2.78 25.03
N GLN C 430 -11.94 3.55 26.10
CA GLN C 430 -11.90 3.04 27.46
C GLN C 430 -13.30 3.18 27.99
N SER C 431 -13.60 2.50 29.10
CA SER C 431 -14.92 2.54 29.68
C SER C 431 -15.37 3.90 30.14
N LEU C 432 -16.67 4.04 30.29
CA LEU C 432 -17.28 5.27 30.78
C LEU C 432 -16.58 5.61 32.09
N ASN C 433 -16.31 4.59 32.90
CA ASN C 433 -15.65 4.83 34.18
C ASN C 433 -14.22 5.38 34.13
N GLU C 434 -13.42 4.89 33.21
CA GLU C 434 -12.07 5.39 33.07
C GLU C 434 -12.21 6.85 32.73
N TYR C 435 -13.09 7.17 31.81
CA TYR C 435 -13.29 8.55 31.41
C TYR C 435 -13.77 9.41 32.55
N ARG C 436 -14.72 8.89 33.31
CA ARG C 436 -15.28 9.60 34.47
C ARG C 436 -14.18 9.94 35.43
N LYS C 437 -13.32 8.96 35.69
CA LYS C 437 -12.19 9.13 36.58
C LYS C 437 -11.23 10.19 36.03
N ARG C 438 -10.82 10.03 34.78
CA ARG C 438 -9.92 10.96 34.10
C ARG C 438 -10.43 12.38 34.25
N PHE C 439 -11.75 12.52 34.43
CA PHE C 439 -12.35 13.85 34.57
C PHE C 439 -12.82 14.21 35.98
N SER C 440 -12.08 13.65 36.93
CA SER C 440 -12.30 13.85 38.36
C SER C 440 -13.70 13.50 38.85
N LEU C 441 -14.29 12.48 38.23
CA LEU C 441 -15.61 12.04 38.60
C LEU C 441 -15.50 10.73 39.40
N LYS C 442 -16.56 10.39 40.11
CA LYS C 442 -16.59 9.17 40.94
C LYS C 442 -17.24 8.06 40.11
N PRO C 443 -16.49 6.98 39.82
CA PRO C 443 -17.01 5.86 39.03
C PRO C 443 -18.31 5.24 39.57
N TYR C 444 -19.19 4.91 38.63
CA TYR C 444 -20.49 4.31 38.93
C TYR C 444 -20.35 2.92 39.48
N THR C 445 -20.95 2.71 40.64
CA THR C 445 -20.93 1.41 41.31
C THR C 445 -21.92 0.40 40.74
N SER C 446 -22.88 0.88 39.94
CA SER C 446 -23.90 0.02 39.33
C SER C 446 -24.57 0.70 38.14
N PHE C 447 -25.14 -0.10 37.23
CA PHE C 447 -25.81 0.43 36.04
C PHE C 447 -26.97 1.29 36.44
N GLU C 448 -27.51 0.99 37.59
CA GLU C 448 -28.66 1.70 38.10
C GLU C 448 -28.21 3.06 38.63
N GLU C 449 -26.98 3.12 39.15
CA GLU C 449 -26.41 4.37 39.65
C GLU C 449 -26.27 5.24 38.43
N LEU C 450 -25.84 4.62 37.35
CA LEU C 450 -25.65 5.31 36.10
C LEU C 450 -26.94 5.93 35.62
N THR C 451 -27.95 5.09 35.45
CA THR C 451 -29.27 5.51 34.93
C THR C 451 -30.24 6.19 35.88
N GLY C 452 -30.15 5.88 37.17
CA GLY C 452 -31.07 6.49 38.11
C GLY C 452 -32.48 5.91 38.01
N GLU C 453 -32.58 4.72 37.42
CA GLU C 453 -33.84 4.03 37.27
C GLU C 453 -33.50 2.56 37.11
N LYS C 454 -34.48 1.73 36.77
CA LYS C 454 -34.22 0.30 36.70
C LYS C 454 -34.42 -0.54 35.46
N GLU C 455 -35.36 -0.22 34.59
CA GLU C 455 -35.51 -1.04 33.40
C GLU C 455 -34.33 -1.00 32.39
N MET C 456 -33.80 0.19 32.07
CA MET C 456 -32.65 0.26 31.16
C MET C 456 -31.41 -0.26 31.90
N ALA C 457 -31.26 0.17 33.16
CA ALA C 457 -30.15 -0.26 34.00
C ALA C 457 -30.07 -1.76 33.94
N ALA C 458 -31.21 -2.37 34.13
CA ALA C 458 -31.37 -3.83 34.09
C ALA C 458 -30.94 -4.41 32.75
N GLU C 459 -31.39 -3.82 31.65
CA GLU C 459 -31.04 -4.30 30.31
C GLU C 459 -29.55 -4.08 30.02
N LEU C 460 -28.97 -3.06 30.66
CA LEU C 460 -27.55 -2.80 30.45
C LEU C 460 -26.80 -3.88 31.21
N LYS C 461 -27.17 -4.11 32.48
CA LYS C 461 -26.52 -5.13 33.27
C LYS C 461 -26.56 -6.50 32.63
N ALA C 462 -27.66 -6.82 31.98
CA ALA C 462 -27.81 -8.10 31.30
C ALA C 462 -26.71 -8.14 30.25
N LEU C 463 -26.66 -7.06 29.46
CA LEU C 463 -25.71 -6.88 28.36
C LEU C 463 -24.20 -6.73 28.66
N TYR C 464 -23.84 -5.78 29.50
CA TYR C 464 -22.45 -5.52 29.81
C TYR C 464 -21.92 -6.32 30.98
N SER C 465 -22.82 -6.74 31.86
CA SER C 465 -22.50 -7.51 33.07
C SER C 465 -21.65 -6.79 34.15
N ASP C 466 -20.64 -6.01 33.74
CA ASP C 466 -19.82 -5.26 34.68
C ASP C 466 -20.01 -3.79 34.39
N ILE C 467 -20.34 -2.99 35.40
CA ILE C 467 -20.51 -1.56 35.19
C ILE C 467 -19.18 -1.02 34.60
N ASP C 468 -18.05 -1.53 35.12
CA ASP C 468 -16.70 -1.14 34.65
C ASP C 468 -16.35 -1.55 33.20
N VAL C 469 -17.36 -1.79 32.38
CA VAL C 469 -17.12 -2.21 31.01
C VAL C 469 -18.11 -1.44 30.17
N MET C 470 -18.96 -0.69 30.84
CA MET C 470 -19.97 0.11 30.17
C MET C 470 -19.20 1.13 29.35
N GLU C 471 -19.60 1.25 28.08
CA GLU C 471 -19.00 2.15 27.11
C GLU C 471 -19.43 3.60 27.27
N LEU C 472 -18.55 4.52 26.87
CA LEU C 472 -18.79 5.96 27.00
C LEU C 472 -19.96 6.55 26.26
N TYR C 473 -20.07 6.30 24.95
CA TYR C 473 -21.18 6.85 24.19
C TYR C 473 -22.57 6.45 24.74
N PRO C 474 -22.91 5.15 24.76
CA PRO C 474 -24.21 4.66 25.26
C PRO C 474 -24.59 5.24 26.62
N ALA C 475 -23.66 5.15 27.57
CA ALA C 475 -23.89 5.65 28.92
C ALA C 475 -24.18 7.15 28.98
N LEU C 476 -23.73 7.87 27.99
CA LEU C 476 -23.94 9.32 27.96
C LEU C 476 -25.38 9.63 27.65
N LEU C 477 -25.94 8.81 26.76
CA LEU C 477 -27.33 8.95 26.35
C LEU C 477 -28.34 8.28 27.29
N VAL C 478 -27.90 7.19 27.94
CA VAL C 478 -28.71 6.41 28.90
C VAL C 478 -28.14 6.76 30.26
N GLU C 479 -28.36 8.00 30.70
CA GLU C 479 -27.82 8.49 31.98
C GLU C 479 -28.80 9.42 32.70
N LYS C 480 -28.88 9.28 34.01
CA LYS C 480 -29.81 10.10 34.77
C LYS C 480 -29.53 11.57 34.56
N PRO C 481 -30.46 12.28 33.96
CA PRO C 481 -30.19 13.70 33.77
C PRO C 481 -30.28 14.41 35.11
N ARG C 482 -29.59 15.55 35.20
CA ARG C 482 -29.66 16.37 36.40
C ARG C 482 -31.12 16.82 36.31
N PRO C 483 -31.73 17.15 37.46
CA PRO C 483 -33.13 17.61 37.57
C PRO C 483 -33.97 17.79 36.28
N ASP C 484 -34.21 19.02 35.85
CA ASP C 484 -34.97 19.16 34.62
C ASP C 484 -33.97 19.60 33.55
N ALA C 485 -32.91 18.83 33.46
CA ALA C 485 -31.82 19.13 32.54
C ALA C 485 -31.78 18.20 31.36
N ILE C 486 -30.94 18.54 30.39
CA ILE C 486 -30.81 17.79 29.17
C ILE C 486 -29.76 16.69 29.20
N PHE C 487 -28.68 16.90 29.96
CA PHE C 487 -27.63 15.87 30.10
C PHE C 487 -27.34 15.60 31.59
N GLY C 488 -26.47 14.62 31.83
CA GLY C 488 -26.08 14.31 33.19
C GLY C 488 -24.66 14.79 33.52
N GLU C 489 -24.13 14.36 34.66
CA GLU C 489 -22.78 14.74 35.07
C GLU C 489 -21.70 14.45 33.99
N THR C 490 -21.52 13.19 33.61
CA THR C 490 -20.54 12.86 32.60
C THR C 490 -20.52 13.78 31.38
N MET C 491 -21.66 14.02 30.74
CA MET C 491 -21.68 14.89 29.58
C MET C 491 -21.21 16.31 29.92
N VAL C 492 -21.73 16.90 31.00
CA VAL C 492 -21.29 18.25 31.32
C VAL C 492 -19.83 18.33 31.75
N GLU C 493 -19.37 17.33 32.48
CA GLU C 493 -18.01 17.31 33.00
C GLU C 493 -16.90 16.99 32.04
N LEU C 494 -17.17 16.20 31.01
CA LEU C 494 -16.14 15.89 29.99
C LEU C 494 -16.16 17.00 28.96
N GLY C 495 -17.31 17.20 28.35
CA GLY C 495 -17.43 18.23 27.34
C GLY C 495 -17.13 19.65 27.78
N ALA C 496 -17.36 19.97 29.05
CA ALA C 496 -17.10 21.34 29.46
C ALA C 496 -15.62 21.68 29.27
N PRO C 497 -14.69 20.90 29.87
CA PRO C 497 -13.25 21.13 29.74
C PRO C 497 -12.83 21.27 28.29
N PHE C 498 -13.36 20.39 27.44
CA PHE C 498 -13.05 20.41 26.00
C PHE C 498 -13.52 21.71 25.32
N SER C 499 -14.81 22.01 25.46
CA SER C 499 -15.47 23.17 24.85
C SER C 499 -14.88 24.51 25.20
N LEU C 500 -14.42 24.67 26.42
CA LEU C 500 -13.86 25.95 26.85
C LEU C 500 -12.42 26.15 26.39
N LYS C 501 -11.65 25.07 26.31
CA LYS C 501 -10.28 25.19 25.85
C LYS C 501 -10.26 25.61 24.36
N GLY C 502 -11.07 24.96 23.53
CA GLY C 502 -11.07 25.30 22.12
C GLY C 502 -11.60 26.68 21.86
N LEU C 503 -12.41 27.19 22.76
CA LEU C 503 -13.03 28.50 22.63
C LEU C 503 -12.05 29.55 23.08
N MET C 504 -11.49 29.37 24.26
CA MET C 504 -10.52 30.31 24.81
C MET C 504 -9.10 30.10 24.31
N GLY C 505 -8.81 28.95 23.74
CA GLY C 505 -7.47 28.72 23.22
C GLY C 505 -7.48 29.03 21.75
N ASN C 506 -7.96 30.23 21.42
CA ASN C 506 -8.07 30.68 20.03
C ASN C 506 -7.15 31.90 20.02
N PRO C 507 -6.35 32.05 18.95
CA PRO C 507 -5.45 33.21 18.95
C PRO C 507 -6.07 34.59 19.12
N ILE C 508 -7.31 34.80 18.67
CA ILE C 508 -7.85 36.16 18.81
C ILE C 508 -7.98 36.55 20.26
N CYS C 509 -7.94 35.56 21.15
CA CYS C 509 -8.07 35.74 22.60
C CYS C 509 -6.76 36.05 23.30
N SER C 510 -5.66 35.87 22.58
CA SER C 510 -4.34 36.12 23.10
C SER C 510 -4.07 37.61 23.23
N PRO C 511 -3.33 38.02 24.26
CA PRO C 511 -3.03 39.43 24.51
C PRO C 511 -2.65 40.23 23.29
N GLN C 512 -1.91 39.61 22.37
CA GLN C 512 -1.44 40.32 21.18
C GLN C 512 -2.55 40.58 20.19
N TYR C 513 -3.49 39.67 20.14
CA TYR C 513 -4.61 39.79 19.23
C TYR C 513 -5.74 40.58 19.85
N TRP C 514 -6.10 40.30 21.09
CA TRP C 514 -7.18 41.00 21.75
C TRP C 514 -6.99 42.51 21.87
N LYS C 515 -7.14 43.22 20.77
CA LYS C 515 -7.02 44.65 20.80
C LYS C 515 -7.77 45.20 19.60
N PRO C 516 -8.38 46.36 19.77
CA PRO C 516 -9.16 47.02 18.74
C PRO C 516 -8.65 46.94 17.33
N SER C 517 -7.44 47.46 17.10
CA SER C 517 -6.90 47.48 15.74
C SER C 517 -6.96 46.12 15.05
N THR C 518 -6.91 45.04 15.82
CA THR C 518 -6.96 43.70 15.26
C THR C 518 -8.21 43.53 14.46
N PHE C 519 -9.26 44.24 14.88
CA PHE C 519 -10.58 44.13 14.26
C PHE C 519 -11.01 45.29 13.38
N GLY C 520 -10.10 46.20 13.09
CA GLY C 520 -10.46 47.32 12.25
C GLY C 520 -10.82 48.55 13.07
N GLY C 521 -10.61 48.47 14.38
CA GLY C 521 -10.90 49.62 15.20
C GLY C 521 -11.72 49.35 16.43
N GLU C 522 -12.20 50.42 17.07
CA GLU C 522 -13.01 50.27 18.24
C GLU C 522 -14.45 49.92 17.83
N VAL C 523 -14.78 50.15 16.55
CA VAL C 523 -16.12 49.86 16.02
C VAL C 523 -16.34 48.37 15.75
N GLY C 524 -15.34 47.70 15.16
CA GLY C 524 -15.44 46.28 14.87
C GLY C 524 -15.31 45.50 16.15
N PHE C 525 -14.70 46.11 17.16
CA PHE C 525 -14.48 45.46 18.46
C PHE C 525 -15.79 45.38 19.22
N LYS C 526 -16.68 46.31 18.93
CA LYS C 526 -18.02 46.33 19.55
C LYS C 526 -18.80 45.20 18.95
N ILE C 527 -18.74 45.09 17.63
CA ILE C 527 -19.44 44.03 16.93
C ILE C 527 -19.21 42.72 17.72
N ILE C 528 -17.97 42.43 18.07
CA ILE C 528 -17.67 41.23 18.84
C ILE C 528 -18.23 41.33 20.27
N ASN C 529 -17.95 42.43 20.95
CA ASN C 529 -18.39 42.58 22.35
C ASN C 529 -19.86 42.80 22.60
N THR C 530 -20.67 42.92 21.54
CA THR C 530 -22.11 43.10 21.71
C THR C 530 -22.93 42.07 20.95
N ALA C 531 -22.25 41.01 20.53
CA ALA C 531 -22.87 39.95 19.77
C ALA C 531 -23.75 39.05 20.63
N SER C 532 -24.88 38.65 20.06
CA SER C 532 -25.83 37.74 20.72
C SER C 532 -26.45 37.00 19.57
N ILE C 533 -27.18 35.92 19.83
CA ILE C 533 -27.82 35.18 18.73
C ILE C 533 -28.97 36.02 18.23
N GLN C 534 -29.57 36.78 19.13
CA GLN C 534 -30.68 37.64 18.76
C GLN C 534 -30.22 38.73 17.81
N SER C 535 -29.06 39.30 18.07
CA SER C 535 -28.50 40.33 17.19
C SER C 535 -28.13 39.73 15.85
N LEU C 536 -27.57 38.52 15.88
CA LEU C 536 -27.15 37.84 14.66
C LEU C 536 -28.35 37.66 13.75
N ILE C 537 -29.47 37.24 14.32
CA ILE C 537 -30.69 37.04 13.56
C ILE C 537 -31.32 38.35 13.18
N CYS C 538 -31.47 39.27 14.13
CA CYS C 538 -32.07 40.58 13.86
C CYS C 538 -31.44 41.29 12.71
N ASN C 539 -30.13 41.28 12.66
CA ASN C 539 -29.36 41.99 11.60
C ASN C 539 -29.34 41.38 10.26
N ASN C 540 -29.58 40.07 10.19
CA ASN C 540 -29.55 39.40 8.90
C ASN C 540 -30.85 38.73 8.43
N VAL C 541 -31.87 38.71 9.27
CA VAL C 541 -33.10 38.07 8.88
C VAL C 541 -34.16 39.14 8.72
N LYS C 542 -34.89 38.99 7.61
CA LYS C 542 -35.96 39.87 7.17
C LYS C 542 -36.75 40.74 8.15
N GLY C 543 -37.32 40.18 9.20
CA GLY C 543 -38.06 41.06 10.07
C GLY C 543 -37.64 41.16 11.51
N CYS C 544 -36.40 40.79 11.81
CA CYS C 544 -35.90 40.77 13.20
C CYS C 544 -36.69 39.76 14.00
N PRO C 545 -36.82 38.54 13.47
CA PRO C 545 -37.56 37.53 14.20
C PRO C 545 -36.94 37.40 15.58
N PHE C 546 -37.76 37.33 16.61
CA PHE C 546 -37.24 37.14 17.96
C PHE C 546 -36.67 35.73 17.95
N THR C 547 -35.60 35.48 18.70
CA THR C 547 -34.99 34.15 18.73
C THR C 547 -34.49 33.81 20.10
N SER C 548 -34.03 32.57 20.21
CA SER C 548 -33.49 32.05 21.45
C SER C 548 -33.16 30.58 21.22
N PHE C 549 -32.36 30.04 22.12
CA PHE C 549 -31.99 28.64 22.03
C PHE C 549 -32.94 27.91 22.95
N ASN C 550 -33.84 28.68 23.56
CA ASN C 550 -34.83 28.16 24.48
C ASN C 550 -36.24 28.33 23.91
N VAL C 551 -37.08 27.30 24.07
CA VAL C 551 -38.46 27.37 23.59
C VAL C 551 -39.25 27.99 24.73
N GLN C 552 -39.59 29.25 24.51
CA GLN C 552 -40.35 30.10 25.42
C GLN C 552 -40.45 29.63 26.87
N ALA D 1 1.46 56.00 -0.14
CA ALA D 1 0.25 56.77 0.28
C ALA D 1 -0.29 56.30 1.62
N ASN D 2 0.05 55.08 2.00
CA ASN D 2 -0.43 54.58 3.27
C ASN D 2 0.14 55.47 4.37
N PRO D 3 -0.74 56.10 5.17
CA PRO D 3 -0.41 57.01 6.28
C PRO D 3 0.35 56.33 7.41
N CYS D 4 0.56 55.03 7.27
CA CYS D 4 1.33 54.31 8.27
C CYS D 4 2.73 54.05 7.76
N CYS D 5 2.97 54.40 6.47
CA CYS D 5 4.28 54.23 5.86
C CYS D 5 5.37 54.84 6.71
N SER D 6 5.07 55.98 7.34
CA SER D 6 6.06 56.62 8.19
C SER D 6 6.38 55.82 9.47
N ASN D 7 5.78 54.64 9.63
CA ASN D 7 6.00 53.81 10.84
C ASN D 7 5.91 54.68 12.09
N PRO D 8 4.82 55.48 12.21
CA PRO D 8 4.65 56.37 13.37
C PRO D 8 4.41 55.81 14.78
N CYS D 9 4.02 54.55 14.91
CA CYS D 9 3.72 54.07 16.26
C CYS D 9 4.88 53.55 17.03
N GLN D 10 5.12 54.17 18.17
CA GLN D 10 6.24 53.78 19.02
C GLN D 10 5.90 52.78 20.11
N ASN D 11 6.94 52.29 20.75
CA ASN D 11 6.81 51.35 21.85
C ASN D 11 5.91 50.13 21.61
N ARG D 12 5.89 49.70 20.36
CA ARG D 12 5.16 48.51 19.93
C ARG D 12 3.67 48.70 19.60
N GLY D 13 3.19 49.92 19.73
CA GLY D 13 1.81 50.17 19.37
C GLY D 13 1.67 49.85 17.89
N GLU D 14 0.45 49.50 17.47
CA GLU D 14 0.15 49.15 16.10
C GLU D 14 -0.46 50.32 15.34
N CYS D 15 -0.08 50.48 14.09
CA CYS D 15 -0.61 51.59 13.30
C CYS D 15 -1.78 51.09 12.53
N MET D 16 -2.87 51.84 12.58
CA MET D 16 -4.05 51.48 11.83
C MET D 16 -4.37 52.72 11.11
N SER D 17 -4.63 52.59 9.81
CA SER D 17 -5.00 53.73 8.98
C SER D 17 -6.49 53.96 9.18
N THR D 18 -6.87 55.20 9.51
CA THR D 18 -8.26 55.55 9.72
C THR D 18 -8.65 56.65 8.75
N GLY D 19 -8.29 56.53 7.47
CA GLY D 19 -8.67 57.59 6.57
C GLY D 19 -8.22 57.60 5.13
N PHE D 20 -6.92 57.72 4.89
CA PHE D 20 -6.34 57.77 3.54
C PHE D 20 -5.01 58.43 3.76
N ASP D 21 -5.06 59.49 4.53
CA ASP D 21 -3.88 60.26 4.89
C ASP D 21 -3.97 60.50 6.40
N GLN D 22 -4.65 59.60 7.09
CA GLN D 22 -4.83 59.71 8.53
C GLN D 22 -4.60 58.31 9.07
N TYR D 23 -4.02 58.19 10.27
CA TYR D 23 -3.74 56.91 10.89
C TYR D 23 -4.13 56.94 12.37
N LYS D 24 -3.76 55.88 13.09
CA LYS D 24 -4.09 55.80 14.48
C LYS D 24 -3.24 54.70 15.12
N CYS D 25 -2.76 54.96 16.33
CA CYS D 25 -1.95 53.96 17.05
C CYS D 25 -2.67 53.21 18.17
N ASP D 26 -2.63 51.89 18.08
CA ASP D 26 -3.23 51.07 19.10
C ASP D 26 -2.14 50.77 20.13
N CYS D 27 -2.01 51.71 21.06
CA CYS D 27 -1.05 51.60 22.14
C CYS D 27 -1.51 50.62 23.22
N THR D 28 -2.29 49.60 22.88
CA THR D 28 -2.76 48.67 23.92
C THR D 28 -1.67 47.90 24.62
N ARG D 29 -1.67 47.97 25.95
CA ARG D 29 -0.67 47.27 26.74
C ARG D 29 0.78 47.70 26.44
N THR D 30 1.00 48.71 25.60
CA THR D 30 2.36 49.12 25.30
C THR D 30 3.05 49.73 26.51
N GLY D 31 2.24 50.27 27.42
CA GLY D 31 2.78 50.90 28.61
C GLY D 31 2.96 52.36 28.34
N PHE D 32 2.49 52.79 27.18
CA PHE D 32 2.62 54.18 26.81
C PHE D 32 1.33 54.60 26.19
N TYR D 33 1.00 55.88 26.32
CA TYR D 33 -0.17 56.46 25.69
C TYR D 33 0.30 57.62 24.79
N GLY D 34 -0.61 58.49 24.36
CA GLY D 34 -0.21 59.58 23.47
C GLY D 34 -0.33 59.16 22.02
N GLU D 35 -0.40 60.14 21.12
CA GLU D 35 -0.54 59.87 19.70
C GLU D 35 0.24 58.73 19.07
N ASN D 36 1.49 58.56 19.50
CA ASN D 36 2.35 57.53 18.94
C ASN D 36 2.86 56.53 19.96
N CYS D 37 2.09 56.31 21.03
CA CYS D 37 2.48 55.38 22.10
C CYS D 37 3.81 55.81 22.66
N THR D 38 3.99 57.12 22.80
CA THR D 38 5.24 57.66 23.29
C THR D 38 5.22 58.08 24.75
N THR D 39 4.19 58.80 25.18
CA THR D 39 4.15 59.23 26.58
C THR D 39 3.94 58.06 27.53
N PRO D 40 5.00 57.68 28.22
CA PRO D 40 4.99 56.57 29.18
C PRO D 40 4.03 56.77 30.30
N GLU D 41 3.55 55.66 30.82
CA GLU D 41 2.66 55.68 31.96
C GLU D 41 3.64 55.74 33.10
N PHE D 42 3.21 56.27 34.24
CA PHE D 42 4.11 56.41 35.36
C PHE D 42 4.91 55.18 35.68
N LEU D 43 4.26 54.04 35.81
CA LEU D 43 5.00 52.85 36.13
C LEU D 43 6.09 52.55 35.10
N THR D 44 5.81 52.83 33.83
CA THR D 44 6.78 52.61 32.76
C THR D 44 8.03 53.41 33.12
N ARG D 45 7.82 54.68 33.44
CA ARG D 45 8.89 55.57 33.87
C ARG D 45 9.80 54.83 34.84
N ILE D 46 9.24 54.27 35.92
CA ILE D 46 10.02 53.55 36.92
C ILE D 46 10.90 52.46 36.29
N LYS D 47 10.27 51.51 35.62
CA LYS D 47 10.98 50.41 34.96
C LYS D 47 12.13 50.94 34.09
N LEU D 48 11.81 51.88 33.22
CA LEU D 48 12.80 52.47 32.31
C LEU D 48 14.04 52.97 33.03
N LEU D 49 13.83 53.76 34.07
CA LEU D 49 14.88 54.34 34.88
C LEU D 49 15.27 53.32 35.92
N LEU D 50 15.70 52.17 35.46
CA LEU D 50 16.07 51.12 36.39
C LEU D 50 16.54 49.90 35.62
N LYS D 51 16.24 49.91 34.32
CA LYS D 51 16.62 48.81 33.47
C LYS D 51 17.97 49.10 32.79
N PRO D 52 19.01 48.30 33.08
CA PRO D 52 20.32 48.53 32.46
C PRO D 52 20.25 48.38 30.94
N THR D 53 21.34 48.69 30.25
CA THR D 53 21.34 48.53 28.81
C THR D 53 22.04 47.24 28.46
N PRO D 54 21.70 46.66 27.31
CA PRO D 54 22.26 45.40 26.82
C PRO D 54 23.77 45.31 26.99
N ASN D 55 24.43 46.46 26.96
CA ASN D 55 25.87 46.46 27.09
C ASN D 55 26.33 46.42 28.53
N THR D 56 25.61 47.09 29.43
CA THR D 56 26.01 47.06 30.82
C THR D 56 25.65 45.68 31.31
N VAL D 57 24.50 45.20 30.87
CA VAL D 57 24.06 43.87 31.25
C VAL D 57 25.13 42.92 30.72
N HIS D 58 25.42 43.02 29.44
CA HIS D 58 26.45 42.17 28.84
C HIS D 58 27.74 42.26 29.63
N TYR D 59 28.07 43.47 30.08
CA TYR D 59 29.29 43.67 30.83
C TYR D 59 29.34 42.75 32.01
N ILE D 60 28.37 42.89 32.90
CA ILE D 60 28.33 42.08 34.10
C ILE D 60 28.44 40.62 33.76
N LEU D 61 27.68 40.18 32.76
CA LEU D 61 27.68 38.77 32.35
C LEU D 61 29.04 38.30 31.83
N THR D 62 29.80 39.27 31.33
CA THR D 62 31.12 39.02 30.75
C THR D 62 32.27 39.16 31.73
N HIS D 63 32.07 39.93 32.77
CA HIS D 63 33.12 40.09 33.75
C HIS D 63 32.78 39.41 35.07
N PHE D 64 33.51 39.77 36.12
CA PHE D 64 33.26 39.22 37.46
C PHE D 64 33.28 37.69 37.55
N LYS D 65 34.06 37.02 36.69
CA LYS D 65 34.11 35.56 36.68
C LYS D 65 33.99 34.92 38.04
N GLY D 66 34.75 35.42 39.00
CA GLY D 66 34.70 34.86 40.33
C GLY D 66 33.31 34.89 40.92
N VAL D 67 32.67 36.05 40.82
CA VAL D 67 31.34 36.21 41.37
C VAL D 67 30.43 35.15 40.75
N TRP D 68 30.54 35.04 39.43
CA TRP D 68 29.75 34.08 38.67
C TRP D 68 30.01 32.67 39.09
N ASN D 69 31.26 32.34 39.40
CA ASN D 69 31.61 31.00 39.80
C ASN D 69 30.92 30.68 41.11
N ILE D 70 30.55 31.72 41.85
CA ILE D 70 29.84 31.49 43.11
C ILE D 70 28.37 31.26 42.76
N VAL D 71 27.84 32.19 41.97
CA VAL D 71 26.47 32.15 41.52
C VAL D 71 26.13 30.85 40.82
N ASN D 72 27.07 30.34 40.03
CA ASN D 72 26.89 29.09 39.30
C ASN D 72 26.85 27.85 40.17
N ASN D 73 27.19 28.04 41.44
CA ASN D 73 27.19 26.93 42.38
C ASN D 73 26.08 26.96 43.42
N ILE D 74 25.23 27.98 43.32
CA ILE D 74 24.12 28.14 44.21
C ILE D 74 22.87 27.96 43.33
N PRO D 75 22.43 26.70 43.18
CA PRO D 75 21.28 26.28 42.39
C PRO D 75 20.10 27.25 42.32
N PHE D 76 19.64 27.69 43.49
CA PHE D 76 18.51 28.61 43.57
C PHE D 76 18.79 29.80 42.67
N LEU D 77 19.91 30.46 42.94
CA LEU D 77 20.31 31.62 42.17
C LEU D 77 20.41 31.33 40.67
N ARG D 78 21.10 30.26 40.31
CA ARG D 78 21.25 29.89 38.91
C ARG D 78 19.90 29.74 38.22
N SER D 79 18.98 29.03 38.89
CA SER D 79 17.61 28.80 38.39
C SER D 79 16.91 30.14 38.37
N LEU D 80 17.16 30.93 39.38
CA LEU D 80 16.61 32.27 39.51
C LEU D 80 17.08 33.13 38.33
N ILE D 81 18.35 33.05 37.95
CA ILE D 81 18.86 33.84 36.83
C ILE D 81 18.34 33.31 35.47
N MET D 82 18.54 32.01 35.25
CA MET D 82 18.12 31.37 33.99
C MET D 82 16.65 31.64 33.75
N LYS D 83 15.84 31.47 34.79
CA LYS D 83 14.40 31.69 34.72
C LYS D 83 14.12 33.08 34.21
N TYR D 84 14.85 34.06 34.70
CA TYR D 84 14.63 35.41 34.23
C TYR D 84 15.15 35.65 32.83
N VAL D 85 16.31 35.11 32.46
CA VAL D 85 16.77 35.36 31.11
C VAL D 85 15.74 34.72 30.21
N LEU D 86 15.30 33.53 30.60
CA LEU D 86 14.29 32.77 29.86
C LEU D 86 12.98 33.48 29.67
N THR D 87 12.48 34.11 30.72
CA THR D 87 11.22 34.84 30.62
C THR D 87 11.31 36.18 29.91
N SER D 88 12.25 37.03 30.32
CA SER D 88 12.43 38.36 29.73
C SER D 88 12.74 38.31 28.22
N ARG D 89 13.56 37.35 27.82
CA ARG D 89 13.93 37.17 26.42
C ARG D 89 12.64 36.88 25.67
N SER D 90 11.97 35.81 26.10
CA SER D 90 10.73 35.36 25.47
C SER D 90 9.64 36.42 25.32
N TYR D 91 9.48 37.31 26.30
CA TYR D 91 8.43 38.32 26.19
C TYR D 91 8.59 39.29 25.02
N LEU D 92 9.63 39.10 24.23
CA LEU D 92 9.90 39.96 23.07
C LEU D 92 9.40 39.34 21.78
N ILE D 93 8.80 38.15 21.87
CA ILE D 93 8.32 37.44 20.68
C ILE D 93 6.82 37.24 20.70
N ASP D 94 6.14 37.70 19.66
CA ASP D 94 4.69 37.56 19.57
C ASP D 94 4.29 36.11 19.47
N SER D 95 3.62 35.57 20.49
CA SER D 95 3.21 34.17 20.46
C SER D 95 1.85 34.03 21.14
N PRO D 96 0.78 33.70 20.39
CA PRO D 96 0.67 33.44 18.94
C PRO D 96 1.21 34.51 18.01
N PRO D 97 1.74 34.08 16.86
CA PRO D 97 2.34 34.87 15.76
C PRO D 97 1.44 35.84 15.11
N THR D 98 2.03 36.88 14.54
CA THR D 98 1.32 37.94 13.82
C THR D 98 2.15 38.32 12.59
N TYR D 99 1.55 38.87 11.54
CA TYR D 99 2.32 39.34 10.37
C TYR D 99 3.27 38.41 9.61
N ASN D 100 3.32 38.64 8.31
CA ASN D 100 4.19 37.88 7.45
C ASN D 100 4.38 38.68 6.18
N VAL D 101 5.21 38.16 5.28
CA VAL D 101 5.51 38.84 4.03
C VAL D 101 4.33 39.53 3.40
N HIS D 102 3.19 38.83 3.38
CA HIS D 102 1.97 39.32 2.77
C HIS D 102 1.05 40.14 3.69
N TYR D 103 1.22 40.00 5.00
CA TYR D 103 0.33 40.68 5.90
C TYR D 103 0.95 41.61 6.89
N GLY D 104 0.62 42.89 6.76
CA GLY D 104 1.13 43.87 7.69
C GLY D 104 0.14 44.05 8.82
N TYR D 105 -0.91 43.23 8.75
CA TYR D 105 -1.99 43.25 9.73
C TYR D 105 -2.23 41.82 10.13
N LYS D 106 -2.65 41.65 11.38
CA LYS D 106 -2.89 40.37 12.01
C LYS D 106 -3.43 39.20 11.18
N SER D 107 -4.60 39.38 10.56
CA SER D 107 -5.22 38.34 9.72
C SER D 107 -5.16 36.84 10.12
N TRP D 108 -6.24 36.10 9.79
CA TRP D 108 -6.32 34.66 10.11
C TRP D 108 -5.42 33.89 9.17
N GLU D 109 -5.26 34.43 7.96
CA GLU D 109 -4.43 33.80 6.93
C GLU D 109 -3.00 33.79 7.43
N ALA D 110 -2.59 34.95 7.94
CA ALA D 110 -1.28 35.12 8.51
C ALA D 110 -1.10 34.11 9.65
N PHE D 111 -2.06 34.05 10.59
CA PHE D 111 -1.95 33.12 11.71
C PHE D 111 -1.95 31.64 11.37
N SER D 112 -2.90 31.23 10.54
CA SER D 112 -3.05 29.83 10.18
C SER D 112 -2.11 29.28 9.14
N ASN D 113 -1.64 30.11 8.20
CA ASN D 113 -0.77 29.60 7.15
C ASN D 113 0.68 29.39 7.59
N LEU D 114 0.97 28.13 7.90
CA LEU D 114 2.27 27.67 8.35
C LEU D 114 3.39 27.66 7.31
N SER D 115 3.03 27.91 6.05
CA SER D 115 4.01 27.94 4.97
C SER D 115 4.85 29.23 4.93
N TYR D 116 4.37 30.28 5.61
CA TYR D 116 5.11 31.54 5.73
C TYR D 116 5.98 31.58 7.00
N TYR D 117 7.12 32.23 6.92
CA TYR D 117 7.96 32.43 8.10
C TYR D 117 7.20 33.63 8.73
N THR D 118 7.13 33.70 10.05
CA THR D 118 6.40 34.85 10.62
C THR D 118 7.25 36.12 10.54
N ARG D 119 6.75 37.22 11.07
CA ARG D 119 7.47 38.49 11.01
C ARG D 119 7.53 39.20 12.33
N ALA D 120 8.73 39.65 12.74
CA ALA D 120 8.86 40.36 14.00
C ALA D 120 8.27 41.75 13.84
N LEU D 121 8.39 42.25 12.63
CA LEU D 121 7.87 43.55 12.30
C LEU D 121 7.18 43.39 10.97
N PRO D 122 6.11 44.13 10.78
CA PRO D 122 5.41 43.99 9.52
C PRO D 122 6.22 44.44 8.32
N PRO D 123 5.84 43.97 7.14
CA PRO D 123 6.55 44.38 5.96
C PRO D 123 6.19 45.85 5.73
N VAL D 124 6.70 46.44 4.67
CA VAL D 124 6.43 47.81 4.36
C VAL D 124 5.35 47.86 3.32
N ALA D 125 4.38 48.75 3.51
CA ALA D 125 3.29 48.87 2.58
C ALA D 125 3.82 49.03 1.18
N ASP D 126 3.20 48.34 0.21
CA ASP D 126 3.66 48.45 -1.16
C ASP D 126 3.47 49.83 -1.75
N ASP D 127 2.59 50.63 -1.20
CA ASP D 127 2.44 51.95 -1.78
C ASP D 127 3.19 53.06 -1.04
N CYS D 128 4.16 52.67 -0.21
CA CYS D 128 4.95 53.66 0.48
C CYS D 128 5.95 54.17 -0.57
N PRO D 129 6.32 55.46 -0.49
CA PRO D 129 7.25 56.13 -1.42
C PRO D 129 8.67 55.63 -1.49
N THR D 130 9.28 55.42 -0.32
CA THR D 130 10.64 54.97 -0.23
C THR D 130 10.62 53.56 0.33
N PRO D 131 11.48 52.67 -0.18
CA PRO D 131 11.60 51.26 0.25
C PRO D 131 11.78 50.93 1.75
N MET D 132 11.81 51.93 2.61
CA MET D 132 11.93 51.69 4.04
C MET D 132 10.78 52.42 4.71
N GLY D 133 9.88 52.87 3.84
CA GLY D 133 8.69 53.58 4.26
C GLY D 133 8.59 54.99 3.68
N VAL D 134 8.99 55.95 4.51
CA VAL D 134 8.93 57.34 4.10
C VAL D 134 10.35 57.96 4.01
N LYS D 135 11.25 57.48 4.90
CA LYS D 135 12.64 57.96 4.96
C LYS D 135 13.55 57.35 3.90
N GLY D 136 14.61 58.08 3.54
CA GLY D 136 15.55 57.60 2.56
C GLY D 136 15.20 57.99 1.13
N ASN D 137 15.93 57.41 0.19
CA ASN D 137 15.73 57.73 -1.22
C ASN D 137 14.86 56.69 -1.92
N LYS D 138 14.36 57.04 -3.10
CA LYS D 138 13.50 56.20 -3.92
C LYS D 138 13.99 54.74 -4.03
N GLU D 139 15.30 54.52 -3.95
CA GLU D 139 15.88 53.17 -4.01
C GLU D 139 17.02 53.05 -2.99
N LEU D 140 17.23 51.85 -2.45
CA LEU D 140 18.32 51.59 -1.51
C LEU D 140 19.59 51.54 -2.36
N PRO D 141 20.78 51.64 -1.71
CA PRO D 141 22.02 51.58 -2.46
C PRO D 141 22.22 50.21 -3.11
N ASP D 142 22.88 50.17 -4.26
CA ASP D 142 23.11 48.92 -4.98
C ASP D 142 23.78 47.85 -4.11
N SER D 143 23.05 46.77 -3.88
CA SER D 143 23.52 45.66 -3.07
C SER D 143 24.90 45.19 -3.47
N LYS D 144 25.24 45.26 -4.76
CA LYS D 144 26.56 44.85 -5.19
C LYS D 144 27.59 45.78 -4.54
N GLU D 145 27.30 47.08 -4.54
CA GLU D 145 28.21 48.05 -3.93
C GLU D 145 28.35 47.80 -2.45
N VAL D 146 27.21 47.65 -1.79
CA VAL D 146 27.19 47.40 -0.35
C VAL D 146 28.03 46.16 -0.05
N LEU D 147 27.79 45.10 -0.80
CA LEU D 147 28.48 43.82 -0.66
C LEU D 147 29.99 44.04 -0.68
N GLU D 148 30.50 44.51 -1.83
CA GLU D 148 31.93 44.77 -2.03
C GLU D 148 32.54 45.76 -1.05
N LYS D 149 31.94 46.94 -0.96
CA LYS D 149 32.44 47.98 -0.07
C LYS D 149 32.63 47.66 1.40
N VAL D 150 31.65 47.01 2.04
CA VAL D 150 31.76 46.69 3.46
C VAL D 150 31.57 45.24 3.86
N LEU D 151 31.18 44.42 2.91
CA LEU D 151 30.96 43.01 3.24
C LEU D 151 32.04 42.00 2.85
N LEU D 152 32.50 42.06 1.61
CA LEU D 152 33.50 41.10 1.18
C LEU D 152 34.79 41.03 2.02
N ARG D 153 35.32 39.82 2.08
CA ARG D 153 36.52 39.55 2.83
C ARG D 153 37.83 39.83 2.05
N ARG D 154 38.76 40.52 2.71
CA ARG D 154 40.07 40.81 2.15
C ARG D 154 40.93 39.76 2.82
N GLU D 155 41.33 40.04 4.05
CA GLU D 155 42.17 39.13 4.82
C GLU D 155 41.22 38.48 5.80
N PHE D 156 41.37 37.17 5.94
CA PHE D 156 40.54 36.42 6.84
C PHE D 156 40.70 36.97 8.23
N ILE D 157 39.58 37.32 8.85
CA ILE D 157 39.56 37.83 10.21
C ILE D 157 39.01 36.74 11.10
N PRO D 158 39.85 36.11 11.92
CA PRO D 158 39.36 35.04 12.80
C PRO D 158 38.61 35.61 13.96
N ASP D 159 37.72 34.79 14.48
CA ASP D 159 36.90 35.19 15.60
C ASP D 159 37.64 35.19 16.90
N PRO D 160 37.69 36.36 17.57
CA PRO D 160 38.35 36.52 18.86
C PRO D 160 37.74 35.64 19.96
N GLN D 161 36.45 35.33 19.85
CA GLN D 161 35.74 34.49 20.83
C GLN D 161 36.24 33.04 20.84
N GLY D 162 36.73 32.55 19.71
CA GLY D 162 37.26 31.20 19.67
C GLY D 162 36.54 30.16 18.82
N SER D 163 35.44 30.57 18.19
CA SER D 163 34.62 29.68 17.40
C SER D 163 35.40 28.82 16.41
N ASN D 164 35.26 27.50 16.52
CA ASN D 164 35.93 26.60 15.60
C ASN D 164 34.94 26.05 14.58
N MET D 165 35.43 25.16 13.71
CA MET D 165 34.63 24.58 12.65
C MET D 165 33.68 23.50 13.12
N MET D 166 33.65 23.29 14.43
CA MET D 166 32.74 22.34 15.03
C MET D 166 31.54 23.21 15.37
N PHE D 167 31.80 24.41 15.86
CA PHE D 167 30.72 25.33 16.15
C PHE D 167 30.12 25.71 14.82
N ALA D 168 30.91 26.27 13.92
CA ALA D 168 30.40 26.68 12.61
C ALA D 168 29.46 25.67 11.93
N PHE D 169 29.90 24.42 11.81
CA PHE D 169 29.10 23.38 11.18
C PHE D 169 27.87 22.90 11.99
N PHE D 170 27.94 22.99 13.30
CA PHE D 170 26.80 22.64 14.13
C PHE D 170 25.74 23.68 13.85
N ALA D 171 26.11 24.96 13.90
CA ALA D 171 25.15 26.01 13.65
C ALA D 171 24.48 25.78 12.29
N GLN D 172 25.24 25.33 11.28
CA GLN D 172 24.66 25.08 9.97
C GLN D 172 23.61 23.97 10.07
N HIS D 173 24.05 22.81 10.52
CA HIS D 173 23.22 21.62 10.66
C HIS D 173 21.98 21.93 11.53
N PHE D 174 22.19 22.39 12.75
CA PHE D 174 21.11 22.70 13.66
C PHE D 174 20.05 23.62 13.09
N THR D 175 20.42 24.81 12.68
CA THR D 175 19.45 25.78 12.19
C THR D 175 18.78 25.33 10.90
N HIS D 176 19.39 24.37 10.20
CA HIS D 176 18.85 23.92 8.93
C HIS D 176 17.67 22.97 8.95
N GLN D 177 17.20 22.65 10.14
CA GLN D 177 16.03 21.82 10.24
C GLN D 177 14.91 22.83 10.12
N PHE D 178 15.06 24.02 10.74
CA PHE D 178 14.03 25.05 10.64
C PHE D 178 14.16 26.11 9.54
N PHE D 179 15.38 26.47 9.18
CA PHE D 179 15.57 27.45 8.12
C PHE D 179 15.59 26.63 6.83
N LYS D 180 14.45 26.61 6.12
CA LYS D 180 14.34 25.86 4.87
C LYS D 180 13.43 26.55 3.83
N THR D 181 13.91 27.69 3.34
CA THR D 181 13.17 28.47 2.38
C THR D 181 12.69 27.68 1.19
N ASP D 182 11.41 27.82 0.90
CA ASP D 182 10.78 27.17 -0.24
C ASP D 182 11.00 28.17 -1.40
N HIS D 183 12.14 28.04 -2.06
CA HIS D 183 12.45 28.95 -3.16
C HIS D 183 11.55 28.88 -4.35
N LYS D 184 10.51 28.07 -4.27
CA LYS D 184 9.56 27.92 -5.36
C LYS D 184 8.44 28.87 -5.06
N ARG D 185 8.21 29.14 -3.78
CA ARG D 185 7.18 30.08 -3.38
C ARG D 185 7.75 31.47 -3.33
N GLY D 186 8.93 31.58 -2.75
CA GLY D 186 9.61 32.86 -2.65
C GLY D 186 10.22 32.95 -1.26
N PRO D 187 11.16 33.89 -1.00
CA PRO D 187 11.69 33.92 0.37
C PRO D 187 10.45 34.33 1.16
N GLY D 188 10.41 34.00 2.45
CA GLY D 188 9.22 34.35 3.19
C GLY D 188 8.38 33.11 3.42
N PHE D 189 8.65 32.06 2.65
CA PHE D 189 7.96 30.76 2.74
C PHE D 189 8.95 29.69 3.17
N THR D 190 8.54 28.87 4.13
CA THR D 190 9.37 27.81 4.68
C THR D 190 8.86 26.44 4.35
N ARG D 191 9.71 25.45 4.53
CA ARG D 191 9.33 24.07 4.27
C ARG D 191 9.42 23.29 5.59
N GLY D 192 9.92 23.94 6.63
CA GLY D 192 9.98 23.28 7.93
C GLY D 192 8.69 23.65 8.62
N LEU D 193 7.59 22.99 8.24
CA LEU D 193 6.32 23.30 8.86
C LEU D 193 6.25 22.90 10.31
N GLY D 194 7.35 22.37 10.84
CA GLY D 194 7.36 21.99 12.22
C GLY D 194 7.78 23.18 13.06
N HIS D 195 8.16 24.25 12.38
CA HIS D 195 8.65 25.50 12.99
C HIS D 195 9.57 25.42 14.23
N GLY D 196 10.43 24.42 14.28
CA GLY D 196 11.28 24.36 15.44
C GLY D 196 12.14 23.13 15.50
N VAL D 197 12.65 22.84 16.69
CA VAL D 197 13.53 21.70 16.87
C VAL D 197 12.75 20.40 16.88
N ASP D 198 12.39 19.91 15.70
CA ASP D 198 11.64 18.66 15.61
C ASP D 198 12.50 17.53 15.09
N LEU D 199 13.72 17.89 14.71
CA LEU D 199 14.70 16.94 14.19
C LEU D 199 14.30 16.30 12.90
N ASN D 200 13.66 17.08 12.05
CA ASN D 200 13.26 16.58 10.74
C ASN D 200 14.45 16.39 9.84
N HIS D 201 15.54 17.10 10.14
CA HIS D 201 16.76 17.01 9.35
C HIS D 201 17.46 15.66 9.53
N ILE D 202 16.98 14.90 10.49
CA ILE D 202 17.48 13.55 10.78
C ILE D 202 16.39 12.59 10.33
N TYR D 203 15.14 12.87 10.70
CA TYR D 203 14.07 11.94 10.38
C TYR D 203 13.28 12.17 9.11
N GLY D 204 13.41 13.33 8.52
CA GLY D 204 12.61 13.59 7.35
C GLY D 204 11.43 14.47 7.75
N GLU D 205 11.03 15.30 6.83
CA GLU D 205 9.95 16.24 7.06
C GLU D 205 8.59 15.53 6.99
N THR D 206 8.52 14.43 6.26
CA THR D 206 7.27 13.72 6.12
C THR D 206 7.37 12.25 6.47
N LEU D 207 6.23 11.67 6.82
CA LEU D 207 6.11 10.27 7.18
C LEU D 207 6.66 9.35 6.07
N ASP D 208 6.43 9.70 4.82
CA ASP D 208 6.89 8.88 3.72
C ASP D 208 8.39 8.81 3.75
N ARG D 209 9.03 9.98 3.92
CA ARG D 209 10.49 10.10 3.98
C ARG D 209 11.01 9.32 5.19
N GLN D 210 10.54 9.72 6.36
CA GLN D 210 10.89 9.06 7.58
C GLN D 210 10.87 7.54 7.40
N HIS D 211 9.76 7.05 6.87
CA HIS D 211 9.59 5.61 6.66
C HIS D 211 10.61 4.97 5.73
N LYS D 212 11.13 5.74 4.77
CA LYS D 212 12.12 5.24 3.81
C LYS D 212 13.49 5.24 4.47
N LEU D 213 13.72 6.22 5.33
CA LEU D 213 14.98 6.33 6.04
C LEU D 213 15.08 5.36 7.20
N ARG D 214 13.98 4.70 7.53
CA ARG D 214 13.92 3.79 8.67
C ARG D 214 14.16 2.33 8.40
N LEU D 215 14.67 1.65 9.41
CA LEU D 215 15.00 0.23 9.30
C LEU D 215 13.83 -0.72 9.66
N PHE D 216 13.07 -0.30 10.67
CA PHE D 216 11.95 -1.06 11.17
C PHE D 216 12.35 -2.26 11.99
N LYS D 217 13.49 -2.12 12.66
CA LYS D 217 14.09 -3.12 13.54
C LYS D 217 14.71 -2.38 14.73
N ASP D 218 14.33 -2.76 15.93
CA ASP D 218 14.85 -2.15 17.15
C ASP D 218 14.69 -0.64 17.23
N GLY D 219 13.84 -0.08 16.36
CA GLY D 219 13.58 1.34 16.34
C GLY D 219 14.61 2.15 15.58
N LYS D 220 15.54 1.45 14.92
CA LYS D 220 16.68 2.06 14.21
C LYS D 220 16.48 2.70 12.87
N LEU D 221 17.39 3.64 12.57
CA LEU D 221 17.42 4.42 11.32
C LEU D 221 18.25 3.57 10.37
N LYS D 222 17.90 3.54 9.11
CA LYS D 222 18.62 2.72 8.15
C LYS D 222 20.09 3.21 8.07
N TYR D 223 21.03 2.33 7.69
CA TYR D 223 22.43 2.72 7.60
C TYR D 223 23.27 1.68 6.87
N GLN D 224 24.57 1.96 6.78
CA GLN D 224 25.48 1.09 6.08
C GLN D 224 26.86 1.19 6.71
N VAL D 225 27.58 0.08 6.68
CA VAL D 225 28.94 0.04 7.21
C VAL D 225 29.95 0.13 6.07
N ILE D 226 30.71 1.21 6.08
CA ILE D 226 31.75 1.46 5.09
C ILE D 226 33.05 1.47 5.90
N GLY D 227 34.07 0.76 5.43
CA GLY D 227 35.30 0.66 6.19
C GLY D 227 34.80 -0.12 7.38
N GLY D 228 34.80 0.50 8.54
CA GLY D 228 34.26 -0.17 9.71
C GLY D 228 33.27 0.81 10.32
N GLU D 229 33.19 2.00 9.74
CA GLU D 229 32.32 3.04 10.26
C GLU D 229 30.89 2.96 9.75
N VAL D 230 29.98 3.52 10.55
CA VAL D 230 28.55 3.54 10.23
C VAL D 230 28.24 4.85 9.53
N TYR D 231 27.68 4.77 8.34
CA TYR D 231 27.34 5.97 7.59
C TYR D 231 25.88 5.87 7.13
N PRO D 232 25.28 7.00 6.69
CA PRO D 232 23.89 7.02 6.21
C PRO D 232 23.80 6.07 5.02
N PRO D 233 22.59 5.55 4.74
CA PRO D 233 22.45 4.64 3.60
C PRO D 233 22.40 5.45 2.35
N THR D 234 22.40 4.76 1.22
CA THR D 234 22.37 5.42 -0.06
C THR D 234 21.00 5.91 -0.50
N VAL D 235 20.99 6.74 -1.54
CA VAL D 235 19.74 7.24 -2.12
C VAL D 235 19.18 6.10 -2.95
N LYS D 236 20.07 5.24 -3.46
CA LYS D 236 19.68 4.11 -4.29
C LYS D 236 18.97 3.07 -3.49
N ASP D 237 19.47 2.80 -2.31
CA ASP D 237 18.84 1.80 -1.46
C ASP D 237 17.53 2.27 -0.82
N THR D 238 17.58 3.43 -0.18
CA THR D 238 16.42 3.95 0.50
C THR D 238 15.41 4.56 -0.43
N GLN D 239 15.92 5.30 -1.41
CA GLN D 239 15.09 5.97 -2.40
C GLN D 239 14.63 7.33 -1.91
N VAL D 240 15.29 7.91 -0.91
CA VAL D 240 14.81 9.25 -0.51
C VAL D 240 15.31 10.28 -1.54
N GLU D 241 14.64 11.43 -1.64
CA GLU D 241 15.08 12.47 -2.57
C GLU D 241 16.15 13.34 -1.90
N MET D 242 17.39 13.30 -2.38
CA MET D 242 18.47 14.11 -1.83
C MET D 242 18.94 15.03 -2.93
N ILE D 243 19.53 16.17 -2.58
CA ILE D 243 20.04 17.10 -3.60
C ILE D 243 21.55 16.86 -3.79
N TYR D 244 21.94 16.38 -4.96
CA TYR D 244 23.33 16.09 -5.25
C TYR D 244 23.67 16.48 -6.67
N PRO D 245 24.90 16.97 -6.90
CA PRO D 245 25.33 17.35 -8.25
C PRO D 245 25.40 16.06 -9.08
N PRO D 246 24.88 16.10 -10.33
CA PRO D 246 24.81 14.98 -11.28
C PRO D 246 26.04 14.08 -11.48
N HIS D 247 27.16 14.44 -10.88
CA HIS D 247 28.36 13.63 -11.04
C HIS D 247 28.76 12.79 -9.82
N ILE D 248 27.95 12.82 -8.74
CA ILE D 248 28.25 12.01 -7.55
C ILE D 248 28.10 10.58 -8.04
N PRO D 249 29.13 9.75 -7.89
CA PRO D 249 29.14 8.35 -8.34
C PRO D 249 28.12 7.38 -7.78
N GLU D 250 27.02 7.87 -7.20
CA GLU D 250 26.02 6.99 -6.55
C GLU D 250 26.90 6.54 -5.38
N ASN D 251 26.49 5.55 -4.58
CA ASN D 251 27.38 5.08 -3.49
C ASN D 251 28.03 6.08 -2.54
N LEU D 252 27.85 7.37 -2.82
CA LEU D 252 28.40 8.45 -2.03
C LEU D 252 27.26 9.43 -1.94
N GLN D 253 26.12 9.03 -2.50
CA GLN D 253 24.92 9.83 -2.46
C GLN D 253 24.19 9.38 -1.17
N PHE D 254 24.63 9.87 -0.02
CA PHE D 254 24.06 9.50 1.27
C PHE D 254 22.64 10.02 1.44
N ALA D 255 21.81 9.27 2.17
CA ALA D 255 20.40 9.60 2.40
C ALA D 255 20.11 10.68 3.43
N VAL D 256 20.30 10.35 4.67
CA VAL D 256 20.15 11.31 5.76
C VAL D 256 18.87 11.98 6.28
N GLY D 257 18.08 12.67 5.46
CA GLY D 257 16.92 13.29 6.03
C GLY D 257 16.68 14.74 5.64
N GLN D 258 17.71 15.60 5.70
CA GLN D 258 17.53 16.99 5.26
C GLN D 258 18.09 16.86 3.86
N GLU D 259 17.28 17.13 2.83
CA GLU D 259 17.68 16.96 1.44
C GLU D 259 18.88 17.73 0.91
N VAL D 260 19.35 18.69 1.68
CA VAL D 260 20.47 19.47 1.21
C VAL D 260 21.77 19.18 1.92
N PHE D 261 21.77 18.29 2.92
CA PHE D 261 23.00 17.98 3.66
C PHE D 261 24.06 17.23 2.96
N GLY D 262 23.83 16.88 1.70
CA GLY D 262 24.89 16.18 0.98
C GLY D 262 25.84 17.21 0.34
N LEU D 263 25.39 18.46 0.32
CA LEU D 263 26.13 19.54 -0.30
C LEU D 263 27.35 20.01 0.44
N VAL D 264 27.53 19.60 1.69
CA VAL D 264 28.74 19.97 2.42
C VAL D 264 29.08 18.95 3.48
N PRO D 265 30.27 18.36 3.39
CA PRO D 265 30.79 17.35 4.31
C PRO D 265 30.66 17.68 5.83
N GLY D 266 30.65 18.97 6.17
CA GLY D 266 30.52 19.39 7.55
C GLY D 266 29.16 19.06 8.12
N LEU D 267 28.14 19.14 7.26
CA LEU D 267 26.75 18.83 7.59
C LEU D 267 26.60 17.31 7.71
N MET D 268 27.13 16.58 6.72
CA MET D 268 27.08 15.12 6.71
C MET D 268 27.87 14.47 7.86
N MET D 269 28.86 15.20 8.38
CA MET D 269 29.66 14.71 9.50
C MET D 269 28.72 14.63 10.70
N TYR D 270 27.98 15.71 10.95
CA TYR D 270 27.00 15.79 12.03
C TYR D 270 25.81 14.88 11.78
N ALA D 271 25.33 14.88 10.54
CA ALA D 271 24.22 14.05 10.14
C ALA D 271 24.51 12.58 10.41
N THR D 272 25.79 12.22 10.34
CA THR D 272 26.18 10.84 10.58
C THR D 272 26.32 10.61 12.06
N ILE D 273 26.77 11.64 12.78
CA ILE D 273 26.94 11.51 14.23
C ILE D 273 25.59 11.30 14.87
N TRP D 274 24.59 12.03 14.38
CA TRP D 274 23.24 11.94 14.92
C TRP D 274 22.52 10.66 14.54
N LEU D 275 22.79 10.13 13.36
CA LEU D 275 22.19 8.87 12.97
C LEU D 275 22.72 7.88 13.98
N ARG D 276 24.04 7.91 14.18
CA ARG D 276 24.70 7.01 15.11
C ARG D 276 24.06 7.08 16.48
N GLU D 277 23.79 8.31 16.93
CA GLU D 277 23.20 8.60 18.25
C GLU D 277 21.82 7.97 18.41
N HIS D 278 20.96 8.17 17.44
CA HIS D 278 19.63 7.61 17.44
C HIS D 278 19.75 6.11 17.70
N GLN D 279 20.52 5.44 16.85
CA GLN D 279 20.75 4.01 16.95
C GLN D 279 21.20 3.61 18.34
N ARG D 280 22.13 4.38 18.90
CA ARG D 280 22.67 4.11 20.21
C ARG D 280 21.58 4.09 21.26
N VAL D 281 20.74 5.12 21.25
CA VAL D 281 19.61 5.18 22.18
C VAL D 281 18.67 4.00 21.94
N CYS D 282 18.47 3.61 20.70
CA CYS D 282 17.60 2.46 20.42
C CYS D 282 18.08 1.26 21.22
N ASP D 283 19.39 1.12 21.26
CA ASP D 283 19.99 0.03 21.99
C ASP D 283 19.81 0.18 23.50
N ILE D 284 19.96 1.40 23.98
CA ILE D 284 19.81 1.68 25.39
C ILE D 284 18.38 1.44 25.88
N LEU D 285 17.42 1.85 25.05
CA LEU D 285 16.01 1.73 25.34
C LEU D 285 15.62 0.28 25.28
N LYS D 286 15.95 -0.38 24.17
CA LYS D 286 15.65 -1.79 23.98
C LYS D 286 16.14 -2.65 25.16
N GLN D 287 17.23 -2.23 25.79
CA GLN D 287 17.75 -2.98 26.94
C GLN D 287 16.80 -2.84 28.12
N GLU D 288 16.18 -1.67 28.22
CA GLU D 288 15.24 -1.35 29.27
C GLU D 288 13.85 -1.91 28.95
N HIS D 289 13.55 -2.01 27.67
CA HIS D 289 12.24 -2.45 27.24
C HIS D 289 12.25 -3.55 26.23
N PRO D 290 12.50 -4.78 26.71
CA PRO D 290 12.51 -6.00 25.90
C PRO D 290 11.13 -6.16 25.24
N GLU D 291 10.11 -5.61 25.90
CA GLU D 291 8.76 -5.70 25.36
C GLU D 291 8.44 -4.74 24.26
N TRP D 292 9.19 -3.65 24.12
CA TRP D 292 8.89 -2.64 23.12
C TRP D 292 9.04 -3.13 21.70
N GLY D 293 8.37 -2.45 20.79
CA GLY D 293 8.44 -2.79 19.38
C GLY D 293 9.15 -1.68 18.63
N ASP D 294 9.39 -1.89 17.33
CA ASP D 294 10.07 -0.91 16.48
C ASP D 294 9.54 0.55 16.51
N GLU D 295 8.24 0.75 16.65
CA GLU D 295 7.74 2.12 16.68
C GLU D 295 8.01 2.84 17.95
N GLN D 296 7.67 2.22 19.08
CA GLN D 296 7.88 2.86 20.36
C GLN D 296 9.37 3.09 20.65
N LEU D 297 10.21 2.31 20.02
CA LEU D 297 11.64 2.45 20.20
C LEU D 297 11.98 3.67 19.37
N PHE D 298 11.53 3.71 18.13
CA PHE D 298 11.80 4.86 17.27
C PHE D 298 11.27 6.16 17.87
N GLN D 299 9.94 6.26 17.99
CA GLN D 299 9.29 7.46 18.53
C GLN D 299 9.91 7.94 19.84
N THR D 300 10.31 7.02 20.72
CA THR D 300 10.89 7.44 22.01
C THR D 300 12.30 7.99 21.85
N SER D 301 13.13 7.33 21.04
CA SER D 301 14.48 7.81 20.78
C SER D 301 14.36 9.21 20.20
N LYS D 302 13.49 9.40 19.20
CA LYS D 302 13.34 10.72 18.61
C LYS D 302 13.04 11.78 19.65
N LEU D 303 12.39 11.39 20.72
CA LEU D 303 12.05 12.37 21.73
C LEU D 303 13.28 12.68 22.56
N ILE D 304 14.08 11.65 22.82
CA ILE D 304 15.30 11.80 23.60
C ILE D 304 16.30 12.64 22.81
N LEU D 305 16.53 12.28 21.54
CA LEU D 305 17.43 13.06 20.67
C LEU D 305 17.00 14.51 20.58
N ILE D 306 15.70 14.79 20.57
CA ILE D 306 15.23 16.18 20.54
C ILE D 306 15.61 16.80 21.86
N GLY D 307 15.66 16.00 22.93
CA GLY D 307 16.01 16.51 24.26
C GLY D 307 17.47 16.89 24.33
N GLU D 308 18.30 15.97 23.88
CA GLU D 308 19.73 16.16 23.86
C GLU D 308 20.04 17.42 23.06
N THR D 309 19.37 17.56 21.92
CA THR D 309 19.60 18.73 21.08
C THR D 309 19.29 20.04 21.81
N ILE D 310 18.20 20.09 22.55
CA ILE D 310 17.88 21.32 23.25
C ILE D 310 18.84 21.54 24.41
N LYS D 311 19.44 20.46 24.89
CA LYS D 311 20.37 20.49 26.03
C LYS D 311 21.68 21.04 25.58
N ILE D 312 22.18 20.44 24.52
CA ILE D 312 23.43 20.86 23.92
C ILE D 312 23.32 22.30 23.42
N VAL D 313 22.23 22.64 22.74
CA VAL D 313 22.06 23.99 22.20
C VAL D 313 22.10 25.13 23.20
N ILE D 314 21.70 24.88 24.43
CA ILE D 314 21.67 25.94 25.45
C ILE D 314 22.91 25.90 26.33
N GLU D 315 23.32 24.71 26.71
CA GLU D 315 24.46 24.60 27.60
C GLU D 315 25.85 24.52 26.95
N ASP D 316 25.88 24.36 25.64
CA ASP D 316 27.13 24.32 24.91
C ASP D 316 27.15 25.41 23.86
N TYR D 317 26.31 25.25 22.85
CA TYR D 317 26.22 26.16 21.73
C TYR D 317 25.98 27.59 22.14
N VAL D 318 24.84 27.88 22.74
CA VAL D 318 24.50 29.24 23.19
C VAL D 318 25.44 29.69 24.32
N GLN D 319 25.92 28.74 25.11
CA GLN D 319 26.84 29.09 26.21
C GLN D 319 28.09 29.72 25.58
N HIS D 320 28.73 28.99 24.68
CA HIS D 320 29.92 29.49 23.99
C HIS D 320 29.64 30.83 23.37
N LEU D 321 28.67 30.82 22.50
CA LEU D 321 28.19 31.97 21.79
C LEU D 321 27.99 33.19 22.68
N SER D 322 27.31 33.00 23.80
CA SER D 322 26.97 34.11 24.68
C SER D 322 28.16 34.89 25.24
N GLY D 323 29.21 34.15 25.62
CA GLY D 323 30.41 34.72 26.22
C GLY D 323 30.20 34.91 27.71
N TYR D 324 28.98 34.74 28.15
CA TYR D 324 28.63 34.92 29.54
C TYR D 324 29.35 33.93 30.42
N HIS D 325 29.58 34.32 31.66
CA HIS D 325 30.26 33.46 32.64
C HIS D 325 29.22 32.66 33.39
N PHE D 326 27.97 33.08 33.25
CA PHE D 326 26.88 32.40 33.93
C PHE D 326 26.58 31.08 33.22
N LYS D 327 26.42 30.01 33.98
CA LYS D 327 26.16 28.71 33.40
C LYS D 327 24.70 28.58 33.02
N LEU D 328 24.42 28.76 31.73
CA LEU D 328 23.09 28.62 31.20
C LEU D 328 22.60 27.23 31.60
N LYS D 329 21.28 27.05 31.70
CA LYS D 329 20.71 25.78 32.09
C LYS D 329 19.48 25.43 31.29
N PHE D 330 19.41 24.20 30.81
CA PHE D 330 18.23 23.74 30.09
C PHE D 330 17.40 23.01 31.16
N ASP D 331 16.40 23.71 31.69
CA ASP D 331 15.58 23.09 32.68
C ASP D 331 14.16 23.58 32.49
N PRO D 332 13.32 22.75 31.85
CA PRO D 332 11.92 23.05 31.58
C PRO D 332 11.12 23.56 32.78
N GLU D 333 11.34 22.98 33.96
CA GLU D 333 10.61 23.39 35.16
C GLU D 333 10.66 24.87 35.48
N LEU D 334 11.71 25.54 35.01
CA LEU D 334 11.90 26.95 35.25
C LEU D 334 10.66 27.72 34.83
N LEU D 335 10.02 27.27 33.77
CA LEU D 335 8.84 27.95 33.24
C LEU D 335 7.49 27.33 33.62
N PHE D 336 7.52 26.35 34.52
CA PHE D 336 6.31 25.68 34.98
C PHE D 336 5.48 26.61 35.85
N ASN D 337 6.12 27.64 36.38
CA ASN D 337 5.46 28.61 37.25
C ASN D 337 5.36 29.94 36.56
N GLN D 338 5.60 29.95 35.25
CA GLN D 338 5.56 31.20 34.50
C GLN D 338 4.58 31.13 33.37
N GLN D 339 4.05 32.28 32.99
CA GLN D 339 3.16 32.34 31.87
C GLN D 339 4.14 32.18 30.72
N PHE D 340 3.90 31.19 29.87
CA PHE D 340 4.77 30.92 28.72
C PHE D 340 4.06 30.04 27.70
N GLN D 341 4.03 30.46 26.44
CA GLN D 341 3.41 29.67 25.38
C GLN D 341 4.34 28.62 24.79
N TYR D 342 3.97 27.36 24.89
CA TYR D 342 4.78 26.28 24.38
C TYR D 342 4.45 26.06 22.91
N GLN D 343 4.84 27.02 22.10
CA GLN D 343 4.62 26.97 20.66
C GLN D 343 5.59 27.97 20.05
N ASN D 344 5.84 27.86 18.76
CA ASN D 344 6.79 28.74 18.09
C ASN D 344 6.59 28.79 16.59
N ARG D 345 6.82 29.96 16.01
CA ARG D 345 6.74 30.18 14.58
C ARG D 345 8.06 30.89 14.21
N ILE D 346 8.86 30.28 13.33
CA ILE D 346 10.12 30.92 12.97
C ILE D 346 9.87 32.17 12.13
N ALA D 347 10.54 33.26 12.51
CA ALA D 347 10.40 34.56 11.85
C ALA D 347 11.45 34.76 10.77
N SER D 348 11.12 35.39 9.64
CA SER D 348 12.17 35.52 8.68
C SER D 348 13.37 36.34 9.21
N GLU D 349 13.16 37.31 10.09
CA GLU D 349 14.29 38.07 10.62
C GLU D 349 15.33 37.18 11.31
N PHE D 350 14.90 36.03 11.80
CA PHE D 350 15.81 35.13 12.46
C PHE D 350 16.54 34.39 11.35
N ASN D 351 15.89 34.21 10.21
CA ASN D 351 16.52 33.49 9.12
C ASN D 351 17.64 34.36 8.59
N THR D 352 17.30 35.62 8.38
CA THR D 352 18.22 36.60 7.84
C THR D 352 19.39 36.90 8.76
N LEU D 353 19.11 37.15 10.02
CA LEU D 353 20.16 37.48 10.95
C LEU D 353 21.03 36.28 11.21
N TYR D 354 20.56 35.11 10.78
CA TYR D 354 21.31 33.88 11.02
C TYR D 354 22.19 33.39 9.86
N HIS D 355 22.35 34.22 8.84
CA HIS D 355 23.24 33.88 7.72
C HIS D 355 24.67 34.19 8.19
N TRP D 356 25.24 33.28 8.96
CA TRP D 356 26.55 33.51 9.49
C TRP D 356 27.67 32.98 8.58
N HIS D 357 27.58 33.34 7.30
CA HIS D 357 28.59 32.97 6.29
C HIS D 357 30.03 33.46 6.64
N PRO D 358 30.18 34.60 7.36
CA PRO D 358 31.50 35.08 7.73
C PRO D 358 32.12 34.18 8.81
N LEU D 359 31.83 32.89 8.79
CA LEU D 359 32.40 31.99 9.79
C LEU D 359 33.25 31.02 8.98
N LEU D 360 32.90 30.89 7.70
CA LEU D 360 33.57 29.98 6.82
C LEU D 360 34.99 30.45 6.49
N PRO D 361 35.98 29.60 6.76
CA PRO D 361 37.35 30.00 6.46
C PRO D 361 37.55 29.90 4.95
N ASP D 362 38.75 30.22 4.48
CA ASP D 362 39.03 30.16 3.05
C ASP D 362 39.35 28.73 2.60
N THR D 363 39.78 27.91 3.54
CA THR D 363 40.08 26.54 3.23
C THR D 363 39.71 25.69 4.42
N PHE D 364 39.27 24.48 4.12
CA PHE D 364 38.85 23.54 5.14
C PHE D 364 40.04 22.64 5.34
N ASN D 365 40.71 22.90 6.46
CA ASN D 365 41.92 22.19 6.82
C ASN D 365 41.56 20.94 7.60
N ILE D 366 41.53 19.80 6.92
CA ILE D 366 41.24 18.53 7.58
C ILE D 366 42.56 17.80 7.67
N GLU D 367 43.22 18.05 8.81
CA GLU D 367 44.55 17.54 9.18
C GLU D 367 45.23 16.75 8.09
N ASP D 368 46.23 17.42 7.51
CA ASP D 368 47.07 16.95 6.39
C ASP D 368 46.58 17.55 5.06
N GLN D 369 45.58 18.42 5.14
CA GLN D 369 45.02 19.03 3.96
C GLN D 369 44.32 20.36 4.27
N GLU D 370 44.11 21.17 3.23
CA GLU D 370 43.48 22.48 3.35
C GLU D 370 42.65 22.68 2.09
N TYR D 371 41.52 21.97 2.01
CA TYR D 371 40.63 22.02 0.86
C TYR D 371 40.04 23.40 0.55
N SER D 372 39.77 23.63 -0.72
CA SER D 372 39.17 24.87 -1.15
C SER D 372 37.67 24.65 -1.12
N PHE D 373 36.90 25.72 -1.05
CA PHE D 373 35.45 25.62 -1.10
C PHE D 373 35.06 24.71 -2.29
N LYS D 374 35.79 24.88 -3.38
CA LYS D 374 35.59 24.13 -4.61
C LYS D 374 35.78 22.64 -4.44
N GLN D 375 36.66 22.23 -3.54
CA GLN D 375 36.89 20.80 -3.32
C GLN D 375 36.10 20.25 -2.15
N PHE D 376 35.76 21.12 -1.22
CA PHE D 376 35.00 20.71 -0.06
C PHE D 376 33.55 20.40 -0.44
N LEU D 377 32.92 21.33 -1.16
CA LEU D 377 31.52 21.17 -1.56
C LEU D 377 31.14 19.85 -2.24
N TYR D 378 30.04 19.27 -1.77
CA TYR D 378 29.47 17.99 -2.27
C TYR D 378 30.43 16.82 -2.21
N ASN D 379 31.56 17.00 -1.53
CA ASN D 379 32.58 15.96 -1.48
C ASN D 379 32.58 15.08 -0.21
N ASN D 380 31.70 14.08 -0.20
CA ASN D 380 31.65 13.21 0.95
C ASN D 380 32.71 12.13 0.89
N SER D 381 33.50 12.12 -0.19
CA SER D 381 34.61 11.16 -0.29
C SER D 381 35.69 11.59 0.69
N ILE D 382 35.77 12.89 0.97
CA ILE D 382 36.72 13.44 1.94
C ILE D 382 36.33 12.87 3.31
N LEU D 383 35.02 12.85 3.56
CA LEU D 383 34.48 12.35 4.82
C LEU D 383 34.86 10.89 4.95
N LEU D 384 34.55 10.09 3.94
CA LEU D 384 34.95 8.69 3.98
C LEU D 384 36.48 8.61 4.01
N GLU D 385 37.15 9.60 3.40
CA GLU D 385 38.62 9.65 3.33
C GLU D 385 39.30 9.82 4.68
N HIS D 386 38.79 10.74 5.49
CA HIS D 386 39.39 10.97 6.77
C HIS D 386 38.64 10.31 7.91
N GLY D 387 37.31 10.44 7.90
CA GLY D 387 36.51 9.80 8.91
C GLY D 387 36.33 10.29 10.33
N LEU D 388 35.25 11.04 10.52
CA LEU D 388 34.80 11.61 11.77
C LEU D 388 35.81 11.91 12.86
N THR D 389 36.49 10.88 13.38
CA THR D 389 37.47 11.09 14.44
C THR D 389 38.44 12.17 14.00
N GLN D 390 39.10 11.95 12.86
CA GLN D 390 39.99 12.97 12.34
C GLN D 390 39.08 13.78 11.45
N PHE D 391 38.33 14.65 12.08
CA PHE D 391 37.39 15.52 11.41
C PHE D 391 36.94 16.32 12.60
N VAL D 392 36.67 15.60 13.68
CA VAL D 392 36.29 16.27 14.90
C VAL D 392 37.62 16.86 15.38
N GLU D 393 38.72 16.12 15.22
CA GLU D 393 40.01 16.65 15.65
C GLU D 393 40.34 17.87 14.82
N SER D 394 40.33 17.72 13.49
CA SER D 394 40.65 18.84 12.59
C SER D 394 39.77 20.05 12.94
N PHE D 395 38.48 19.92 12.69
CA PHE D 395 37.52 20.99 12.95
C PHE D 395 37.50 21.54 14.40
N THR D 396 37.90 20.75 15.39
CA THR D 396 37.93 21.26 16.76
C THR D 396 39.02 22.31 16.82
N ARG D 397 40.12 22.01 16.11
CA ARG D 397 41.34 22.85 16.00
C ARG D 397 41.30 23.67 14.70
N GLN D 398 40.39 24.64 14.59
CA GLN D 398 40.31 25.49 13.38
C GLN D 398 39.35 26.67 13.59
N ILE D 399 39.88 27.86 13.91
CA ILE D 399 39.01 29.03 14.13
C ILE D 399 38.16 29.33 12.93
N ALA D 400 37.07 30.00 13.20
CA ALA D 400 36.13 30.38 12.18
C ALA D 400 36.23 31.89 12.11
N GLY D 401 35.68 32.47 11.05
CA GLY D 401 35.73 33.91 10.90
C GLY D 401 34.86 34.65 11.88
N ARG D 402 35.05 35.95 11.99
CA ARG D 402 34.25 36.74 12.89
C ARG D 402 33.02 37.13 12.07
N VAL D 403 31.85 37.19 12.71
CA VAL D 403 30.64 37.55 11.96
C VAL D 403 30.53 39.06 11.90
N ALA D 404 30.43 39.70 13.06
CA ALA D 404 30.32 41.17 13.12
C ALA D 404 31.67 41.76 12.85
N GLY D 405 31.75 43.08 12.75
CA GLY D 405 33.04 43.69 12.49
C GLY D 405 33.19 44.20 11.07
N GLY D 406 32.65 43.46 10.11
CA GLY D 406 32.71 43.90 8.72
C GLY D 406 33.74 43.19 7.86
N ARG D 407 33.56 43.31 6.56
CA ARG D 407 34.45 42.74 5.58
C ARG D 407 34.96 41.33 5.76
N ASN D 408 34.14 40.43 6.30
CA ASN D 408 34.57 39.06 6.51
C ASN D 408 33.77 37.95 5.78
N VAL D 409 33.01 38.32 4.76
CA VAL D 409 32.20 37.34 4.00
C VAL D 409 33.05 36.70 2.90
N PRO D 410 33.25 35.38 2.95
CA PRO D 410 34.05 34.70 1.94
C PRO D 410 33.56 35.10 0.60
N ILE D 411 34.45 35.55 -0.27
CA ILE D 411 34.06 35.96 -1.62
C ILE D 411 33.50 34.77 -2.35
N ALA D 412 33.69 33.58 -1.80
CA ALA D 412 33.15 32.38 -2.40
C ALA D 412 31.61 32.32 -2.23
N VAL D 413 31.09 32.82 -1.10
CA VAL D 413 29.65 32.82 -0.85
C VAL D 413 29.10 34.23 -0.95
N GLN D 414 29.78 35.06 -1.73
CA GLN D 414 29.34 36.43 -1.86
C GLN D 414 28.00 36.43 -2.53
N ALA D 415 27.73 35.41 -3.33
CA ALA D 415 26.43 35.32 -4.02
C ALA D 415 25.31 35.17 -3.00
N VAL D 416 25.57 34.38 -1.96
CA VAL D 416 24.61 34.14 -0.89
C VAL D 416 24.41 35.40 -0.07
N ALA D 417 25.51 36.10 0.21
CA ALA D 417 25.45 37.34 0.99
C ALA D 417 24.63 38.43 0.32
N LYS D 418 24.79 38.58 -1.00
CA LYS D 418 24.08 39.59 -1.78
C LYS D 418 22.60 39.20 -1.81
N ALA D 419 22.37 37.90 -1.93
CA ALA D 419 21.02 37.33 -1.94
C ALA D 419 20.34 37.74 -0.63
N SER D 420 21.03 37.58 0.51
CA SER D 420 20.43 37.99 1.78
C SER D 420 20.01 39.45 1.69
N ILE D 421 20.82 40.25 1.02
CA ILE D 421 20.52 41.66 0.90
C ILE D 421 19.32 41.82 -0.01
N ASP D 422 19.36 41.17 -1.17
CA ASP D 422 18.26 41.31 -2.12
C ASP D 422 16.88 40.84 -1.63
N GLN D 423 16.86 39.71 -0.92
CA GLN D 423 15.63 39.12 -0.40
C GLN D 423 15.02 39.94 0.70
N SER D 424 15.81 40.40 1.64
CA SER D 424 15.30 41.25 2.70
C SER D 424 14.55 42.43 2.06
N ARG D 425 15.11 42.92 0.95
CA ARG D 425 14.54 44.02 0.21
C ARG D 425 13.24 43.65 -0.44
N GLU D 426 13.20 42.50 -1.12
CA GLU D 426 11.97 42.10 -1.77
C GLU D 426 10.89 41.76 -0.76
N MET D 427 11.33 41.26 0.39
CA MET D 427 10.41 40.96 1.45
C MET D 427 10.04 42.24 2.20
N LYS D 428 10.34 43.38 1.60
CA LYS D 428 9.98 44.68 2.16
C LYS D 428 10.28 44.87 3.65
N TYR D 429 11.51 44.56 4.05
CA TYR D 429 11.90 44.70 5.45
C TYR D 429 11.88 46.15 5.94
N GLN D 430 12.30 46.34 7.18
CA GLN D 430 12.34 47.68 7.75
C GLN D 430 13.79 47.90 8.10
N SER D 431 14.15 49.13 8.39
CA SER D 431 15.51 49.47 8.71
C SER D 431 16.07 48.79 9.97
N LEU D 432 17.39 48.75 10.03
CA LEU D 432 18.07 48.20 11.17
C LEU D 432 17.49 48.87 12.40
N ASN D 433 17.26 50.17 12.32
CA ASN D 433 16.76 50.92 13.47
C ASN D 433 15.38 50.56 13.93
N GLU D 434 14.48 50.29 12.99
CA GLU D 434 13.12 49.90 13.35
C GLU D 434 13.25 48.61 14.12
N TYR D 435 14.07 47.69 13.62
CA TYR D 435 14.27 46.43 14.30
C TYR D 435 14.91 46.63 15.66
N ARG D 436 15.90 47.51 15.75
CA ARG D 436 16.59 47.76 17.01
C ARG D 436 15.59 48.25 18.03
N LYS D 437 14.73 49.16 17.61
CA LYS D 437 13.72 49.68 18.51
C LYS D 437 12.78 48.57 18.95
N ARG D 438 12.24 47.85 17.98
CA ARG D 438 11.32 46.75 18.25
C ARG D 438 11.92 45.81 19.28
N PHE D 439 13.24 45.76 19.37
CA PHE D 439 13.88 44.91 20.33
C PHE D 439 14.50 45.63 21.51
N SER D 440 13.85 46.74 21.86
CA SER D 440 14.19 47.60 23.01
C SER D 440 15.61 48.11 22.99
N LEU D 441 16.10 48.41 21.79
CA LEU D 441 17.46 48.92 21.63
C LEU D 441 17.37 50.39 21.28
N LYS D 442 18.48 51.07 21.43
CA LYS D 442 18.56 52.50 21.15
C LYS D 442 19.03 52.67 19.72
N PRO D 443 18.23 53.34 18.88
CA PRO D 443 18.63 53.55 17.48
C PRO D 443 19.95 54.30 17.30
N TYR D 444 20.74 53.86 16.31
CA TYR D 444 22.04 54.43 15.99
C TYR D 444 21.90 55.78 15.43
N THR D 445 22.64 56.71 16.01
CA THR D 445 22.60 58.11 15.59
C THR D 445 23.48 58.41 14.38
N SER D 446 24.38 57.48 14.07
CA SER D 446 25.31 57.64 12.95
C SER D 446 25.88 56.29 12.51
N PHE D 447 26.28 56.18 11.25
CA PHE D 447 26.86 54.94 10.69
C PHE D 447 28.09 54.57 11.46
N GLU D 448 28.72 55.59 12.00
CA GLU D 448 29.94 55.48 12.76
C GLU D 448 29.61 54.89 14.13
N GLU D 449 28.43 55.23 14.67
CA GLU D 449 28.00 54.66 15.95
C GLU D 449 27.77 53.17 15.75
N LEU D 450 27.20 52.87 14.58
CA LEU D 450 26.91 51.51 14.17
C LEU D 450 28.16 50.65 14.14
N THR D 451 29.14 51.12 13.34
CA THR D 451 30.41 50.42 13.13
C THR D 451 31.48 50.56 14.18
N GLY D 452 31.49 51.66 14.89
CA GLY D 452 32.52 51.86 15.90
C GLY D 452 33.88 52.14 15.29
N GLU D 453 33.88 52.61 14.05
CA GLU D 453 35.10 52.93 13.31
C GLU D 453 34.70 53.87 12.20
N LYS D 454 35.63 54.20 11.30
CA LYS D 454 35.32 55.17 10.27
C LYS D 454 35.36 54.87 8.77
N GLU D 455 36.19 53.94 8.32
CA GLU D 455 36.20 53.72 6.86
C GLU D 455 34.90 53.12 6.30
N MET D 456 34.43 52.03 6.92
CA MET D 456 33.19 51.38 6.49
C MET D 456 32.00 52.31 6.75
N ALA D 457 31.98 52.88 7.95
CA ALA D 457 30.96 53.82 8.37
C ALA D 457 30.84 54.86 7.27
N ALA D 458 31.99 55.38 6.85
CA ALA D 458 32.09 56.40 5.80
C ALA D 458 31.51 55.91 4.49
N GLU D 459 31.91 54.70 4.10
CA GLU D 459 31.40 54.08 2.88
C GLU D 459 29.88 53.82 2.93
N LEU D 460 29.38 53.53 4.13
CA LEU D 460 27.95 53.31 4.34
C LEU D 460 27.23 54.66 4.16
N LYS D 461 27.69 55.68 4.87
CA LYS D 461 27.07 57.02 4.76
C LYS D 461 27.01 57.52 3.32
N ALA D 462 28.05 57.24 2.54
CA ALA D 462 28.06 57.67 1.17
C ALA D 462 26.88 57.00 0.51
N LEU D 463 26.81 55.67 0.69
CA LEU D 463 25.78 54.80 0.14
C LEU D 463 24.32 54.95 0.59
N TYR D 464 24.07 54.90 1.90
CA TYR D 464 22.70 54.98 2.42
C TYR D 464 22.27 56.40 2.76
N SER D 465 23.25 57.28 2.99
CA SER D 465 23.02 58.68 3.37
C SER D 465 22.31 58.94 4.71
N ASP D 466 21.26 58.17 5.06
CA ASP D 466 20.56 58.33 6.35
C ASP D 466 20.75 57.06 7.19
N ILE D 467 21.23 57.20 8.42
CA ILE D 467 21.41 56.02 9.25
C ILE D 467 20.05 55.31 9.36
N ASP D 468 19.00 56.11 9.41
CA ASP D 468 17.62 55.63 9.48
C ASP D 468 17.16 54.92 8.19
N VAL D 469 18.08 54.41 7.38
CA VAL D 469 17.69 53.73 6.15
C VAL D 469 18.61 52.54 6.00
N MET D 470 19.54 52.45 6.92
CA MET D 470 20.49 51.37 6.91
C MET D 470 19.70 50.10 7.07
N GLU D 471 20.00 49.11 6.23
CA GLU D 471 19.35 47.81 6.23
C GLU D 471 19.82 46.84 7.34
N LEU D 472 18.92 45.94 7.78
CA LEU D 472 19.23 45.00 8.86
C LEU D 472 20.35 43.99 8.59
N TYR D 473 20.28 43.23 7.50
CA TYR D 473 21.34 42.26 7.25
C TYR D 473 22.77 42.90 7.22
N PRO D 474 23.09 43.84 6.27
CA PRO D 474 24.40 44.49 6.18
C PRO D 474 24.94 45.02 7.51
N ALA D 475 24.15 45.83 8.20
CA ALA D 475 24.53 46.40 9.49
C ALA D 475 24.87 45.34 10.54
N LEU D 476 24.30 44.14 10.39
CA LEU D 476 24.57 43.07 11.34
C LEU D 476 26.02 42.61 11.19
N LEU D 477 26.45 42.48 9.95
CA LEU D 477 27.81 42.04 9.67
C LEU D 477 28.85 43.18 9.79
N VAL D 478 28.43 44.39 9.51
CA VAL D 478 29.27 45.58 9.56
C VAL D 478 28.89 46.31 10.84
N GLU D 479 29.22 45.71 11.97
CA GLU D 479 28.84 46.30 13.26
C GLU D 479 29.91 46.07 14.30
N LYS D 480 30.12 47.08 15.13
CA LYS D 480 31.11 47.02 16.19
C LYS D 480 30.88 45.84 17.10
N PRO D 481 31.77 44.87 17.07
CA PRO D 481 31.55 43.74 17.97
C PRO D 481 31.73 44.17 19.40
N ARG D 482 31.16 43.42 20.31
CA ARG D 482 31.36 43.69 21.71
C ARG D 482 32.84 43.24 21.83
N PRO D 483 33.58 43.74 22.84
CA PRO D 483 34.98 43.44 23.12
C PRO D 483 35.69 42.41 22.24
N ASP D 484 35.95 41.21 22.75
CA ASP D 484 36.61 40.23 21.90
C ASP D 484 35.55 39.21 21.53
N ALA D 485 34.42 39.73 21.06
CA ALA D 485 33.28 38.92 20.69
C ALA D 485 33.10 38.77 19.21
N ILE D 486 32.18 37.87 18.86
CA ILE D 486 31.85 37.55 17.47
C ILE D 486 30.75 38.40 16.86
N PHE D 487 29.78 38.83 17.66
CA PHE D 487 28.69 39.72 17.14
C PHE D 487 28.55 40.96 18.03
N GLY D 488 27.70 41.89 17.61
CA GLY D 488 27.41 43.08 18.38
C GLY D 488 26.04 42.99 19.06
N GLU D 489 25.61 44.09 19.65
CA GLU D 489 24.32 44.17 20.32
C GLU D 489 23.15 43.69 19.46
N THR D 490 22.91 44.32 18.32
CA THR D 490 21.79 43.89 17.49
C THR D 490 21.68 42.39 17.26
N MET D 491 22.77 41.71 16.92
CA MET D 491 22.71 40.28 16.65
C MET D 491 22.33 39.50 17.91
N VAL D 492 22.89 39.88 19.04
CA VAL D 492 22.58 39.15 20.27
C VAL D 492 21.19 39.47 20.77
N GLU D 493 20.80 40.72 20.64
CA GLU D 493 19.50 41.17 21.13
C GLU D 493 18.25 40.77 20.32
N LEU D 494 18.39 40.56 19.00
CA LEU D 494 17.29 40.12 18.17
C LEU D 494 17.26 38.57 18.23
N GLY D 495 18.36 37.96 17.80
CA GLY D 495 18.46 36.52 17.78
C GLY D 495 18.23 35.84 19.11
N ALA D 496 18.57 36.48 20.22
CA ALA D 496 18.39 35.80 21.50
C ALA D 496 16.91 35.47 21.73
N PRO D 497 16.04 36.48 21.72
CA PRO D 497 14.60 36.28 21.93
C PRO D 497 14.03 35.20 21.05
N PHE D 498 14.44 35.22 19.80
CA PHE D 498 14.01 34.25 18.82
C PHE D 498 14.45 32.82 19.21
N SER D 499 15.76 32.64 19.40
CA SER D 499 16.40 31.34 19.69
C SER D 499 15.88 30.65 20.90
N LEU D 500 15.58 31.42 21.94
CA LEU D 500 15.08 30.88 23.18
C LEU D 500 13.62 30.45 23.12
N LYS D 501 12.79 31.18 22.39
CA LYS D 501 11.40 30.82 22.25
C LYS D 501 11.26 29.52 21.50
N GLY D 502 11.98 29.36 20.42
CA GLY D 502 11.89 28.14 19.64
C GLY D 502 12.42 26.92 20.36
N LEU D 503 13.34 27.14 21.30
CA LEU D 503 13.98 26.10 22.08
C LEU D 503 13.09 25.68 23.24
N MET D 504 12.62 26.68 23.97
CA MET D 504 11.75 26.47 25.13
C MET D 504 10.26 26.31 24.79
N GLY D 505 9.85 26.69 23.58
CA GLY D 505 8.46 26.54 23.21
C GLY D 505 8.38 25.29 22.37
N ASN D 506 8.89 24.20 22.91
CA ASN D 506 8.88 22.92 22.22
C ASN D 506 8.00 22.07 23.15
N PRO D 507 7.09 21.27 22.59
CA PRO D 507 6.25 20.47 23.48
C PRO D 507 6.96 19.57 24.50
N ILE D 508 8.17 19.08 24.21
CA ILE D 508 8.77 18.19 25.20
C ILE D 508 9.03 18.92 26.52
N CYS D 509 9.06 20.23 26.44
CA CYS D 509 9.31 21.08 27.59
C CYS D 509 8.12 21.41 28.42
N SER D 510 6.94 21.09 27.88
CA SER D 510 5.68 21.35 28.56
C SER D 510 5.46 20.36 29.74
N PRO D 511 4.86 20.84 30.83
CA PRO D 511 4.59 20.03 32.00
C PRO D 511 4.08 18.63 31.73
N GLN D 512 3.28 18.44 30.70
CA GLN D 512 2.73 17.12 30.43
C GLN D 512 3.72 16.18 29.79
N TYR D 513 4.69 16.76 29.09
CA TYR D 513 5.71 16.02 28.39
C TYR D 513 6.92 15.80 29.26
N TRP D 514 7.35 16.85 29.95
CA TRP D 514 8.54 16.77 30.79
C TRP D 514 8.37 15.82 31.97
N LYS D 515 8.47 14.53 31.66
CA LYS D 515 8.41 13.50 32.68
C LYS D 515 9.06 12.23 32.13
N PRO D 516 9.77 11.52 33.00
CA PRO D 516 10.47 10.30 32.65
C PRO D 516 9.82 9.38 31.63
N SER D 517 8.62 8.89 31.94
CA SER D 517 7.95 7.95 31.05
C SER D 517 7.87 8.43 29.61
N THR D 518 7.82 9.75 29.42
CA THR D 518 7.74 10.29 28.07
C THR D 518 8.91 9.78 27.26
N PHE D 519 10.03 9.57 27.94
CA PHE D 519 11.28 9.16 27.29
C PHE D 519 11.69 7.72 27.42
N GLY D 520 10.81 6.91 28.00
CA GLY D 520 11.13 5.50 28.15
C GLY D 520 11.62 5.20 29.55
N GLY D 521 11.49 6.15 30.45
CA GLY D 521 11.92 5.88 31.81
C GLY D 521 12.86 6.89 32.39
N GLU D 522 13.40 6.58 33.57
CA GLU D 522 14.33 7.49 34.20
C GLU D 522 15.70 7.41 33.49
N VAL D 523 15.92 6.32 32.75
CA VAL D 523 17.18 6.11 32.02
C VAL D 523 17.32 6.99 30.78
N GLY D 524 16.25 7.09 29.99
CA GLY D 524 16.26 7.90 28.78
C GLY D 524 16.20 9.36 29.14
N PHE D 525 15.74 9.65 30.34
CA PHE D 525 15.63 11.01 30.79
C PHE D 525 17.01 11.51 31.15
N LYS D 526 17.89 10.59 31.52
CA LYS D 526 19.26 10.96 31.85
C LYS D 526 19.98 11.36 30.59
N ILE D 527 19.85 10.51 29.57
CA ILE D 527 20.45 10.76 28.27
C ILE D 527 20.21 12.24 27.95
N ILE D 528 18.97 12.71 28.09
CA ILE D 528 18.70 14.12 27.83
C ILE D 528 19.40 15.02 28.84
N ASN D 529 19.22 14.75 30.13
CA ASN D 529 19.79 15.63 31.14
C ASN D 529 21.29 15.63 31.35
N THR D 530 22.02 14.72 30.71
CA THR D 530 23.47 14.65 30.79
C THR D 530 24.16 14.84 29.44
N ALA D 531 23.42 15.33 28.47
CA ALA D 531 23.90 15.56 27.11
C ALA D 531 24.82 16.77 26.96
N SER D 532 25.88 16.60 26.17
CA SER D 532 26.87 17.65 25.93
C SER D 532 27.35 17.33 24.55
N ILE D 533 28.09 18.25 23.94
CA ILE D 533 28.56 17.98 22.59
C ILE D 533 29.68 16.97 22.70
N GLN D 534 30.38 17.03 23.82
CA GLN D 534 31.51 16.13 24.04
C GLN D 534 31.01 14.70 24.16
N SER D 535 29.90 14.55 24.85
CA SER D 535 29.28 13.23 25.01
C SER D 535 28.75 12.74 23.67
N LEU D 536 28.12 13.64 22.90
CA LEU D 536 27.57 13.28 21.61
C LEU D 536 28.68 12.71 20.77
N ILE D 537 29.83 13.37 20.73
CA ILE D 537 30.96 12.90 19.94
C ILE D 537 31.64 11.66 20.53
N CYS D 538 31.88 11.68 21.85
CA CYS D 538 32.52 10.55 22.51
C CYS D 538 31.84 9.24 22.24
N ASN D 539 30.50 9.27 22.30
CA ASN D 539 29.67 8.08 22.12
C ASN D 539 29.54 7.57 20.75
N ASN D 540 29.71 8.43 19.76
CA ASN D 540 29.52 8.00 18.39
C ASN D 540 30.71 8.11 17.49
N VAL D 541 31.78 8.73 17.97
CA VAL D 541 32.97 8.87 17.14
C VAL D 541 34.08 7.92 17.63
N LYS D 542 34.67 7.22 16.67
CA LYS D 542 35.70 6.20 16.88
C LYS D 542 36.63 6.23 18.09
N GLY D 543 37.27 7.35 18.39
CA GLY D 543 38.14 7.31 19.56
C GLY D 543 37.87 8.28 20.69
N CYS D 544 36.64 8.79 20.76
CA CYS D 544 36.26 9.80 21.75
C CYS D 544 37.05 11.07 21.56
N PRO D 545 37.13 11.54 20.32
CA PRO D 545 37.87 12.76 20.06
C PRO D 545 37.37 13.84 21.01
N PHE D 546 38.28 14.59 21.61
CA PHE D 546 37.88 15.67 22.50
C PHE D 546 37.26 16.67 21.58
N THR D 547 36.25 17.40 22.01
CA THR D 547 35.63 18.41 21.15
C THR D 547 35.22 19.63 21.90
N SER D 548 34.77 20.63 21.17
CA SER D 548 34.32 21.87 21.76
C SER D 548 33.94 22.76 20.60
N PHE D 549 33.22 23.84 20.93
CA PHE D 549 32.77 24.81 19.94
C PHE D 549 33.78 25.97 19.98
N ASN D 550 34.76 25.80 20.84
CA ASN D 550 35.83 26.78 21.04
C ASN D 550 37.21 26.20 20.68
N VAL D 551 37.97 26.97 19.93
CA VAL D 551 39.29 26.51 19.54
C VAL D 551 40.20 26.87 20.70
N GLN D 552 40.59 25.80 21.35
CA GLN D 552 41.49 25.80 22.51
C GLN D 552 41.68 27.15 23.21
#